data_6T18
#
_entry.id   6T18
#
_cell.length_a   100.876
_cell.length_b   135.654
_cell.length_c   239.424
_cell.angle_alpha   90.000
_cell.angle_beta   90.000
_cell.angle_gamma   90.000
#
_symmetry.space_group_name_H-M   'P 21 21 21'
#
loop_
_entity.id
_entity.type
_entity.pdbx_description
1 polymer Alternansucrase
2 branched alpha-D-glucopyranose-(1-6)-alpha-D-glucopyranose-(1-3)-alpha-D-glucopyranose-(1-6)-alpha-D-glucopyranose-(1-3)-alpha-D-glucopyranose-(1-6)-alpha-D-glucopyranose
3 branched alpha-D-glucopyranose-(1-3)-alpha-D-glucopyranose-(1-6)-alpha-D-glucopyranose
4 branched alpha-D-glucopyranose-(1-3)-alpha-D-glucopyranose-(1-6)-alpha-D-glucopyranose-(1-3)-alpha-D-glucopyranose
5 non-polymer 'CALCIUM ION'
#
_entity_poly.entity_id   1
_entity_poly.type   'polypeptide(L)'
_entity_poly.pdbx_seq_one_letter_code
;SNLSDPITGGHYENHNGYFVYIDASGKQVTGLQNIDGNLQYFDDNGYQVKGSFRDVNGKHIYFDSVTGKASSNVDIVNGK
AQGYDAQGNQLKKSYVADSSGQTYYFDGNGQPLIGLQTIDGNLQYFNQQGVQIKGGFQDVNNKRIYFAPNTGNAVANTEI
INGKLQGRDANGNQVKNAFSKDVAGNTFYFDANGVMLTGLQTISGKTYYLDEQGHLRKNYAGTFNNQFMYFDADTGAGKT
AIEYQFDQGLVSQSNENTPHNAAKSYDKSSFENVDGYLTADTWYRPTDILKNGDTWTASTETDMRPLLMTWWPDKQTQAN
YLNFMSSKGLGITTTYTAATSQKTLNDAAFVIQTAIEQQISLKKSTEWLRDAIDSFVKTQANWNKQTEDEAFDGLQWLQG
GFLAYQDDSHRTPNTDSGNNRKLGRQPINIDGSKDTTDGKGSEFLLANDIDNSNPIVQAEQLNWLHYLMNFGSITGNNDN
ANFDGIRVDAVDNVDADLLKIAGDYFKALYGTDKSDANANKHLSILEDWNGKDPQYVNQQGNAQLTMDYTVTSQFGNSLT
HGANNRSNMWYFLDTGYYLNGDLNKKIVDKNRPNSGTLVNRIANSGDTKVIPNYSFVRAHDYDAQDPIRKAMIDHGIIKN
MQDTFTFDQLAQGMEFYYKDQENPSGFKKYNDYNLPSAYAMLLTNKDTVPRVYYGDMYLEGGQYMEKGTIYNPVISALLK
ARIKYVSGGQTMATDSSGKDLKDGETDLLTSVRFGKGIMTSDQTTTQDNSQDYKNQGIGVIVGNNPDLKLNNDKTITLHM
GKAHKNQLYRALVLSNDSGIDVYDSDDKAPTLRTNDNGDLIFHKTNTFVKQDGTIINYEMKGSLNALISGYLGVWVPVGA
SDSQDARTVATESSSSNDGSVFHSNAALDSNVIYEGFSNFQAMPTSPEQSTNVVIATKANLFKELGITSFELAPQYRSSG
DTNYGGMSFLDSFLNNGYAFTDRYDLGFNKADGNPNPTKYGTDQDLRNAIEALHKNGMQAIADWVPDQIYALPGKEVVTA
TRVDERGNQLKDTDFVNLLYVANTKSSGVDYQAKYGGEFLDKLREEYPSLFKQNQVSTGQPIDASTKIKQWSAKYMNGTN
ILHRGAYYVLKDWATNQYFNIAKTNEVFLPLQLQNKDAQTGFISDASGVKYYSISGYQAKDTFIEDGNGNWYYFDKDGYM
VRSQQGENPIRTVETSVNTRNGNYYFMPNGVELRKGFGTDNSGNVYYFDDQGKMVRDKYINDDANNFYHLNVDGTMSR
;
_entity_poly.pdbx_strand_id   A,B
#
loop_
_chem_comp.id
_chem_comp.type
_chem_comp.name
_chem_comp.formula
CA non-polymer 'CALCIUM ION' 'Ca 2'
GLC D-saccharide, alpha linking alpha-D-glucopyranose 'C6 H12 O6'
#
# COMPACT_ATOMS: atom_id res chain seq x y z
N GLU A 13 30.99 -16.61 -13.85
CA GLU A 13 31.42 -17.99 -13.48
C GLU A 13 31.20 -18.25 -12.01
N ASN A 14 30.88 -19.51 -11.69
CA ASN A 14 30.65 -19.93 -10.34
C ASN A 14 31.75 -20.83 -9.81
N HIS A 15 32.44 -20.42 -8.74
CA HIS A 15 33.47 -21.26 -8.10
C HIS A 15 33.19 -21.45 -6.59
N ASN A 16 33.16 -22.70 -6.14
CA ASN A 16 32.92 -23.05 -4.73
C ASN A 16 31.66 -22.43 -4.14
N GLY A 17 30.61 -22.38 -4.95
CA GLY A 17 29.35 -21.81 -4.53
C GLY A 17 29.26 -20.30 -4.69
N TYR A 18 30.19 -19.68 -5.39
CA TYR A 18 30.17 -18.22 -5.47
C TYR A 18 30.29 -17.74 -6.89
N PHE A 19 29.63 -16.61 -7.17
CA PHE A 19 29.79 -15.90 -8.45
C PHE A 19 31.06 -15.04 -8.51
N VAL A 20 31.88 -15.35 -9.53
CA VAL A 20 33.03 -14.54 -9.90
C VAL A 20 32.67 -13.92 -11.26
N TYR A 21 33.30 -12.79 -11.57
CA TYR A 21 33.20 -12.17 -12.89
C TYR A 21 34.58 -12.03 -13.53
N ILE A 22 34.77 -12.70 -14.69
CA ILE A 22 36.03 -12.63 -15.46
C ILE A 22 35.82 -11.76 -16.72
N ASP A 23 36.65 -10.71 -16.79
CA ASP A 23 36.56 -9.60 -17.75
C ASP A 23 36.68 -10.07 -19.23
N ALA A 24 36.42 -9.16 -20.17
CA ALA A 24 36.82 -9.33 -21.58
C ALA A 24 38.36 -9.51 -21.72
N SER A 25 39.11 -8.75 -20.92
CA SER A 25 40.57 -8.91 -20.74
C SER A 25 41.02 -10.36 -20.37
N GLY A 26 40.17 -11.07 -19.63
CA GLY A 26 40.52 -12.37 -19.02
C GLY A 26 41.06 -12.22 -17.60
N LYS A 27 40.73 -11.10 -16.95
CA LYS A 27 41.18 -10.82 -15.58
C LYS A 27 40.01 -10.95 -14.61
N GLN A 28 40.28 -11.60 -13.47
CA GLN A 28 39.33 -11.73 -12.34
C GLN A 28 39.09 -10.36 -11.69
N VAL A 29 37.84 -10.10 -11.32
CA VAL A 29 37.42 -8.78 -10.87
C VAL A 29 37.18 -8.72 -9.36
N THR A 30 37.83 -7.76 -8.71
CA THR A 30 37.57 -7.42 -7.31
C THR A 30 36.94 -6.03 -7.23
N GLY A 31 36.46 -5.67 -6.03
CA GLY A 31 35.98 -4.31 -5.75
C GLY A 31 34.61 -3.96 -6.32
N LEU A 32 34.20 -2.72 -6.08
CA LEU A 32 32.92 -2.20 -6.56
C LEU A 32 32.99 -2.06 -8.07
N GLN A 33 31.95 -2.54 -8.76
CA GLN A 33 31.93 -2.54 -10.23
C GLN A 33 30.53 -2.32 -10.77
N ASN A 34 30.35 -1.32 -11.63
CA ASN A 34 29.13 -1.24 -12.44
C ASN A 34 29.30 -2.10 -13.71
N ILE A 35 28.71 -3.31 -13.70
CA ILE A 35 28.75 -4.23 -14.86
C ILE A 35 27.37 -4.20 -15.55
N ASP A 36 27.34 -3.76 -16.81
CA ASP A 36 26.10 -3.69 -17.62
C ASP A 36 24.94 -2.94 -16.91
N GLY A 37 25.24 -1.81 -16.27
CA GLY A 37 24.20 -0.98 -15.65
C GLY A 37 23.82 -1.32 -14.22
N ASN A 38 24.44 -2.37 -13.65
CA ASN A 38 24.18 -2.84 -12.27
C ASN A 38 25.39 -2.69 -11.34
N LEU A 39 25.18 -2.08 -10.18
CA LEU A 39 26.26 -1.84 -9.21
C LEU A 39 26.44 -3.04 -8.25
N GLN A 40 27.63 -3.65 -8.30
CA GLN A 40 27.95 -4.88 -7.55
C GLN A 40 29.30 -4.78 -6.86
N TYR A 41 29.61 -5.75 -6.02
CA TYR A 41 30.87 -5.78 -5.28
C TYR A 41 31.48 -7.20 -5.21
N PHE A 42 32.81 -7.30 -5.27
CA PHE A 42 33.55 -8.55 -5.03
C PHE A 42 34.67 -8.33 -4.00
N ASP A 43 34.79 -9.22 -3.01
CA ASP A 43 35.84 -9.11 -1.98
C ASP A 43 37.21 -9.41 -2.58
N ASP A 44 38.24 -9.57 -1.73
CA ASP A 44 39.64 -9.88 -2.16
C ASP A 44 39.85 -11.18 -2.98
N ASN A 45 39.12 -12.24 -2.65
CA ASN A 45 39.19 -13.49 -3.43
C ASN A 45 38.44 -13.44 -4.79
N GLY A 46 37.66 -12.38 -5.02
CA GLY A 46 36.96 -12.18 -6.29
C GLY A 46 35.52 -12.68 -6.26
N TYR A 47 35.06 -13.14 -5.10
CA TYR A 47 33.68 -13.63 -4.95
C TYR A 47 32.71 -12.44 -4.84
N GLN A 48 31.49 -12.63 -5.33
CA GLN A 48 30.48 -11.57 -5.30
C GLN A 48 29.68 -11.58 -3.99
N VAL A 49 29.32 -10.37 -3.53
CA VAL A 49 28.59 -10.18 -2.27
C VAL A 49 27.09 -9.91 -2.52
N LYS A 50 26.24 -10.64 -1.81
CA LYS A 50 24.78 -10.49 -1.85
C LYS A 50 24.17 -10.47 -0.43
N GLY A 51 23.15 -9.63 -0.25
CA GLY A 51 22.45 -9.49 1.04
C GLY A 51 23.29 -8.99 2.21
N SER A 52 24.33 -8.22 1.91
CA SER A 52 25.23 -7.73 2.93
C SER A 52 25.56 -6.28 2.64
N PHE A 53 26.05 -5.54 3.63
CA PHE A 53 26.52 -4.16 3.46
C PHE A 53 28.03 -4.14 3.21
N ARG A 54 28.52 -3.30 2.29
CA ARG A 54 29.97 -3.08 2.15
C ARG A 54 30.35 -1.60 2.25
N ASP A 55 31.56 -1.31 2.73
CA ASP A 55 32.11 0.04 2.83
C ASP A 55 33.13 0.34 1.72
N VAL A 56 32.75 1.17 0.74
CA VAL A 56 33.69 1.67 -0.27
C VAL A 56 33.68 3.21 -0.26
N ASN A 57 34.88 3.80 -0.24
CA ASN A 57 35.06 5.26 -0.08
C ASN A 57 34.33 5.74 1.19
N GLY A 58 33.45 6.73 1.07
CA GLY A 58 32.68 7.20 2.20
C GLY A 58 31.27 6.62 2.20
N LYS A 59 31.04 5.56 1.43
CA LYS A 59 29.68 5.02 1.26
C LYS A 59 29.43 3.69 1.95
N HIS A 60 28.26 3.57 2.58
CA HIS A 60 27.78 2.33 3.22
C HIS A 60 26.67 1.77 2.33
N ILE A 61 27.04 0.83 1.46
CA ILE A 61 26.15 0.36 0.39
C ILE A 61 25.67 -1.07 0.64
N TYR A 62 24.35 -1.25 0.71
CA TYR A 62 23.76 -2.59 0.76
C TYR A 62 23.62 -3.14 -0.66
N PHE A 63 23.77 -4.45 -0.80
CA PHE A 63 23.55 -5.14 -2.06
C PHE A 63 22.46 -6.21 -1.85
N ASP A 64 21.59 -6.39 -2.84
CA ASP A 64 20.43 -7.29 -2.73
C ASP A 64 20.82 -8.77 -2.52
N SER A 65 19.91 -9.53 -1.93
CA SER A 65 20.13 -10.95 -1.57
C SER A 65 20.02 -11.93 -2.75
N VAL A 66 19.18 -11.58 -3.73
CA VAL A 66 18.98 -12.39 -4.95
C VAL A 66 20.07 -12.06 -5.98
N THR A 67 20.10 -10.78 -6.36
CA THR A 67 20.86 -10.29 -7.50
C THR A 67 22.29 -9.81 -7.15
N GLY A 68 22.48 -9.36 -5.90
CA GLY A 68 23.71 -8.67 -5.49
C GLY A 68 23.80 -7.25 -6.02
N LYS A 69 22.64 -6.65 -6.30
CA LYS A 69 22.53 -5.31 -6.89
C LYS A 69 22.33 -4.25 -5.80
N ALA A 70 23.06 -3.15 -5.90
CA ALA A 70 22.99 -2.09 -4.89
C ALA A 70 21.57 -1.46 -4.77
N SER A 71 20.96 -1.55 -3.58
CA SER A 71 19.70 -0.83 -3.25
C SER A 71 19.54 -0.48 -1.72
N SER A 72 18.52 0.31 -1.40
CA SER A 72 18.33 0.88 -0.06
C SER A 72 18.12 -0.14 1.04
N ASN A 73 18.67 0.13 2.22
CA ASN A 73 18.38 -0.68 3.42
C ASN A 73 18.68 0.06 4.73
N VAL A 74 18.33 -0.59 5.84
CA VAL A 74 18.62 -0.10 7.18
C VAL A 74 19.63 -1.03 7.85
N ASP A 75 20.66 -0.46 8.45
CA ASP A 75 21.69 -1.21 9.16
C ASP A 75 21.62 -0.75 10.61
N ILE A 76 21.74 -1.68 11.55
CA ILE A 76 22.05 -1.30 12.93
C ILE A 76 23.54 -0.95 12.91
N VAL A 77 23.83 0.34 13.03
CA VAL A 77 25.19 0.82 13.05
C VAL A 77 25.43 1.09 14.50
N ASN A 78 26.46 0.45 15.04
CA ASN A 78 26.76 0.46 16.46
C ASN A 78 25.47 0.10 17.19
N GLY A 79 24.94 0.94 18.05
CA GLY A 79 23.72 0.58 18.76
C GLY A 79 22.43 1.07 18.13
N LYS A 80 22.49 1.74 16.98
CA LYS A 80 21.30 2.43 16.50
C LYS A 80 21.03 2.23 15.03
N ALA A 81 19.77 2.37 14.66
CA ALA A 81 19.37 2.19 13.28
C ALA A 81 19.70 3.43 12.44
N GLN A 82 20.17 3.20 11.21
CA GLN A 82 20.49 4.28 10.28
C GLN A 82 20.13 3.85 8.86
N GLY A 83 19.38 4.69 8.14
CA GLY A 83 18.90 4.37 6.79
C GLY A 83 19.94 4.69 5.74
N TYR A 84 19.90 3.99 4.60
CA TYR A 84 20.86 4.21 3.52
C TYR A 84 20.20 4.05 2.17
N ASP A 85 20.71 4.78 1.19
CA ASP A 85 20.16 4.70 -0.17
C ASP A 85 20.95 3.73 -1.04
N ALA A 86 20.60 3.67 -2.33
CA ALA A 86 21.31 2.82 -3.30
C ALA A 86 22.80 3.16 -3.44
N GLN A 87 23.15 4.45 -3.33
CA GLN A 87 24.54 4.90 -3.47
C GLN A 87 25.32 4.88 -2.17
N GLY A 88 24.66 4.55 -1.06
CA GLY A 88 25.32 4.34 0.22
C GLY A 88 25.40 5.58 1.10
N ASN A 89 24.51 6.54 0.84
CA ASN A 89 24.42 7.77 1.63
C ASN A 89 23.41 7.64 2.75
N GLN A 90 23.80 8.11 3.94
CA GLN A 90 22.87 8.14 5.06
C GLN A 90 21.69 9.02 4.67
N LEU A 91 20.48 8.49 4.84
CA LEU A 91 19.27 9.23 4.49
C LEU A 91 18.75 10.03 5.67
N LYS A 92 18.38 11.28 5.39
CA LYS A 92 17.73 12.18 6.33
C LYS A 92 16.36 12.54 5.77
N LYS A 93 15.40 12.80 6.67
CA LYS A 93 14.04 13.21 6.29
C LYS A 93 13.42 12.29 5.24
N SER A 94 13.48 10.99 5.51
CA SER A 94 12.99 10.00 4.57
C SER A 94 12.52 8.71 5.24
N TYR A 95 11.92 7.88 4.40
CA TYR A 95 11.39 6.56 4.78
C TYR A 95 12.25 5.49 4.13
N VAL A 96 12.65 4.48 4.89
CA VAL A 96 13.31 3.32 4.28
C VAL A 96 12.69 2.00 4.75
N ALA A 97 12.50 1.09 3.79
CA ALA A 97 12.07 -0.27 4.07
C ALA A 97 13.32 -1.13 4.07
N ASP A 98 13.41 -2.02 5.06
CA ASP A 98 14.59 -2.90 5.22
C ASP A 98 14.42 -4.24 4.49
N SER A 99 15.37 -5.15 4.69
CA SER A 99 15.35 -6.46 4.03
C SER A 99 14.05 -7.25 4.27
N SER A 100 13.55 -7.23 5.51
CA SER A 100 12.34 -7.98 5.90
C SER A 100 11.01 -7.29 5.56
N GLY A 101 11.05 -6.22 4.76
CA GLY A 101 9.84 -5.46 4.43
C GLY A 101 9.27 -4.58 5.53
N GLN A 102 10.09 -4.25 6.55
CA GLN A 102 9.68 -3.32 7.61
C GLN A 102 10.14 -1.90 7.33
N THR A 103 9.42 -0.91 7.88
CA THR A 103 9.63 0.50 7.51
C THR A 103 9.98 1.40 8.70
N TYR A 104 11.02 2.23 8.51
CA TYR A 104 11.45 3.24 9.50
C TYR A 104 11.33 4.62 8.86
N TYR A 105 11.21 5.66 9.69
CA TYR A 105 11.41 7.02 9.19
C TYR A 105 12.51 7.73 9.96
N PHE A 106 13.53 8.15 9.21
CA PHE A 106 14.67 8.86 9.77
C PHE A 106 14.51 10.36 9.56
N ASP A 107 14.77 11.11 10.62
CA ASP A 107 14.50 12.56 10.65
C ASP A 107 15.66 13.38 10.05
N GLY A 108 15.72 14.67 10.40
CA GLY A 108 16.80 15.56 9.96
C GLY A 108 18.21 15.12 10.33
N ASN A 109 18.37 14.46 11.48
CA ASN A 109 19.68 13.97 11.94
C ASN A 109 20.05 12.54 11.52
N GLY A 110 19.11 11.84 10.86
CA GLY A 110 19.30 10.44 10.47
C GLY A 110 18.84 9.46 11.53
N GLN A 111 18.30 9.98 12.63
CA GLN A 111 17.82 9.16 13.73
C GLN A 111 16.36 8.79 13.55
N PRO A 112 16.01 7.51 13.79
CA PRO A 112 14.65 7.06 13.51
C PRO A 112 13.65 7.60 14.53
N LEU A 113 12.46 7.94 14.05
CA LEU A 113 11.39 8.45 14.92
C LEU A 113 10.69 7.29 15.61
N ILE A 114 10.26 7.54 16.85
CA ILE A 114 9.60 6.53 17.67
C ILE A 114 8.32 7.13 18.25
N GLY A 115 7.28 6.31 18.39
CA GLY A 115 6.00 6.77 18.92
C GLY A 115 5.16 7.46 17.87
N LEU A 116 4.13 8.18 18.32
CA LEU A 116 3.18 8.81 17.40
C LEU A 116 3.83 9.99 16.69
N GLN A 117 3.58 10.12 15.38
CA GLN A 117 4.23 11.14 14.55
C GLN A 117 3.30 11.58 13.42
N THR A 118 3.40 12.85 13.04
CA THR A 118 2.65 13.35 11.92
C THR A 118 3.64 13.60 10.81
N ILE A 119 3.58 12.82 9.76
CA ILE A 119 4.55 12.96 8.68
C ILE A 119 3.85 13.27 7.40
N ASP A 120 4.26 14.36 6.75
CA ASP A 120 3.68 14.82 5.49
C ASP A 120 2.14 14.89 5.54
N GLY A 121 1.62 15.39 6.67
CA GLY A 121 0.19 15.49 6.96
C GLY A 121 -0.51 14.20 7.34
N ASN A 122 0.27 13.14 7.59
CA ASN A 122 -0.28 11.84 7.92
C ASN A 122 0.15 11.35 9.29
N LEU A 123 -0.82 10.89 10.07
CA LEU A 123 -0.55 10.36 11.40
C LEU A 123 -0.04 8.91 11.32
N GLN A 124 1.09 8.62 11.98
CA GLN A 124 1.66 7.26 11.98
C GLN A 124 2.25 6.89 13.34
N TYR A 125 2.36 5.59 13.61
CA TYR A 125 2.95 5.09 14.88
C TYR A 125 4.23 4.29 14.67
N PHE A 126 5.16 4.40 15.61
CA PHE A 126 6.40 3.63 15.55
C PHE A 126 6.69 2.93 16.89
N ASN A 127 7.04 1.64 16.83
CA ASN A 127 7.35 0.90 18.06
C ASN A 127 8.67 1.34 18.69
N GLN A 128 8.99 0.82 19.87
CA GLN A 128 10.19 1.24 20.60
C GLN A 128 11.51 1.02 19.87
N GLN A 129 11.52 0.18 18.84
CA GLN A 129 12.71 -0.03 18.01
C GLN A 129 12.71 0.83 16.74
N GLY A 130 11.69 1.67 16.58
CA GLY A 130 11.58 2.59 15.42
C GLY A 130 10.87 2.05 14.19
N VAL A 131 10.26 0.87 14.32
CA VAL A 131 9.62 0.20 13.19
C VAL A 131 8.20 0.72 13.06
N GLN A 132 7.71 0.81 11.82
CA GLN A 132 6.38 1.35 11.54
C GLN A 132 5.29 0.29 11.69
N ILE A 133 4.28 0.60 12.50
CA ILE A 133 3.09 -0.25 12.61
C ILE A 133 2.19 -0.05 11.39
N LYS A 134 1.85 -1.17 10.75
CA LYS A 134 1.03 -1.24 9.52
C LYS A 134 0.00 -2.36 9.69
N GLY A 135 -1.26 -2.08 9.40
CA GLY A 135 -2.29 -3.11 9.45
C GLY A 135 -2.56 -3.63 10.86
N GLY A 136 -2.83 -2.73 11.79
CA GLY A 136 -3.27 -3.14 13.12
C GLY A 136 -3.66 -2.00 14.02
N PHE A 137 -4.35 -2.33 15.11
CA PHE A 137 -4.66 -1.36 16.17
C PHE A 137 -3.46 -1.12 17.08
N GLN A 138 -3.54 -0.08 17.91
CA GLN A 138 -2.40 0.37 18.68
C GLN A 138 -2.86 1.34 19.76
N ASP A 139 -2.59 1.02 21.03
CA ASP A 139 -3.02 1.87 22.15
C ASP A 139 -1.98 2.93 22.46
N VAL A 140 -2.02 4.03 21.72
CA VAL A 140 -1.19 5.19 21.97
C VAL A 140 -2.10 6.14 22.70
N ASN A 141 -1.73 6.51 23.93
CA ASN A 141 -2.55 7.29 24.87
C ASN A 141 -3.76 6.49 25.35
N ASN A 142 -4.78 7.18 25.83
CA ASN A 142 -6.02 6.54 26.20
C ASN A 142 -6.70 5.91 24.98
N LYS A 143 -6.60 6.58 23.84
CA LYS A 143 -7.25 6.18 22.59
C LYS A 143 -6.62 4.97 21.91
N ARG A 144 -7.39 4.34 21.01
CA ARG A 144 -6.94 3.19 20.21
C ARG A 144 -7.05 3.58 18.73
N ILE A 145 -5.98 3.42 17.96
CA ILE A 145 -5.98 3.85 16.56
C ILE A 145 -5.58 2.72 15.62
N TYR A 146 -6.31 2.54 14.53
CA TYR A 146 -5.94 1.58 13.50
C TYR A 146 -5.05 2.27 12.47
N PHE A 147 -4.02 1.56 12.02
CA PHE A 147 -3.09 2.09 11.01
C PHE A 147 -3.13 1.19 9.78
N ALA A 148 -3.16 1.81 8.60
CA ALA A 148 -3.44 1.12 7.34
C ALA A 148 -2.35 0.12 6.93
N PRO A 149 -2.72 -0.95 6.21
CA PRO A 149 -1.81 -2.00 5.75
C PRO A 149 -0.54 -1.56 5.00
N ASN A 150 -0.66 -0.64 4.05
CA ASN A 150 0.51 -0.25 3.25
C ASN A 150 1.03 1.16 3.52
N THR A 151 0.12 2.12 3.68
CA THR A 151 0.52 3.48 3.99
C THR A 151 0.92 3.58 5.46
N GLY A 152 0.19 2.88 6.31
CA GLY A 152 0.39 2.96 7.75
C GLY A 152 -0.27 4.20 8.34
N ASN A 153 -1.14 4.85 7.56
CA ASN A 153 -1.82 6.07 7.97
C ASN A 153 -3.02 5.76 8.86
N ALA A 154 -3.29 6.64 9.81
CA ALA A 154 -4.40 6.45 10.74
C ALA A 154 -5.71 6.53 9.97
N VAL A 155 -6.60 5.57 10.22
CA VAL A 155 -7.89 5.50 9.53
C VAL A 155 -8.94 4.91 10.46
N ALA A 156 -10.19 5.21 10.14
CA ALA A 156 -11.31 4.64 10.86
C ALA A 156 -11.35 3.13 10.60
N ASN A 157 -11.69 2.38 11.64
CA ASN A 157 -11.84 0.95 11.51
C ASN A 157 -12.80 0.42 12.56
N THR A 158 -13.28 -0.79 12.31
CA THR A 158 -14.17 -1.47 13.23
C THR A 158 -13.53 -2.76 13.68
N GLU A 159 -13.74 -3.07 14.95
CA GLU A 159 -13.28 -4.32 15.53
C GLU A 159 -14.43 -4.91 16.34
N ILE A 160 -14.35 -6.19 16.64
CA ILE A 160 -15.40 -6.85 17.41
C ILE A 160 -15.01 -6.94 18.92
N ILE A 161 -15.70 -6.15 19.74
CA ILE A 161 -15.48 -6.14 21.19
C ILE A 161 -16.63 -6.93 21.84
N ASN A 162 -16.29 -7.84 22.75
CA ASN A 162 -17.23 -8.87 23.18
C ASN A 162 -17.76 -9.58 21.93
N GLY A 163 -19.08 -9.62 21.75
CA GLY A 163 -19.67 -10.18 20.54
C GLY A 163 -20.26 -9.15 19.57
N LYS A 164 -20.02 -7.87 19.84
CA LYS A 164 -20.63 -6.78 19.09
C LYS A 164 -19.60 -5.93 18.33
N LEU A 165 -19.87 -5.63 17.06
CA LEU A 165 -18.97 -4.79 16.29
C LEU A 165 -18.94 -3.39 16.93
N GLN A 166 -17.75 -2.79 16.94
CA GLN A 166 -17.56 -1.43 17.43
C GLN A 166 -16.83 -0.65 16.37
N GLY A 167 -16.97 0.66 16.44
CA GLY A 167 -16.35 1.56 15.47
C GLY A 167 -15.31 2.44 16.14
N ARG A 168 -14.20 2.62 15.44
CA ARG A 168 -13.10 3.43 15.89
C ARG A 168 -12.77 4.43 14.81
N ASP A 169 -12.67 5.72 15.15
CA ASP A 169 -12.35 6.74 14.16
C ASP A 169 -10.83 6.90 13.93
N ALA A 170 -10.43 7.90 13.14
CA ALA A 170 -9.00 8.10 12.82
C ALA A 170 -8.18 8.65 13.99
N ASN A 171 -8.84 9.34 14.91
CA ASN A 171 -8.19 9.87 16.14
C ASN A 171 -8.11 8.86 17.30
N GLY A 172 -8.66 7.66 17.10
CA GLY A 172 -8.60 6.60 18.10
C GLY A 172 -9.74 6.61 19.11
N ASN A 173 -10.65 7.57 18.96
CA ASN A 173 -11.88 7.62 19.75
C ASN A 173 -12.99 6.72 19.20
N GLN A 174 -13.72 6.08 20.10
CA GLN A 174 -14.88 5.29 19.74
C GLN A 174 -15.97 6.19 19.16
N VAL A 175 -16.76 5.65 18.22
CA VAL A 175 -17.80 6.43 17.53
C VAL A 175 -19.19 6.17 18.13
N LYS A 176 -19.87 7.28 18.45
CA LYS A 176 -21.22 7.26 19.03
C LYS A 176 -22.11 8.24 18.24
N ASN A 177 -23.33 7.80 17.90
CA ASN A 177 -24.27 8.59 17.10
C ASN A 177 -23.66 9.10 15.81
N ALA A 178 -23.21 8.19 14.96
CA ALA A 178 -22.57 8.56 13.71
C ALA A 178 -22.25 7.37 12.81
N PHE A 179 -21.98 7.70 11.56
CA PHE A 179 -21.51 6.75 10.58
C PHE A 179 -20.00 6.63 10.72
N SER A 180 -19.47 5.42 10.56
CA SER A 180 -18.03 5.20 10.49
C SER A 180 -17.69 4.04 9.56
N LYS A 181 -16.57 4.15 8.84
CA LYS A 181 -16.14 3.10 7.94
C LYS A 181 -15.27 2.04 8.59
N ASP A 182 -15.01 0.97 7.82
CA ASP A 182 -13.92 0.04 8.08
C ASP A 182 -12.96 0.01 6.88
N VAL A 183 -11.78 -0.58 7.08
CA VAL A 183 -10.74 -0.59 6.05
C VAL A 183 -11.23 -1.15 4.72
N ALA A 184 -12.08 -2.16 4.74
CA ALA A 184 -12.59 -2.77 3.51
C ALA A 184 -13.35 -1.77 2.63
N GLY A 185 -14.06 -0.85 3.29
CA GLY A 185 -14.86 0.18 2.60
C GLY A 185 -16.33 0.24 2.98
N ASN A 186 -16.77 -0.63 3.90
CA ASN A 186 -18.16 -0.67 4.35
C ASN A 186 -18.45 0.41 5.35
N THR A 187 -19.62 1.03 5.23
CA THR A 187 -20.03 2.04 6.19
C THR A 187 -21.06 1.43 7.12
N PHE A 188 -20.97 1.81 8.40
CA PHE A 188 -21.91 1.34 9.43
C PHE A 188 -22.45 2.58 10.11
N TYR A 189 -23.49 2.41 10.92
CA TYR A 189 -23.93 3.49 11.78
C TYR A 189 -23.95 2.98 13.20
N PHE A 190 -23.46 3.79 14.14
CA PHE A 190 -23.39 3.40 15.55
C PHE A 190 -24.18 4.38 16.40
N ASP A 191 -25.07 3.85 17.23
CA ASP A 191 -26.01 4.69 18.01
C ASP A 191 -25.35 5.28 19.26
N ALA A 192 -26.15 5.94 20.10
CA ALA A 192 -25.65 6.56 21.34
C ALA A 192 -24.91 5.57 22.26
N ASN A 193 -25.35 4.32 22.28
CA ASN A 193 -24.67 3.29 23.05
C ASN A 193 -23.45 2.64 22.38
N GLY A 194 -23.05 3.14 21.21
CA GLY A 194 -21.90 2.60 20.47
C GLY A 194 -22.19 1.38 19.59
N VAL A 195 -23.42 0.87 19.68
CA VAL A 195 -23.81 -0.39 19.03
C VAL A 195 -24.25 -0.14 17.59
N MET A 196 -23.76 -0.99 16.69
CA MET A 196 -24.09 -0.87 15.26
C MET A 196 -25.57 -1.12 15.03
N LEU A 197 -26.16 -0.33 14.14
CA LEU A 197 -27.55 -0.49 13.75
C LEU A 197 -27.73 -1.38 12.51
N THR A 198 -28.95 -1.90 12.38
CA THR A 198 -29.35 -2.79 11.28
C THR A 198 -30.70 -2.34 10.68
N GLY A 199 -30.96 -2.78 9.45
CA GLY A 199 -32.24 -2.52 8.81
C GLY A 199 -32.52 -1.08 8.40
N LEU A 200 -33.79 -0.77 8.20
CA LEU A 200 -34.20 0.54 7.70
C LEU A 200 -34.18 1.55 8.85
N GLN A 201 -33.43 2.64 8.72
CA GLN A 201 -33.28 3.64 9.81
C GLN A 201 -33.39 5.08 9.34
N THR A 202 -34.13 5.87 10.10
CA THR A 202 -34.30 7.28 9.82
C THR A 202 -33.44 8.06 10.79
N ILE A 203 -32.44 8.76 10.31
CA ILE A 203 -31.65 9.62 11.18
C ILE A 203 -31.47 10.99 10.55
N SER A 204 -31.55 12.04 11.38
CA SER A 204 -31.53 13.44 10.92
C SER A 204 -32.49 13.68 9.75
N GLY A 205 -33.71 13.16 9.90
CA GLY A 205 -34.78 13.33 8.92
C GLY A 205 -34.55 12.71 7.55
N LYS A 206 -33.53 11.86 7.44
CA LYS A 206 -33.25 11.14 6.20
C LYS A 206 -33.22 9.63 6.49
N THR A 207 -33.57 8.85 5.48
CA THR A 207 -33.75 7.41 5.64
C THR A 207 -32.71 6.62 4.87
N TYR A 208 -32.06 5.70 5.60
CA TYR A 208 -30.96 4.90 5.08
C TYR A 208 -31.33 3.44 5.22
N TYR A 209 -30.80 2.58 4.36
CA TYR A 209 -31.04 1.16 4.48
C TYR A 209 -29.76 0.44 4.79
N LEU A 210 -29.72 -0.23 5.94
CA LEU A 210 -28.59 -1.04 6.36
C LEU A 210 -28.95 -2.52 6.26
N ASP A 211 -28.13 -3.30 5.59
CA ASP A 211 -28.45 -4.69 5.38
C ASP A 211 -28.27 -5.43 6.70
N GLU A 212 -28.51 -6.74 6.69
CA GLU A 212 -28.46 -7.52 7.93
C GLU A 212 -27.10 -7.50 8.62
N GLN A 213 -26.04 -7.46 7.81
CA GLN A 213 -24.69 -7.31 8.32
C GLN A 213 -24.49 -5.93 8.98
N GLY A 214 -25.22 -4.91 8.53
CA GLY A 214 -25.06 -3.51 8.98
C GLY A 214 -24.40 -2.58 7.97
N HIS A 215 -24.17 -3.08 6.75
CA HIS A 215 -23.59 -2.28 5.68
C HIS A 215 -24.62 -1.30 5.14
N LEU A 216 -24.22 -0.03 5.04
CA LEU A 216 -25.02 0.99 4.38
C LEU A 216 -25.05 0.70 2.89
N ARG A 217 -26.24 0.64 2.30
CA ARG A 217 -26.41 0.30 0.89
C ARG A 217 -26.65 1.55 0.08
N LYS A 218 -25.82 1.77 -0.94
CA LYS A 218 -25.93 2.93 -1.78
C LYS A 218 -26.21 2.45 -3.18
N ASN A 219 -26.83 3.30 -4.01
CA ASN A 219 -27.32 2.96 -5.35
C ASN A 219 -28.14 1.69 -5.33
N TYR A 220 -29.12 1.65 -4.43
CA TYR A 220 -29.93 0.47 -4.14
C TYR A 220 -31.39 0.86 -4.26
N ALA A 221 -32.10 0.19 -5.13
CA ALA A 221 -33.53 0.42 -5.30
C ALA A 221 -34.29 -0.67 -4.57
N GLY A 222 -35.27 -0.29 -3.76
CA GLY A 222 -36.05 -1.28 -3.04
C GLY A 222 -37.34 -0.73 -2.50
N THR A 223 -38.36 -1.58 -2.38
CA THR A 223 -39.64 -1.18 -1.82
C THR A 223 -39.60 -1.28 -0.30
N PHE A 224 -39.25 -0.17 0.36
CA PHE A 224 -38.89 -0.16 1.77
C PHE A 224 -40.02 0.27 2.72
N ASN A 225 -40.69 1.39 2.45
CA ASN A 225 -41.84 1.83 3.29
C ASN A 225 -43.20 1.46 2.69
N ASN A 226 -43.21 0.31 2.00
CA ASN A 226 -44.31 -0.21 1.18
C ASN A 226 -44.55 0.59 -0.10
N GLN A 227 -43.67 1.57 -0.32
CA GLN A 227 -43.64 2.40 -1.49
C GLN A 227 -42.18 2.39 -1.89
N PHE A 228 -41.93 2.21 -3.17
CA PHE A 228 -40.59 2.31 -3.73
C PHE A 228 -39.70 3.37 -3.05
N MET A 229 -38.40 3.10 -2.99
CA MET A 229 -37.41 4.04 -2.46
C MET A 229 -36.05 3.73 -3.04
N TYR A 230 -35.42 4.74 -3.63
CA TYR A 230 -34.08 4.59 -4.20
C TYR A 230 -33.09 5.18 -3.22
N PHE A 231 -32.07 4.41 -2.85
CA PHE A 231 -31.03 4.91 -1.94
C PHE A 231 -29.82 5.48 -2.69
N ASP A 232 -29.55 6.75 -2.41
CA ASP A 232 -28.58 7.58 -3.12
C ASP A 232 -27.25 6.88 -3.37
N ALA A 233 -26.65 7.10 -4.53
CA ALA A 233 -25.28 6.62 -4.79
C ALA A 233 -24.22 7.35 -3.93
N ASP A 234 -24.48 8.62 -3.64
CA ASP A 234 -23.56 9.46 -2.85
C ASP A 234 -23.53 9.06 -1.37
N THR A 235 -24.66 9.23 -0.69
CA THR A 235 -24.70 9.08 0.78
C THR A 235 -25.61 7.97 1.28
N GLY A 236 -26.28 7.29 0.37
CA GLY A 236 -27.24 6.24 0.73
C GLY A 236 -28.59 6.69 1.26
N ALA A 237 -28.88 7.98 1.14
CA ALA A 237 -30.13 8.55 1.65
C ALA A 237 -31.29 8.31 0.69
N GLY A 238 -32.41 7.85 1.24
CA GLY A 238 -33.56 7.42 0.45
C GLY A 238 -34.37 8.56 -0.16
N LYS A 239 -34.52 8.51 -1.48
CA LYS A 239 -35.37 9.42 -2.22
C LYS A 239 -36.55 8.60 -2.70
N THR A 240 -37.64 9.26 -3.01
CA THR A 240 -38.82 8.55 -3.47
C THR A 240 -38.81 8.28 -4.99
N ALA A 241 -37.90 8.94 -5.71
CA ALA A 241 -37.77 8.80 -7.17
C ALA A 241 -39.07 9.11 -7.93
N ILE A 242 -39.78 10.09 -7.38
CA ILE A 242 -41.04 10.59 -7.91
C ILE A 242 -40.76 11.82 -8.75
N GLU A 243 -39.88 12.70 -8.28
CA GLU A 243 -39.44 13.87 -9.05
C GLU A 243 -38.69 13.52 -10.31
N TYR A 244 -39.11 14.08 -11.43
CA TYR A 244 -38.40 13.89 -12.66
C TYR A 244 -37.05 14.61 -12.52
N GLN A 245 -35.96 13.95 -12.93
CA GLN A 245 -34.61 14.50 -12.81
C GLN A 245 -34.14 15.17 -14.08
N PHE A 246 -34.90 15.07 -15.15
CA PHE A 246 -34.52 15.77 -16.37
C PHE A 246 -34.82 17.25 -16.20
N ASP A 247 -33.93 18.07 -16.72
CA ASP A 247 -33.91 19.52 -16.46
C ASP A 247 -34.24 20.33 -17.71
N GLN A 248 -34.66 19.67 -18.80
CA GLN A 248 -34.90 20.35 -20.08
C GLN A 248 -36.33 20.14 -20.59
N GLY A 249 -37.15 21.20 -20.50
CA GLY A 249 -38.55 21.15 -20.94
C GLY A 249 -38.57 21.35 -22.44
N LEU A 250 -39.71 21.10 -23.07
CA LEU A 250 -39.78 21.18 -24.52
C LEU A 250 -39.64 22.64 -24.89
N VAL A 251 -38.68 22.96 -25.74
CA VAL A 251 -38.46 24.33 -26.20
C VAL A 251 -38.24 24.40 -27.69
N SER A 252 -38.65 25.52 -28.27
CA SER A 252 -38.52 25.71 -29.69
C SER A 252 -37.17 26.37 -29.94
N GLN A 253 -36.53 26.00 -31.03
CA GLN A 253 -35.20 26.49 -31.30
C GLN A 253 -35.20 27.52 -32.37
N SER A 254 -36.25 27.56 -33.19
CA SER A 254 -36.26 28.51 -34.30
C SER A 254 -36.26 29.95 -33.81
N ASN A 255 -35.53 30.80 -34.52
CA ASN A 255 -35.46 32.22 -34.21
C ASN A 255 -35.07 33.01 -35.47
N GLU A 256 -34.63 34.26 -35.33
CA GLU A 256 -34.36 35.09 -36.53
C GLU A 256 -33.18 34.60 -37.38
N ASN A 257 -32.31 33.78 -36.81
CA ASN A 257 -31.17 33.29 -37.55
C ASN A 257 -31.41 31.97 -38.27
N THR A 258 -32.49 31.27 -37.92
CA THR A 258 -32.75 29.96 -38.51
C THR A 258 -32.79 29.98 -40.04
N PRO A 259 -33.59 30.86 -40.65
CA PRO A 259 -33.65 30.84 -42.11
C PRO A 259 -32.34 31.22 -42.81
N HIS A 260 -31.49 32.01 -42.13
CA HIS A 260 -30.18 32.37 -42.67
C HIS A 260 -29.21 31.19 -42.62
N ASN A 261 -29.14 30.52 -41.48
CA ASN A 261 -28.23 29.37 -41.32
C ASN A 261 -28.71 28.07 -41.94
N ALA A 262 -29.97 27.99 -42.34
CA ALA A 262 -30.48 26.80 -43.00
C ALA A 262 -29.76 26.53 -44.31
N ALA A 263 -29.78 25.28 -44.71
CA ALA A 263 -29.07 24.87 -45.89
C ALA A 263 -29.68 25.52 -47.12
N LYS A 264 -28.80 25.95 -48.03
CA LYS A 264 -29.20 26.44 -49.36
C LYS A 264 -29.94 25.38 -50.15
N SER A 265 -29.52 24.14 -49.99
CA SER A 265 -30.01 23.05 -50.80
C SER A 265 -29.88 21.76 -49.99
N TYR A 266 -30.78 20.79 -50.22
CA TYR A 266 -30.68 19.48 -49.54
C TYR A 266 -30.12 18.38 -50.46
N ASP A 267 -28.84 18.52 -50.80
CA ASP A 267 -28.20 17.64 -51.77
C ASP A 267 -26.68 17.79 -51.75
N LYS A 268 -26.00 17.05 -52.64
CA LYS A 268 -24.56 17.01 -52.60
C LYS A 268 -23.88 18.34 -52.89
N SER A 269 -24.58 19.29 -53.51
CA SER A 269 -24.02 20.62 -53.76
C SER A 269 -23.66 21.35 -52.49
N SER A 270 -24.62 21.35 -51.58
CA SER A 270 -24.55 22.15 -50.39
C SER A 270 -24.02 21.41 -49.17
N PHE A 271 -23.74 20.13 -49.31
CA PHE A 271 -23.25 19.32 -48.17
C PHE A 271 -22.04 18.45 -48.54
N GLU A 272 -20.95 18.61 -47.80
CA GLU A 272 -19.80 17.71 -47.95
C GLU A 272 -20.24 16.38 -47.38
N ASN A 273 -19.98 15.29 -48.09
CA ASN A 273 -20.53 14.00 -47.71
C ASN A 273 -19.77 12.80 -48.23
N VAL A 274 -20.15 11.63 -47.74
CA VAL A 274 -19.62 10.37 -48.23
C VAL A 274 -20.82 9.50 -48.53
N ASP A 275 -20.95 9.06 -49.77
CA ASP A 275 -22.09 8.23 -50.22
C ASP A 275 -23.43 8.79 -49.75
N GLY A 276 -23.52 10.11 -49.66
CA GLY A 276 -24.76 10.76 -49.23
C GLY A 276 -24.85 11.10 -47.74
N TYR A 277 -24.13 10.36 -46.92
CA TYR A 277 -24.19 10.54 -45.50
C TYR A 277 -23.35 11.72 -45.08
N LEU A 278 -23.57 12.20 -43.86
CA LEU A 278 -22.83 13.34 -43.33
C LEU A 278 -21.88 12.88 -42.25
N THR A 279 -20.84 13.65 -42.01
CA THR A 279 -19.84 13.32 -41.00
C THR A 279 -19.65 14.48 -40.03
N ALA A 280 -19.00 14.23 -38.91
CA ALA A 280 -18.84 15.25 -37.89
C ALA A 280 -18.12 16.49 -38.44
N ASP A 281 -17.21 16.28 -39.37
CA ASP A 281 -16.42 17.38 -39.95
C ASP A 281 -16.95 17.84 -41.30
N THR A 282 -18.20 17.49 -41.60
CA THR A 282 -18.90 18.02 -42.75
C THR A 282 -19.02 19.51 -42.64
N TRP A 283 -18.81 20.18 -43.77
CA TRP A 283 -19.14 21.58 -43.97
C TRP A 283 -20.29 21.66 -44.97
N TYR A 284 -21.14 22.67 -44.82
CA TYR A 284 -22.30 22.85 -45.69
C TYR A 284 -22.42 24.30 -46.14
N ARG A 285 -23.32 24.55 -47.09
CA ARG A 285 -23.56 25.88 -47.63
C ARG A 285 -24.82 26.44 -47.01
N PRO A 286 -24.69 27.40 -46.08
CA PRO A 286 -25.90 28.03 -45.55
C PRO A 286 -26.52 28.97 -46.55
N THR A 287 -27.81 29.21 -46.44
CA THR A 287 -28.50 30.15 -47.32
C THR A 287 -27.78 31.49 -47.35
N ASP A 288 -27.53 32.06 -46.16
CA ASP A 288 -26.82 33.33 -46.01
C ASP A 288 -25.63 33.19 -45.07
N ILE A 289 -24.78 34.21 -45.12
CA ILE A 289 -23.57 34.28 -44.34
C ILE A 289 -23.53 35.58 -43.57
N LEU A 290 -23.26 35.52 -42.27
CA LEU A 290 -23.13 36.74 -41.46
C LEU A 290 -21.74 37.32 -41.66
N LYS A 291 -21.49 37.90 -42.84
CA LYS A 291 -20.14 38.33 -43.16
C LYS A 291 -19.67 39.33 -42.12
N ASN A 292 -18.43 39.11 -41.66
CA ASN A 292 -17.77 39.99 -40.71
C ASN A 292 -18.54 40.19 -39.39
N GLY A 293 -19.57 39.38 -39.16
CA GLY A 293 -20.45 39.53 -38.01
C GLY A 293 -21.38 40.73 -38.07
N ASP A 294 -21.63 41.27 -39.26
CA ASP A 294 -22.42 42.50 -39.39
C ASP A 294 -23.68 42.27 -40.19
N THR A 295 -23.48 41.85 -41.43
CA THR A 295 -24.56 41.85 -42.40
C THR A 295 -24.68 40.49 -43.06
N TRP A 296 -25.92 40.02 -43.11
CA TRP A 296 -26.26 38.76 -43.73
C TRP A 296 -26.23 38.97 -45.22
N THR A 297 -25.49 38.13 -45.91
CA THR A 297 -25.40 38.19 -47.36
C THR A 297 -25.58 36.78 -47.97
N ALA A 298 -26.25 36.72 -49.11
CA ALA A 298 -26.47 35.45 -49.79
C ALA A 298 -25.14 34.74 -49.99
N SER A 299 -25.14 33.42 -49.93
CA SER A 299 -23.91 32.65 -50.06
C SER A 299 -23.57 32.38 -51.51
N THR A 300 -22.28 32.35 -51.80
CA THR A 300 -21.74 31.88 -53.08
C THR A 300 -21.19 30.46 -52.90
N GLU A 301 -21.27 29.64 -53.94
CA GLU A 301 -20.91 28.22 -53.89
C GLU A 301 -19.63 27.87 -53.12
N THR A 302 -18.69 28.80 -53.05
CA THR A 302 -17.46 28.58 -52.26
C THR A 302 -17.64 28.83 -50.75
N ASP A 303 -18.72 29.51 -50.35
CA ASP A 303 -18.97 29.84 -48.92
C ASP A 303 -19.51 28.66 -48.14
N MET A 304 -18.63 27.73 -47.83
CA MET A 304 -18.98 26.57 -47.05
C MET A 304 -18.66 26.86 -45.59
N ARG A 305 -19.47 26.32 -44.70
CA ARG A 305 -19.26 26.54 -43.27
C ARG A 305 -19.45 25.22 -42.55
N PRO A 306 -18.80 25.06 -41.40
CA PRO A 306 -18.89 23.79 -40.69
C PRO A 306 -20.27 23.57 -40.10
N LEU A 307 -20.76 22.36 -40.25
CA LEU A 307 -22.03 21.97 -39.68
C LEU A 307 -22.06 22.23 -38.17
N LEU A 308 -20.94 22.02 -37.48
CA LEU A 308 -20.91 22.21 -36.02
C LEU A 308 -20.93 23.67 -35.55
N MET A 309 -20.96 24.61 -36.49
CA MET A 309 -21.19 26.04 -36.18
C MET A 309 -22.66 26.29 -35.84
N THR A 310 -23.51 25.43 -36.39
CA THR A 310 -24.95 25.57 -36.39
C THR A 310 -25.75 24.41 -35.78
N TRP A 311 -25.24 23.18 -35.85
CA TRP A 311 -25.98 22.00 -35.38
C TRP A 311 -25.10 21.10 -34.54
N TRP A 312 -25.70 20.34 -33.63
CA TRP A 312 -24.97 19.38 -32.80
C TRP A 312 -25.82 18.13 -32.61
N PRO A 313 -25.19 16.96 -32.42
CA PRO A 313 -25.91 15.73 -32.16
C PRO A 313 -26.65 15.74 -30.82
N ASP A 314 -26.10 16.40 -29.82
CA ASP A 314 -26.69 16.43 -28.47
C ASP A 314 -26.13 17.63 -27.72
N LYS A 315 -26.69 17.92 -26.55
CA LYS A 315 -26.25 19.06 -25.76
C LYS A 315 -24.82 18.89 -25.24
N GLN A 316 -24.46 17.68 -24.84
CA GLN A 316 -23.10 17.46 -24.36
C GLN A 316 -22.07 17.90 -25.40
N THR A 317 -22.25 17.46 -26.64
CA THR A 317 -21.39 17.86 -27.72
C THR A 317 -21.46 19.35 -27.96
N GLN A 318 -22.66 19.93 -27.91
CA GLN A 318 -22.80 21.36 -28.09
C GLN A 318 -22.02 22.10 -27.02
N ALA A 319 -22.13 21.65 -25.78
CA ALA A 319 -21.44 22.35 -24.70
C ALA A 319 -19.96 22.23 -24.84
N ASN A 320 -19.49 21.10 -25.32
CA ASN A 320 -18.06 20.88 -25.50
C ASN A 320 -17.51 21.75 -26.63
N TYR A 321 -18.25 21.84 -27.71
CA TYR A 321 -17.91 22.74 -28.80
C TYR A 321 -17.80 24.17 -28.31
N LEU A 322 -18.77 24.62 -27.54
CA LEU A 322 -18.74 26.01 -27.05
C LEU A 322 -17.54 26.26 -26.17
N ASN A 323 -17.24 25.33 -25.27
CA ASN A 323 -16.09 25.47 -24.40
C ASN A 323 -14.76 25.45 -25.16
N PHE A 324 -14.65 24.57 -26.14
CA PHE A 324 -13.43 24.44 -26.92
C PHE A 324 -13.15 25.69 -27.75
N MET A 325 -14.15 26.18 -28.47
CA MET A 325 -14.00 27.37 -29.32
C MET A 325 -13.77 28.62 -28.48
N SER A 326 -14.44 28.69 -27.34
CA SER A 326 -14.19 29.75 -26.35
C SER A 326 -12.71 29.86 -25.95
N SER A 327 -12.08 28.72 -25.73
CA SER A 327 -10.69 28.68 -25.31
C SER A 327 -9.75 29.16 -26.37
N LYS A 328 -10.23 29.27 -27.60
CA LYS A 328 -9.39 29.72 -28.69
C LYS A 328 -9.55 31.19 -29.03
N GLY A 329 -10.17 31.94 -28.14
CA GLY A 329 -10.29 33.39 -28.30
C GLY A 329 -11.59 33.83 -28.93
N LEU A 330 -12.51 32.89 -29.14
CA LEU A 330 -13.73 33.18 -29.88
C LEU A 330 -14.90 33.65 -29.04
N GLY A 331 -14.78 33.60 -27.72
CA GLY A 331 -15.78 34.25 -26.90
C GLY A 331 -15.38 34.24 -25.45
N ILE A 332 -16.29 34.71 -24.60
CA ILE A 332 -16.14 34.56 -23.17
C ILE A 332 -15.86 33.09 -22.93
N THR A 333 -14.79 32.79 -22.21
CA THR A 333 -14.43 31.40 -21.96
C THR A 333 -15.48 30.84 -21.01
N THR A 334 -15.98 29.67 -21.32
CA THR A 334 -17.16 29.16 -20.63
C THR A 334 -16.98 27.75 -20.10
N THR A 335 -17.58 27.49 -18.95
CA THR A 335 -17.84 26.15 -18.48
C THR A 335 -19.29 25.84 -18.76
N TYR A 336 -19.57 25.21 -19.89
CA TYR A 336 -20.91 24.78 -20.16
C TYR A 336 -21.05 23.28 -20.01
N THR A 337 -22.23 22.83 -19.58
CA THR A 337 -22.51 21.41 -19.40
C THR A 337 -23.72 21.04 -20.23
N ALA A 338 -23.93 19.74 -20.40
CA ALA A 338 -25.20 19.25 -20.92
C ALA A 338 -26.41 19.69 -20.08
N ALA A 339 -26.19 20.00 -18.80
CA ALA A 339 -27.27 20.48 -17.94
C ALA A 339 -27.67 21.94 -18.21
N THR A 340 -26.77 22.72 -18.82
CA THR A 340 -27.05 24.11 -19.21
C THR A 340 -28.27 24.13 -20.09
N SER A 341 -29.10 25.17 -20.00
CA SER A 341 -30.36 25.19 -20.74
C SER A 341 -30.10 25.25 -22.24
N GLN A 342 -31.01 24.69 -23.03
CA GLN A 342 -30.81 24.65 -24.46
C GLN A 342 -30.77 26.05 -25.04
N LYS A 343 -31.63 26.91 -24.52
CA LYS A 343 -31.73 28.29 -25.00
C LYS A 343 -30.39 29.02 -24.81
N THR A 344 -29.79 28.84 -23.64
CA THR A 344 -28.51 29.43 -23.34
C THR A 344 -27.42 28.96 -24.27
N LEU A 345 -27.38 27.66 -24.54
CA LEU A 345 -26.32 27.11 -25.37
C LEU A 345 -26.44 27.66 -26.79
N ASN A 346 -27.68 27.73 -27.30
CA ASN A 346 -27.92 28.26 -28.64
C ASN A 346 -27.56 29.74 -28.80
N ASP A 347 -27.86 30.55 -27.79
CA ASP A 347 -27.41 31.96 -27.76
C ASP A 347 -25.89 32.05 -27.79
N ALA A 348 -25.24 31.18 -27.03
CA ALA A 348 -23.79 31.15 -26.96
C ALA A 348 -23.18 30.63 -28.26
N ALA A 349 -23.88 29.75 -28.95
CA ALA A 349 -23.39 29.27 -30.24
C ALA A 349 -23.37 30.39 -31.27
N PHE A 350 -24.32 31.32 -31.17
CA PHE A 350 -24.36 32.44 -32.11
C PHE A 350 -23.28 33.47 -31.85
N VAL A 351 -22.97 33.76 -30.59
CA VAL A 351 -21.87 34.71 -30.29
C VAL A 351 -20.55 34.13 -30.78
N ILE A 352 -20.42 32.81 -30.76
CA ILE A 352 -19.26 32.15 -31.35
C ILE A 352 -19.31 32.25 -32.87
N GLN A 353 -20.48 32.06 -33.47
CA GLN A 353 -20.61 32.22 -34.93
C GLN A 353 -20.18 33.63 -35.35
N THR A 354 -20.66 34.65 -34.64
CA THR A 354 -20.28 36.04 -34.89
C THR A 354 -18.74 36.15 -34.88
N ALA A 355 -18.16 35.77 -33.75
CA ALA A 355 -16.70 35.83 -33.59
C ALA A 355 -15.97 35.11 -34.71
N ILE A 356 -16.54 33.99 -35.16
CA ILE A 356 -15.94 33.21 -36.23
C ILE A 356 -15.91 34.02 -37.52
N GLU A 357 -17.00 34.68 -37.85
CA GLU A 357 -17.06 35.41 -39.10
C GLU A 357 -16.12 36.59 -39.09
N GLN A 358 -15.86 37.12 -37.89
CA GLN A 358 -14.90 38.21 -37.71
C GLN A 358 -13.46 37.77 -37.96
N GLN A 359 -13.09 36.61 -37.44
CA GLN A 359 -11.77 36.07 -37.69
C GLN A 359 -11.60 35.55 -39.13
N ILE A 360 -12.70 35.24 -39.82
CA ILE A 360 -12.63 34.86 -41.24
C ILE A 360 -12.34 36.09 -42.08
N SER A 361 -12.97 37.21 -41.76
CA SER A 361 -12.65 38.46 -42.44
C SER A 361 -11.24 38.96 -42.11
N LEU A 362 -10.87 38.87 -40.83
CA LEU A 362 -9.56 39.30 -40.35
C LEU A 362 -8.43 38.50 -40.99
N LYS A 363 -8.59 37.18 -41.08
CA LYS A 363 -7.58 36.33 -41.71
C LYS A 363 -7.77 36.12 -43.21
N LYS A 364 -8.94 36.46 -43.75
CA LYS A 364 -9.29 36.20 -45.17
C LYS A 364 -9.10 34.73 -45.59
N SER A 365 -9.38 33.81 -44.67
CA SER A 365 -9.20 32.38 -44.90
C SER A 365 -10.15 31.59 -44.00
N THR A 366 -10.45 30.35 -44.39
CA THR A 366 -11.19 29.42 -43.54
C THR A 366 -10.36 28.19 -43.15
N GLU A 367 -9.08 28.14 -43.55
CA GLU A 367 -8.21 27.00 -43.21
C GLU A 367 -8.00 26.88 -41.71
N TRP A 368 -7.88 28.02 -41.05
CA TRP A 368 -7.71 28.04 -39.61
C TRP A 368 -8.87 27.33 -38.91
N LEU A 369 -10.08 27.51 -39.46
CA LEU A 369 -11.30 26.91 -38.93
C LEU A 369 -11.35 25.42 -39.20
N ARG A 370 -10.98 25.01 -40.42
CA ARG A 370 -10.88 23.60 -40.76
C ARG A 370 -10.06 22.84 -39.73
N ASP A 371 -8.93 23.42 -39.36
CA ASP A 371 -8.04 22.81 -38.39
C ASP A 371 -8.64 22.83 -36.99
N ALA A 372 -9.38 23.88 -36.65
CA ALA A 372 -10.03 23.97 -35.35
C ALA A 372 -11.15 22.93 -35.23
N ILE A 373 -11.91 22.76 -36.30
CA ILE A 373 -12.99 21.80 -36.29
C ILE A 373 -12.40 20.40 -36.20
N ASP A 374 -11.44 20.09 -37.07
CA ASP A 374 -10.77 18.77 -37.06
C ASP A 374 -10.25 18.40 -35.70
N SER A 375 -9.58 19.36 -35.05
CA SER A 375 -9.09 19.18 -33.69
C SER A 375 -10.19 18.88 -32.70
N PHE A 376 -11.23 19.70 -32.73
CA PHE A 376 -12.34 19.53 -31.81
C PHE A 376 -13.02 18.17 -31.98
N VAL A 377 -13.19 17.77 -33.23
CA VAL A 377 -13.87 16.53 -33.55
C VAL A 377 -13.19 15.34 -32.91
N LYS A 378 -11.85 15.32 -32.92
CA LYS A 378 -11.09 14.18 -32.39
C LYS A 378 -11.08 14.13 -30.87
N THR A 379 -11.39 15.26 -30.26
CA THR A 379 -11.65 15.36 -28.83
C THR A 379 -12.79 14.47 -28.35
N GLN A 380 -13.81 14.29 -29.16
CA GLN A 380 -15.04 13.62 -28.72
C GLN A 380 -14.97 12.11 -28.91
N ALA A 381 -15.27 11.38 -27.85
CA ALA A 381 -15.18 9.92 -27.87
C ALA A 381 -15.94 9.26 -29.03
N ASN A 382 -17.13 9.75 -29.34
CA ASN A 382 -17.91 9.16 -30.43
C ASN A 382 -17.28 9.36 -31.80
N TRP A 383 -16.32 10.27 -31.88
CA TRP A 383 -15.60 10.57 -33.09
C TRP A 383 -14.09 10.30 -32.98
N ASN A 384 -13.70 9.39 -32.09
CA ASN A 384 -12.32 8.90 -32.06
C ASN A 384 -12.25 7.43 -31.63
N LYS A 385 -11.05 6.91 -31.36
CA LYS A 385 -10.92 5.45 -31.20
C LYS A 385 -11.51 4.91 -29.89
N GLN A 386 -11.88 5.80 -28.98
CA GLN A 386 -12.40 5.36 -27.70
C GLN A 386 -13.70 4.58 -27.85
N THR A 387 -14.41 4.82 -28.94
CA THR A 387 -15.61 4.06 -29.24
C THR A 387 -15.33 2.94 -30.23
N GLU A 388 -14.06 2.66 -30.49
CA GLU A 388 -13.68 1.60 -31.42
C GLU A 388 -13.12 0.36 -30.73
N ASP A 389 -13.03 0.39 -29.40
CA ASP A 389 -12.59 -0.73 -28.59
C ASP A 389 -11.25 -1.28 -29.04
N GLU A 390 -10.26 -0.39 -29.12
CA GLU A 390 -8.89 -0.82 -29.39
C GLU A 390 -8.51 -1.98 -28.48
N ALA A 391 -7.89 -3.01 -29.05
CA ALA A 391 -7.43 -4.21 -28.33
C ALA A 391 -6.18 -4.72 -29.01
N PHE A 392 -5.33 -5.42 -28.29
CA PHE A 392 -4.08 -5.89 -28.89
C PHE A 392 -3.80 -7.39 -28.72
N ASP A 393 -4.81 -8.20 -28.46
CA ASP A 393 -4.53 -9.61 -28.26
C ASP A 393 -4.68 -10.31 -29.61
N GLY A 394 -3.89 -11.35 -29.82
CA GLY A 394 -3.83 -12.03 -31.11
C GLY A 394 -3.32 -11.08 -32.18
N LEU A 395 -3.75 -11.31 -33.42
CA LEU A 395 -3.30 -10.49 -34.56
C LEU A 395 -3.71 -9.03 -34.44
N GLN A 396 -4.60 -8.75 -33.50
CA GLN A 396 -4.99 -7.38 -33.21
C GLN A 396 -3.76 -6.61 -32.74
N TRP A 397 -2.79 -7.35 -32.24
CA TRP A 397 -1.49 -6.82 -31.83
C TRP A 397 -0.86 -5.88 -32.88
N LEU A 398 -1.12 -6.14 -34.15
CA LEU A 398 -0.43 -5.40 -35.20
C LEU A 398 -0.93 -3.96 -35.33
N GLN A 399 -2.25 -3.79 -35.37
CA GLN A 399 -2.85 -2.50 -35.68
C GLN A 399 -4.00 -2.00 -34.79
N GLY A 400 -4.36 -2.79 -33.79
CA GLY A 400 -5.27 -2.33 -32.77
C GLY A 400 -6.69 -2.85 -32.89
N GLY A 401 -6.99 -3.63 -33.91
CA GLY A 401 -8.31 -4.28 -33.99
C GLY A 401 -8.93 -4.18 -35.37
N PHE A 402 -9.97 -4.97 -35.61
CA PHE A 402 -10.57 -5.05 -36.94
C PHE A 402 -12.07 -4.77 -36.93
N LEU A 403 -12.53 -4.32 -38.10
CA LEU A 403 -13.95 -4.15 -38.40
C LEU A 403 -14.32 -5.04 -39.56
N ALA A 404 -15.36 -5.84 -39.41
CA ALA A 404 -15.87 -6.67 -40.49
C ALA A 404 -17.02 -5.97 -41.19
N TYR A 405 -16.95 -5.84 -42.51
CA TYR A 405 -18.01 -5.21 -43.27
C TYR A 405 -19.17 -6.18 -43.40
N GLN A 406 -20.38 -5.64 -43.41
CA GLN A 406 -21.60 -6.40 -43.50
C GLN A 406 -22.41 -6.09 -44.77
N ASP A 407 -23.22 -7.06 -45.17
CA ASP A 407 -24.13 -6.93 -46.30
C ASP A 407 -25.42 -6.25 -45.84
N ASP A 408 -25.60 -5.00 -46.23
CA ASP A 408 -26.74 -4.23 -45.75
C ASP A 408 -27.30 -3.39 -46.90
N SER A 409 -28.14 -4.02 -47.72
CA SER A 409 -28.63 -3.38 -48.93
C SER A 409 -29.55 -2.19 -48.68
N HIS A 410 -30.19 -2.13 -47.51
CA HIS A 410 -31.05 -0.99 -47.20
C HIS A 410 -30.27 0.32 -46.99
N ARG A 411 -29.19 0.29 -46.22
CA ARG A 411 -28.45 1.52 -45.88
C ARG A 411 -27.17 1.76 -46.68
N THR A 412 -26.54 0.69 -47.16
CA THR A 412 -25.19 0.79 -47.69
C THR A 412 -25.04 -0.21 -48.84
N PRO A 413 -25.88 -0.06 -49.87
CA PRO A 413 -25.95 -1.04 -50.94
C PRO A 413 -24.73 -1.10 -51.86
N ASN A 414 -23.99 -0.01 -52.05
CA ASN A 414 -22.75 -0.06 -52.86
C ASN A 414 -21.70 -1.00 -52.26
N THR A 415 -21.81 -1.18 -50.95
CA THR A 415 -20.87 -1.93 -50.15
C THR A 415 -21.29 -3.39 -49.97
N ASP A 416 -22.47 -3.74 -50.45
CA ASP A 416 -22.98 -5.09 -50.32
C ASP A 416 -22.12 -5.98 -51.18
N SER A 417 -21.77 -7.15 -50.64
CA SER A 417 -20.90 -8.11 -51.34
C SER A 417 -21.62 -9.20 -52.13
N GLY A 418 -22.95 -9.16 -52.16
CA GLY A 418 -23.70 -10.19 -52.88
C GLY A 418 -23.60 -11.54 -52.19
N ASN A 419 -23.70 -11.53 -50.87
CA ASN A 419 -23.63 -12.73 -50.02
C ASN A 419 -22.36 -13.54 -50.18
N ASN A 420 -21.24 -12.84 -50.22
CA ASN A 420 -19.94 -13.46 -50.21
C ASN A 420 -19.36 -13.28 -48.81
N ARG A 421 -18.13 -12.79 -48.69
CA ARG A 421 -17.51 -12.57 -47.41
C ARG A 421 -17.58 -13.75 -46.45
N LYS A 422 -17.23 -14.94 -46.93
CA LYS A 422 -17.03 -16.07 -46.05
C LYS A 422 -15.69 -15.89 -45.38
N LEU A 423 -15.69 -15.74 -44.06
CA LEU A 423 -14.44 -15.48 -43.34
C LEU A 423 -13.78 -16.76 -42.81
N GLY A 424 -12.46 -16.80 -42.87
CA GLY A 424 -11.70 -17.82 -42.16
C GLY A 424 -11.74 -19.17 -42.85
N ARG A 425 -11.81 -19.15 -44.17
CA ARG A 425 -11.79 -20.39 -44.92
C ARG A 425 -10.38 -20.87 -45.18
N GLN A 426 -9.60 -21.01 -44.11
CA GLN A 426 -8.24 -21.50 -44.23
C GLN A 426 -8.30 -22.98 -44.63
N PRO A 427 -7.13 -23.60 -44.93
CA PRO A 427 -7.16 -24.97 -45.43
C PRO A 427 -7.96 -25.94 -44.57
N ILE A 428 -7.69 -25.95 -43.27
CA ILE A 428 -8.41 -26.84 -42.37
C ILE A 428 -9.89 -26.49 -42.23
N ASN A 429 -10.31 -25.31 -42.69
CA ASN A 429 -11.70 -24.90 -42.57
C ASN A 429 -12.23 -24.39 -43.89
N ILE A 430 -11.72 -24.95 -44.98
CA ILE A 430 -12.09 -24.50 -46.32
C ILE A 430 -13.61 -24.54 -46.56
N ASP A 431 -14.30 -25.50 -45.93
CA ASP A 431 -15.75 -25.66 -46.09
C ASP A 431 -16.59 -25.03 -44.94
N GLY A 432 -15.97 -24.25 -44.06
CA GLY A 432 -16.68 -23.64 -42.94
C GLY A 432 -17.06 -24.58 -41.80
N SER A 433 -16.72 -25.86 -41.89
CA SER A 433 -17.16 -26.83 -40.90
C SER A 433 -16.57 -26.64 -39.49
N LYS A 434 -15.54 -25.79 -39.37
CA LYS A 434 -14.99 -25.43 -38.06
C LYS A 434 -15.21 -23.96 -37.68
N ASP A 435 -16.24 -23.32 -38.25
CA ASP A 435 -16.51 -21.88 -38.02
C ASP A 435 -16.71 -21.53 -36.55
N THR A 436 -17.25 -22.47 -35.77
CA THR A 436 -17.61 -22.21 -34.38
C THR A 436 -16.47 -22.50 -33.38
N THR A 437 -15.34 -22.98 -33.89
CA THR A 437 -14.18 -23.31 -33.05
C THR A 437 -12.99 -22.39 -33.38
N ASP A 438 -11.87 -22.59 -32.70
CA ASP A 438 -10.63 -21.88 -33.03
C ASP A 438 -10.03 -22.34 -34.35
N GLY A 439 -10.54 -23.43 -34.92
CA GLY A 439 -10.16 -23.87 -36.25
C GLY A 439 -10.62 -22.98 -37.37
N LYS A 440 -11.47 -22.01 -37.06
CA LYS A 440 -11.80 -20.99 -38.02
C LYS A 440 -10.58 -20.10 -38.24
N GLY A 441 -10.32 -19.79 -39.50
CA GLY A 441 -9.12 -19.06 -39.86
C GLY A 441 -9.14 -17.62 -39.41
N SER A 442 -7.97 -17.08 -39.09
CA SER A 442 -7.83 -15.68 -38.77
C SER A 442 -7.81 -14.88 -40.06
N GLU A 443 -8.98 -14.56 -40.59
CA GLU A 443 -9.11 -13.91 -41.89
C GLU A 443 -8.47 -12.53 -41.94
N PHE A 444 -8.51 -11.85 -40.79
CA PHE A 444 -8.03 -10.48 -40.68
C PHE A 444 -6.63 -10.43 -40.13
N LEU A 445 -5.76 -9.74 -40.85
CA LEU A 445 -4.37 -9.66 -40.48
C LEU A 445 -3.92 -8.22 -40.48
N LEU A 446 -3.96 -7.57 -41.64
CA LEU A 446 -3.47 -6.19 -41.78
C LEU A 446 -4.26 -5.44 -42.84
N ALA A 447 -4.38 -4.14 -42.62
CA ALA A 447 -4.95 -3.20 -43.57
C ALA A 447 -6.35 -3.62 -44.03
N ASN A 448 -6.59 -3.45 -45.33
CA ASN A 448 -7.87 -3.80 -45.94
C ASN A 448 -7.83 -5.21 -46.37
N ASP A 449 -8.70 -6.05 -45.81
CA ASP A 449 -8.58 -7.48 -46.09
C ASP A 449 -9.49 -7.74 -47.27
N ILE A 450 -8.90 -8.23 -48.34
CA ILE A 450 -9.58 -8.54 -49.59
C ILE A 450 -10.42 -9.82 -49.43
N ASP A 451 -11.63 -9.79 -49.98
CA ASP A 451 -12.56 -10.92 -49.92
C ASP A 451 -12.24 -11.94 -51.02
N ASN A 452 -11.34 -12.86 -50.73
CA ASN A 452 -10.97 -13.95 -51.64
C ASN A 452 -11.97 -15.12 -51.67
N SER A 453 -13.11 -14.99 -51.00
CA SER A 453 -14.20 -15.95 -51.13
C SER A 453 -15.17 -15.56 -52.26
N ASN A 454 -14.98 -14.38 -52.83
CA ASN A 454 -15.84 -13.88 -53.91
C ASN A 454 -15.30 -14.28 -55.28
N PRO A 455 -16.08 -15.06 -56.05
CA PRO A 455 -15.61 -15.51 -57.34
C PRO A 455 -15.00 -14.45 -58.24
N ILE A 456 -15.53 -13.25 -58.22
CA ILE A 456 -15.01 -12.19 -59.07
C ILE A 456 -13.60 -11.80 -58.64
N VAL A 457 -13.39 -11.78 -57.33
CA VAL A 457 -12.10 -11.44 -56.78
C VAL A 457 -11.12 -12.57 -57.04
N GLN A 458 -11.60 -13.81 -56.98
CA GLN A 458 -10.78 -14.96 -57.25
C GLN A 458 -10.22 -14.87 -58.66
N ALA A 459 -11.07 -14.49 -59.61
CA ALA A 459 -10.64 -14.32 -60.99
C ALA A 459 -9.56 -13.26 -61.09
N GLU A 460 -9.73 -12.16 -60.35
CA GLU A 460 -8.77 -11.07 -60.38
C GLU A 460 -7.40 -11.48 -59.83
N GLN A 461 -7.41 -12.31 -58.79
CA GLN A 461 -6.17 -12.84 -58.24
C GLN A 461 -5.44 -13.71 -59.26
N LEU A 462 -6.20 -14.42 -60.09
CA LEU A 462 -5.62 -15.21 -61.18
C LEU A 462 -5.04 -14.35 -62.29
N ASN A 463 -5.74 -13.27 -62.62
CA ASN A 463 -5.22 -12.29 -63.56
C ASN A 463 -3.87 -11.78 -63.10
N TRP A 464 -3.80 -11.39 -61.82
CA TRP A 464 -2.57 -10.87 -61.24
C TRP A 464 -1.48 -11.94 -61.31
N LEU A 465 -1.88 -13.18 -61.03
CA LEU A 465 -0.96 -14.29 -61.06
C LEU A 465 -0.41 -14.48 -62.45
N HIS A 466 -1.27 -14.36 -63.44
CA HIS A 466 -0.83 -14.49 -64.81
C HIS A 466 0.15 -13.37 -65.14
N TYR A 467 -0.19 -12.16 -64.71
CA TYR A 467 0.65 -10.99 -64.94
C TYR A 467 2.05 -11.19 -64.39
N LEU A 468 2.16 -11.81 -63.23
CA LEU A 468 3.48 -12.00 -62.63
C LEU A 468 4.27 -13.08 -63.37
N MET A 469 3.61 -14.17 -63.73
CA MET A 469 4.25 -15.27 -64.42
C MET A 469 4.60 -14.91 -65.88
N ASN A 470 4.04 -13.81 -66.38
CA ASN A 470 4.40 -13.28 -67.68
C ASN A 470 4.84 -11.83 -67.59
N PHE A 471 5.46 -11.45 -66.47
CA PHE A 471 5.76 -10.02 -66.27
C PHE A 471 6.59 -9.44 -67.39
N GLY A 472 7.68 -10.12 -67.71
CA GLY A 472 8.59 -9.70 -68.77
C GLY A 472 7.96 -9.62 -70.16
N SER A 473 7.14 -10.61 -70.50
CA SER A 473 6.42 -10.61 -71.77
C SER A 473 5.53 -9.38 -71.93
N ILE A 474 4.80 -9.07 -70.88
CA ILE A 474 3.81 -8.02 -70.92
C ILE A 474 4.42 -6.63 -70.87
N THR A 475 5.42 -6.44 -70.01
CA THR A 475 5.97 -5.12 -69.75
C THR A 475 7.23 -4.75 -70.52
N GLY A 476 7.97 -5.74 -71.03
CA GLY A 476 9.18 -5.47 -71.85
C GLY A 476 9.32 -6.29 -73.13
N ASN A 477 8.24 -6.93 -73.54
CA ASN A 477 8.28 -7.95 -74.58
C ASN A 477 9.59 -8.77 -74.51
N ASN A 478 9.93 -9.19 -73.30
CA ASN A 478 11.13 -9.97 -72.99
C ASN A 478 10.75 -11.29 -72.33
N ASP A 479 10.59 -12.34 -73.13
CA ASP A 479 10.15 -13.65 -72.61
C ASP A 479 11.19 -14.35 -71.71
N ASN A 480 12.34 -13.72 -71.50
CA ASN A 480 13.33 -14.19 -70.51
C ASN A 480 13.27 -13.45 -69.18
N ALA A 481 12.35 -12.51 -69.03
CA ALA A 481 12.28 -11.73 -67.81
C ALA A 481 11.01 -12.06 -67.05
N ASN A 482 10.61 -13.33 -67.04
CA ASN A 482 9.36 -13.77 -66.40
C ASN A 482 9.58 -14.57 -65.16
N PHE A 483 8.77 -14.36 -64.14
CA PHE A 483 8.88 -15.14 -62.90
C PHE A 483 8.54 -16.59 -63.21
N ASP A 484 9.14 -17.52 -62.48
CA ASP A 484 8.93 -18.93 -62.75
C ASP A 484 7.98 -19.60 -61.78
N GLY A 485 7.94 -19.11 -60.55
CA GLY A 485 7.10 -19.72 -59.51
C GLY A 485 6.68 -18.69 -58.50
N ILE A 486 5.95 -19.11 -57.47
CA ILE A 486 5.41 -18.19 -56.48
C ILE A 486 5.59 -18.62 -55.03
N ARG A 487 5.61 -17.64 -54.14
CA ARG A 487 5.46 -17.84 -52.70
C ARG A 487 4.11 -17.27 -52.33
N VAL A 488 3.29 -18.04 -51.62
CA VAL A 488 1.95 -17.62 -51.28
C VAL A 488 1.97 -17.07 -49.86
N ASP A 489 1.93 -15.74 -49.74
CA ASP A 489 1.94 -15.05 -48.46
C ASP A 489 0.62 -15.27 -47.70
N ALA A 490 0.73 -15.62 -46.41
CA ALA A 490 -0.41 -15.59 -45.50
C ALA A 490 -1.54 -16.53 -45.92
N VAL A 491 -1.17 -17.78 -46.14
CA VAL A 491 -2.09 -18.82 -46.55
C VAL A 491 -3.24 -19.01 -45.57
N ASP A 492 -2.94 -18.96 -44.28
CA ASP A 492 -3.95 -19.21 -43.25
C ASP A 492 -4.87 -18.01 -42.98
N ASN A 493 -4.61 -16.88 -43.64
CA ASN A 493 -5.41 -15.67 -43.48
C ASN A 493 -6.27 -15.33 -44.71
N VAL A 494 -6.38 -16.28 -45.64
CA VAL A 494 -7.16 -16.12 -46.86
C VAL A 494 -7.94 -17.39 -47.14
N ASP A 495 -8.82 -17.30 -48.13
CA ASP A 495 -9.63 -18.43 -48.56
C ASP A 495 -8.74 -19.41 -49.30
N ALA A 496 -8.74 -20.65 -48.83
CA ALA A 496 -7.85 -21.68 -49.35
C ALA A 496 -8.10 -22.05 -50.82
N ASP A 497 -9.22 -21.61 -51.39
CA ASP A 497 -9.43 -21.76 -52.84
C ASP A 497 -8.28 -21.21 -53.66
N LEU A 498 -7.60 -20.18 -53.16
CA LEU A 498 -6.51 -19.58 -53.90
C LEU A 498 -5.39 -20.57 -54.21
N LEU A 499 -5.24 -21.59 -53.37
CA LEU A 499 -4.22 -22.59 -53.61
C LEU A 499 -4.57 -23.44 -54.83
N LYS A 500 -5.84 -23.82 -54.91
CA LYS A 500 -6.33 -24.64 -56.01
C LYS A 500 -6.31 -23.87 -57.31
N ILE A 501 -6.72 -22.61 -57.24
CA ILE A 501 -6.66 -21.72 -58.39
C ILE A 501 -5.23 -21.63 -58.93
N ALA A 502 -4.28 -21.39 -58.03
CA ALA A 502 -2.89 -21.27 -58.45
C ALA A 502 -2.36 -22.60 -58.97
N GLY A 503 -2.68 -23.68 -58.26
CA GLY A 503 -2.21 -25.00 -58.66
C GLY A 503 -2.66 -25.39 -60.04
N ASP A 504 -3.96 -25.22 -60.28
CA ASP A 504 -4.56 -25.60 -61.55
C ASP A 504 -4.07 -24.75 -62.71
N TYR A 505 -3.76 -23.48 -62.44
CA TYR A 505 -3.18 -22.60 -63.44
C TYR A 505 -1.83 -23.12 -63.90
N PHE A 506 -0.97 -23.49 -62.96
CA PHE A 506 0.34 -24.02 -63.32
C PHE A 506 0.24 -25.36 -64.03
N LYS A 507 -0.75 -26.16 -63.65
CA LYS A 507 -0.99 -27.43 -64.34
C LYS A 507 -1.35 -27.17 -65.79
N ALA A 508 -2.27 -26.24 -66.00
CA ALA A 508 -2.77 -25.93 -67.33
C ALA A 508 -1.69 -25.36 -68.23
N LEU A 509 -0.90 -24.43 -67.73
CA LEU A 509 0.04 -23.69 -68.57
C LEU A 509 1.40 -24.34 -68.71
N TYR A 510 1.84 -25.11 -67.72
CA TYR A 510 3.17 -25.70 -67.73
C TYR A 510 3.21 -27.22 -67.57
N GLY A 511 2.03 -27.85 -67.50
CA GLY A 511 1.95 -29.29 -67.31
C GLY A 511 2.79 -29.78 -66.14
N THR A 512 2.64 -29.11 -65.00
CA THR A 512 3.40 -29.46 -63.81
C THR A 512 3.04 -30.85 -63.29
N ASP A 513 1.83 -31.32 -63.61
CA ASP A 513 1.41 -32.65 -63.19
C ASP A 513 1.90 -33.74 -64.12
N LYS A 514 2.63 -33.38 -65.18
CA LYS A 514 3.09 -34.36 -66.18
C LYS A 514 4.41 -35.04 -65.79
N SER A 515 5.33 -34.27 -65.23
CA SER A 515 6.66 -34.77 -64.90
C SER A 515 7.30 -33.99 -63.76
N ASP A 516 8.34 -34.57 -63.18
CA ASP A 516 9.11 -33.88 -62.19
C ASP A 516 9.91 -32.73 -62.80
N ALA A 517 10.29 -32.84 -64.06
CA ALA A 517 11.04 -31.78 -64.73
C ALA A 517 10.20 -30.54 -64.94
N ASN A 518 8.94 -30.74 -65.32
CA ASN A 518 7.98 -29.63 -65.46
C ASN A 518 7.67 -28.96 -64.12
N ALA A 519 7.36 -29.80 -63.13
CA ALA A 519 7.05 -29.35 -61.79
C ALA A 519 8.20 -28.58 -61.22
N ASN A 520 9.40 -29.15 -61.29
CA ASN A 520 10.55 -28.54 -60.64
C ASN A 520 11.09 -27.32 -61.40
N LYS A 521 10.64 -27.09 -62.63
CA LYS A 521 10.94 -25.86 -63.38
C LYS A 521 10.21 -24.63 -62.85
N HIS A 522 9.19 -24.87 -62.04
CA HIS A 522 8.39 -23.80 -61.48
C HIS A 522 8.19 -24.06 -59.99
N LEU A 523 9.30 -24.08 -59.26
CA LEU A 523 9.27 -24.21 -57.80
C LEU A 523 8.41 -23.15 -57.19
N SER A 524 7.47 -23.60 -56.35
CA SER A 524 6.51 -22.75 -55.65
C SER A 524 6.32 -23.17 -54.19
N ILE A 525 6.32 -22.20 -53.28
CA ILE A 525 6.25 -22.47 -51.84
C ILE A 525 5.07 -21.76 -51.16
N LEU A 526 4.70 -22.24 -49.98
CA LEU A 526 3.61 -21.69 -49.21
C LEU A 526 4.13 -21.19 -47.89
N GLU A 527 3.64 -20.03 -47.45
CA GLU A 527 3.74 -19.60 -46.05
C GLU A 527 2.51 -20.15 -45.34
N ASP A 528 2.62 -21.38 -44.81
CA ASP A 528 1.50 -22.09 -44.22
C ASP A 528 1.84 -22.58 -42.83
N TRP A 529 1.56 -21.74 -41.83
CA TRP A 529 2.09 -21.98 -40.46
C TRP A 529 1.32 -23.04 -39.67
N ASN A 530 0.03 -23.21 -39.93
CA ASN A 530 -0.78 -24.16 -39.16
C ASN A 530 -0.18 -25.55 -39.25
N GLY A 531 -0.08 -26.19 -38.10
CA GLY A 531 0.52 -27.51 -38.00
C GLY A 531 -0.21 -28.62 -38.73
N LYS A 532 -1.45 -28.38 -39.16
CA LYS A 532 -2.18 -29.38 -39.95
C LYS A 532 -2.21 -29.05 -41.45
N ASP A 533 -1.57 -27.96 -41.86
CA ASP A 533 -1.49 -27.61 -43.28
C ASP A 533 -0.71 -28.64 -44.13
N PRO A 534 0.43 -29.14 -43.62
CA PRO A 534 1.18 -30.12 -44.39
C PRO A 534 0.37 -31.27 -44.90
N GLN A 535 -0.52 -31.83 -44.07
CA GLN A 535 -1.33 -32.98 -44.46
C GLN A 535 -2.41 -32.56 -45.48
N TYR A 536 -2.97 -31.37 -45.31
CA TYR A 536 -3.90 -30.83 -46.29
C TYR A 536 -3.23 -30.70 -47.64
N VAL A 537 -2.10 -30.01 -47.66
CA VAL A 537 -1.37 -29.73 -48.90
C VAL A 537 -1.08 -31.04 -49.65
N ASN A 538 -0.72 -32.07 -48.90
CA ASN A 538 -0.40 -33.37 -49.47
C ASN A 538 -1.64 -34.11 -50.01
N GLN A 539 -2.78 -33.99 -49.33
CA GLN A 539 -4.03 -34.58 -49.85
C GLN A 539 -4.41 -33.91 -51.14
N GLN A 540 -4.12 -32.62 -51.26
CA GLN A 540 -4.46 -31.88 -52.46
C GLN A 540 -3.40 -32.00 -53.55
N GLY A 541 -2.39 -32.83 -53.35
CA GLY A 541 -1.45 -33.16 -54.42
C GLY A 541 -0.22 -32.28 -54.53
N ASN A 542 0.10 -31.58 -53.46
CA ASN A 542 1.33 -30.80 -53.39
C ASN A 542 1.58 -29.87 -54.58
N ALA A 543 0.60 -29.06 -54.97
CA ALA A 543 0.81 -28.09 -56.06
C ALA A 543 1.80 -27.01 -55.67
N GLN A 544 1.91 -26.72 -54.38
CA GLN A 544 2.97 -25.88 -53.85
C GLN A 544 3.56 -26.57 -52.64
N LEU A 545 4.83 -26.32 -52.38
CA LEU A 545 5.53 -26.97 -51.29
C LEU A 545 5.12 -26.41 -49.93
N THR A 546 4.70 -27.29 -49.02
CA THR A 546 4.49 -26.86 -47.63
C THR A 546 5.80 -26.52 -46.94
N MET A 547 5.74 -25.65 -45.95
CA MET A 547 6.91 -25.47 -45.09
C MET A 547 6.94 -26.65 -44.13
N ASP A 548 8.08 -26.82 -43.49
CA ASP A 548 8.24 -27.80 -42.43
C ASP A 548 8.64 -27.09 -41.15
N TYR A 549 7.64 -26.64 -40.42
CA TYR A 549 7.90 -25.94 -39.17
C TYR A 549 8.47 -26.86 -38.11
N THR A 550 8.24 -28.17 -38.20
CA THR A 550 8.66 -29.06 -37.14
C THR A 550 10.17 -29.03 -36.99
N VAL A 551 10.91 -28.97 -38.10
CA VAL A 551 12.37 -28.88 -38.01
C VAL A 551 12.84 -27.46 -37.63
N THR A 552 12.21 -26.43 -38.18
CA THR A 552 12.51 -25.03 -37.81
C THR A 552 12.30 -24.82 -36.30
N SER A 553 11.21 -25.39 -35.81
CA SER A 553 10.87 -25.36 -34.40
C SER A 553 11.97 -26.04 -33.55
N GLN A 554 12.40 -27.22 -33.95
CA GLN A 554 13.39 -27.96 -33.19
C GLN A 554 14.74 -27.28 -33.18
N PHE A 555 15.08 -26.55 -34.24
CA PHE A 555 16.28 -25.74 -34.22
C PHE A 555 16.16 -24.70 -33.11
N GLY A 556 14.98 -24.12 -33.00
CA GLY A 556 14.73 -23.13 -31.97
C GLY A 556 15.03 -23.68 -30.59
N ASN A 557 14.47 -24.85 -30.30
CA ASN A 557 14.51 -25.40 -28.96
C ASN A 557 15.85 -25.98 -28.60
N SER A 558 16.51 -26.61 -29.57
CA SER A 558 17.75 -27.33 -29.32
C SER A 558 19.06 -26.57 -29.61
N LEU A 559 19.03 -25.50 -30.41
CA LEU A 559 20.26 -24.81 -30.81
C LEU A 559 20.16 -23.31 -30.86
N THR A 560 19.17 -22.84 -31.59
CA THR A 560 19.04 -21.47 -32.00
C THR A 560 18.62 -20.53 -30.88
N HIS A 561 17.72 -20.99 -29.99
CA HIS A 561 17.23 -20.15 -28.90
C HIS A 561 17.75 -20.49 -27.52
N GLY A 562 18.29 -19.47 -26.87
CA GLY A 562 18.57 -19.52 -25.46
C GLY A 562 20.02 -19.81 -25.20
N ALA A 563 20.55 -19.14 -24.18
CA ALA A 563 21.93 -19.28 -23.78
C ALA A 563 22.20 -20.61 -23.12
N ASN A 564 21.21 -21.21 -22.46
CA ASN A 564 21.51 -22.45 -21.73
C ASN A 564 20.50 -23.59 -21.85
N ASN A 565 19.34 -23.49 -21.21
CA ASN A 565 18.51 -24.67 -21.10
C ASN A 565 17.88 -24.87 -22.42
N ARG A 566 18.35 -25.89 -23.12
CA ARG A 566 17.95 -26.15 -24.48
C ARG A 566 17.47 -27.59 -24.54
N SER A 567 16.53 -27.88 -25.42
CA SER A 567 16.10 -29.27 -25.59
C SER A 567 17.29 -30.05 -26.13
N ASN A 568 17.41 -31.30 -25.71
CA ASN A 568 18.47 -32.16 -26.24
C ASN A 568 18.36 -32.37 -27.75
N MET A 569 19.51 -32.63 -28.34
CA MET A 569 19.60 -32.97 -29.75
C MET A 569 18.80 -34.23 -30.04
N TRP A 570 18.67 -35.10 -29.03
CA TRP A 570 17.78 -36.27 -29.11
C TRP A 570 16.45 -35.97 -29.79
N TYR A 571 15.89 -34.79 -29.51
CA TYR A 571 14.57 -34.47 -30.02
C TYR A 571 14.49 -34.39 -31.54
N PHE A 572 15.61 -34.10 -32.19
CA PHE A 572 15.66 -34.11 -33.65
C PHE A 572 15.34 -35.47 -34.29
N LEU A 573 15.60 -36.56 -33.58
CA LEU A 573 15.38 -37.90 -34.13
C LEU A 573 13.91 -38.26 -34.25
N ASP A 574 13.13 -37.92 -33.22
CA ASP A 574 11.72 -38.31 -33.12
C ASP A 574 11.63 -39.83 -33.14
N THR A 575 12.21 -40.46 -32.14
CA THR A 575 12.28 -41.94 -32.10
C THR A 575 10.90 -42.60 -32.01
N GLY A 576 9.96 -41.88 -31.40
CA GLY A 576 8.57 -42.29 -31.38
C GLY A 576 8.02 -42.67 -32.73
N TYR A 577 8.67 -42.22 -33.79
CA TYR A 577 8.31 -42.63 -35.13
C TYR A 577 8.20 -44.14 -35.19
N TYR A 578 9.19 -44.82 -34.60
CA TYR A 578 9.20 -46.28 -34.46
C TYR A 578 8.52 -46.75 -33.17
N LEU A 579 7.93 -47.95 -33.19
CA LEU A 579 7.28 -48.53 -31.99
C LEU A 579 8.29 -48.69 -30.87
N ASN A 580 7.98 -48.16 -29.68
CA ASN A 580 8.86 -48.24 -28.49
C ASN A 580 10.24 -47.62 -28.73
N GLY A 581 10.32 -46.59 -29.55
CA GLY A 581 11.61 -46.13 -30.00
C GLY A 581 12.60 -47.27 -30.21
N ASP A 582 12.13 -48.40 -30.77
CA ASP A 582 12.98 -49.58 -30.99
C ASP A 582 13.87 -49.35 -32.20
N LEU A 583 15.02 -48.72 -31.94
CA LEU A 583 15.99 -48.46 -32.97
C LEU A 583 16.62 -49.77 -33.40
N ASN A 584 16.54 -50.80 -32.57
CA ASN A 584 16.99 -52.13 -33.00
C ASN A 584 16.00 -52.78 -33.95
N LYS A 585 14.71 -52.66 -33.65
CA LYS A 585 13.69 -53.38 -34.40
C LYS A 585 13.07 -52.55 -35.54
N LYS A 586 12.90 -51.24 -35.33
CA LYS A 586 12.47 -50.30 -36.37
C LYS A 586 11.12 -50.62 -37.00
N ILE A 587 10.14 -50.86 -36.16
CA ILE A 587 8.79 -51.07 -36.63
C ILE A 587 8.08 -49.71 -36.60
N VAL A 588 7.59 -49.26 -37.77
CA VAL A 588 6.94 -47.96 -37.88
C VAL A 588 5.61 -48.04 -37.16
N ASP A 589 5.30 -46.99 -36.40
CA ASP A 589 4.07 -46.91 -35.62
C ASP A 589 2.96 -46.34 -36.50
N LYS A 590 2.07 -47.23 -36.95
CA LYS A 590 1.04 -46.89 -37.92
C LYS A 590 0.00 -45.93 -37.33
N ASN A 591 -0.12 -45.90 -36.01
CA ASN A 591 -1.08 -45.02 -35.35
C ASN A 591 -0.44 -44.24 -34.23
N ARG A 592 -0.28 -42.94 -34.44
CA ARG A 592 0.21 -42.03 -33.40
C ARG A 592 -0.71 -40.81 -33.24
N PRO A 593 -0.67 -40.14 -32.07
CA PRO A 593 -1.44 -38.88 -31.90
C PRO A 593 -1.05 -37.65 -32.79
N ASN A 594 -0.95 -37.84 -34.12
CA ASN A 594 -0.71 -36.75 -35.09
C ASN A 594 0.47 -35.84 -34.73
N SER A 595 1.63 -36.46 -34.47
CA SER A 595 2.77 -35.75 -33.88
C SER A 595 4.12 -36.04 -34.56
N GLY A 596 5.16 -35.43 -34.03
CA GLY A 596 6.53 -35.70 -34.44
C GLY A 596 6.95 -34.87 -35.63
N THR A 597 8.18 -35.10 -36.07
CA THR A 597 8.74 -34.36 -37.18
C THR A 597 8.18 -34.91 -38.49
N LEU A 598 8.06 -34.06 -39.49
CA LEU A 598 7.42 -34.38 -40.78
C LEU A 598 8.07 -35.51 -41.58
N VAL A 599 9.40 -35.57 -41.52
CA VAL A 599 10.20 -36.56 -42.23
C VAL A 599 11.16 -37.19 -41.26
N ASN A 600 11.08 -38.49 -41.07
CA ASN A 600 12.01 -39.13 -40.17
C ASN A 600 13.35 -39.33 -40.85
N ARG A 601 14.43 -39.08 -40.12
CA ARG A 601 15.78 -39.15 -40.67
C ARG A 601 16.73 -40.08 -39.91
N ILE A 602 16.18 -40.91 -39.06
CA ILE A 602 16.98 -41.83 -38.28
C ILE A 602 17.65 -42.82 -39.21
N ALA A 603 16.86 -43.40 -40.10
CA ALA A 603 17.37 -44.32 -41.12
C ALA A 603 16.53 -44.22 -42.37
N ASN A 604 16.71 -43.12 -43.09
CA ASN A 604 15.90 -42.80 -44.27
C ASN A 604 16.59 -43.29 -45.53
N SER A 605 16.12 -44.42 -46.04
CA SER A 605 16.65 -45.05 -47.25
C SER A 605 15.85 -44.72 -48.52
N GLY A 606 14.90 -43.79 -48.44
CA GLY A 606 14.05 -43.44 -49.57
C GLY A 606 13.04 -44.51 -49.93
N ASP A 607 12.72 -45.40 -48.98
CA ASP A 607 11.75 -46.47 -49.23
C ASP A 607 10.30 -46.10 -48.91
N THR A 608 10.08 -45.10 -48.05
CA THR A 608 8.72 -44.66 -47.71
C THR A 608 8.41 -43.30 -48.31
N LYS A 609 7.21 -43.14 -48.85
CA LYS A 609 6.77 -41.87 -49.42
C LYS A 609 6.70 -40.84 -48.31
N VAL A 610 7.16 -39.62 -48.57
CA VAL A 610 7.10 -38.57 -47.57
C VAL A 610 6.60 -37.26 -48.18
N ILE A 611 6.08 -36.35 -47.36
CA ILE A 611 5.50 -35.09 -47.86
C ILE A 611 6.56 -34.08 -48.32
N PRO A 612 6.57 -33.72 -49.62
CA PRO A 612 7.60 -32.82 -50.09
C PRO A 612 7.49 -31.47 -49.43
N ASN A 613 8.63 -30.86 -49.12
CA ASN A 613 8.65 -29.65 -48.28
C ASN A 613 9.90 -28.80 -48.42
N TYR A 614 9.78 -27.52 -48.05
CA TYR A 614 10.95 -26.66 -47.89
C TYR A 614 11.15 -26.42 -46.43
N SER A 615 12.37 -26.09 -46.03
CA SER A 615 12.67 -25.84 -44.62
C SER A 615 13.67 -24.72 -44.45
N PHE A 616 13.68 -24.12 -43.27
CA PHE A 616 14.61 -23.03 -43.00
C PHE A 616 14.97 -22.86 -41.54
N VAL A 617 16.05 -22.13 -41.30
CA VAL A 617 16.45 -21.73 -39.95
C VAL A 617 15.87 -20.36 -39.63
N ARG A 618 15.98 -19.42 -40.55
CA ARG A 618 15.40 -18.08 -40.40
C ARG A 618 14.70 -17.61 -41.64
N ALA A 619 13.97 -16.52 -41.50
CA ALA A 619 13.32 -15.92 -42.63
C ALA A 619 13.23 -14.42 -42.45
N HIS A 620 12.85 -13.74 -43.52
CA HIS A 620 12.66 -12.28 -43.47
C HIS A 620 11.68 -11.92 -42.37
N ASP A 621 10.76 -12.85 -42.10
CA ASP A 621 9.74 -12.71 -41.09
C ASP A 621 9.82 -13.77 -39.97
N TYR A 622 10.97 -14.40 -39.75
CA TYR A 622 11.08 -15.36 -38.65
C TYR A 622 12.45 -15.19 -38.00
N ASP A 623 12.46 -14.96 -36.69
CA ASP A 623 13.65 -14.58 -35.93
C ASP A 623 14.40 -13.36 -36.49
N ALA A 624 13.67 -12.40 -37.03
CA ALA A 624 14.28 -11.16 -37.50
C ALA A 624 13.56 -9.93 -36.94
N GLN A 625 12.31 -9.76 -37.33
CA GLN A 625 11.56 -8.56 -36.98
C GLN A 625 11.46 -8.30 -35.50
N ASP A 626 11.21 -9.34 -34.71
CA ASP A 626 11.10 -9.14 -33.26
C ASP A 626 12.45 -8.77 -32.60
N PRO A 627 13.47 -9.62 -32.75
CA PRO A 627 14.77 -9.22 -32.25
C PRO A 627 15.24 -7.81 -32.65
N ILE A 628 15.15 -7.45 -33.92
CA ILE A 628 15.65 -6.14 -34.36
C ILE A 628 14.97 -5.02 -33.61
N ARG A 629 13.68 -5.20 -33.32
CA ARG A 629 12.91 -4.20 -32.55
C ARG A 629 13.18 -4.26 -31.05
N LYS A 630 13.24 -5.46 -30.47
CA LYS A 630 13.64 -5.60 -29.06
C LYS A 630 14.93 -4.84 -28.80
N ALA A 631 15.88 -4.94 -29.72
CA ALA A 631 17.13 -4.21 -29.64
C ALA A 631 16.92 -2.70 -29.61
N MET A 632 16.02 -2.19 -30.43
CA MET A 632 15.73 -0.75 -30.46
C MET A 632 15.04 -0.30 -29.18
N ILE A 633 14.15 -1.15 -28.66
CA ILE A 633 13.42 -0.90 -27.41
C ILE A 633 14.40 -0.87 -26.23
N ASP A 634 15.28 -1.85 -26.24
CA ASP A 634 16.26 -2.04 -25.18
C ASP A 634 17.20 -0.87 -25.07
N HIS A 635 17.46 -0.16 -26.16
CA HIS A 635 18.34 1.01 -26.17
C HIS A 635 17.54 2.32 -26.23
N GLY A 636 16.26 2.27 -25.87
CA GLY A 636 15.41 3.47 -25.82
C GLY A 636 15.16 4.21 -27.13
N ILE A 637 15.34 3.54 -28.26
CA ILE A 637 15.13 4.17 -29.56
C ILE A 637 13.65 4.24 -29.89
N ILE A 638 12.88 3.27 -29.43
CA ILE A 638 11.42 3.32 -29.51
C ILE A 638 10.90 2.76 -28.21
N LYS A 639 9.59 2.93 -27.95
CA LYS A 639 9.02 2.42 -26.71
C LYS A 639 8.25 1.13 -26.91
N ASN A 640 7.45 1.07 -27.99
CA ASN A 640 6.65 -0.12 -28.29
C ASN A 640 7.03 -0.82 -29.59
N MET A 641 6.71 -2.11 -29.68
CA MET A 641 6.93 -2.86 -30.92
C MET A 641 6.13 -2.28 -32.09
N GLN A 642 4.95 -1.72 -31.79
CA GLN A 642 4.08 -1.11 -32.81
C GLN A 642 4.43 0.33 -33.11
N ASP A 643 5.32 0.87 -32.31
CA ASP A 643 5.81 2.21 -32.49
C ASP A 643 6.29 2.46 -33.91
N THR A 644 6.02 3.65 -34.45
CA THR A 644 6.61 4.06 -35.70
C THR A 644 8.05 4.50 -35.51
N PHE A 645 8.94 4.01 -36.38
CA PHE A 645 10.33 4.46 -36.38
C PHE A 645 10.79 4.94 -37.76
N THR A 646 11.80 5.82 -37.76
CA THR A 646 12.39 6.33 -38.98
C THR A 646 13.52 5.38 -39.39
N PHE A 647 13.97 5.51 -40.63
CA PHE A 647 15.13 4.75 -41.13
C PHE A 647 16.40 5.07 -40.35
N ASP A 648 16.62 6.33 -39.98
CA ASP A 648 17.77 6.70 -39.13
C ASP A 648 17.69 6.01 -37.76
N GLN A 649 16.49 5.94 -37.20
CA GLN A 649 16.28 5.23 -35.96
C GLN A 649 16.65 3.76 -36.14
N LEU A 650 16.25 3.19 -37.27
CA LEU A 650 16.56 1.80 -37.57
C LEU A 650 18.06 1.57 -37.66
N ALA A 651 18.76 2.46 -38.34
CA ALA A 651 20.20 2.33 -38.54
C ALA A 651 20.98 2.31 -37.23
N GLN A 652 20.58 3.18 -36.29
CA GLN A 652 21.18 3.24 -34.96
C GLN A 652 20.96 1.96 -34.20
N GLY A 653 19.73 1.45 -34.23
CA GLY A 653 19.40 0.20 -33.58
C GLY A 653 20.17 -0.97 -34.18
N MET A 654 20.31 -0.94 -35.51
CA MET A 654 21.02 -1.97 -36.23
C MET A 654 22.44 -2.10 -35.77
N GLU A 655 23.05 -0.99 -35.40
CA GLU A 655 24.43 -1.03 -34.92
C GLU A 655 24.55 -1.82 -33.63
N PHE A 656 23.53 -1.75 -32.77
CA PHE A 656 23.55 -2.51 -31.51
C PHE A 656 23.31 -3.98 -31.82
N TYR A 657 22.42 -4.23 -32.75
CA TYR A 657 22.09 -5.57 -33.21
C TYR A 657 23.30 -6.27 -33.80
N TYR A 658 24.04 -5.56 -34.65
CA TYR A 658 25.25 -6.15 -35.24
C TYR A 658 26.28 -6.42 -34.15
N LYS A 659 26.48 -5.47 -33.25
CA LYS A 659 27.40 -5.59 -32.12
C LYS A 659 27.11 -6.84 -31.28
N ASP A 660 25.83 -7.10 -31.05
CA ASP A 660 25.35 -8.27 -30.30
C ASP A 660 25.55 -9.57 -31.07
N GLN A 661 25.25 -9.53 -32.36
CA GLN A 661 25.42 -10.69 -33.25
C GLN A 661 26.87 -11.17 -33.28
N GLU A 662 27.80 -10.23 -33.39
CA GLU A 662 29.22 -10.53 -33.61
C GLU A 662 30.02 -10.57 -32.30
N ASN A 663 29.32 -10.60 -31.18
CA ASN A 663 29.95 -10.49 -29.88
C ASN A 663 30.92 -11.64 -29.64
N PRO A 664 32.22 -11.34 -29.40
CA PRO A 664 33.18 -12.40 -29.16
C PRO A 664 32.93 -13.18 -27.87
N SER A 665 32.28 -12.57 -26.89
CA SER A 665 31.89 -13.27 -25.67
C SER A 665 31.14 -14.54 -26.02
N GLY A 666 30.29 -14.47 -27.04
CA GLY A 666 29.52 -15.61 -27.48
C GLY A 666 28.08 -15.59 -27.00
N PHE A 667 27.77 -14.63 -26.14
CA PHE A 667 26.44 -14.44 -25.65
C PHE A 667 25.70 -13.55 -26.63
N LYS A 668 24.43 -13.86 -26.83
CA LYS A 668 23.56 -13.17 -27.79
C LYS A 668 22.24 -12.83 -27.12
N LYS A 669 21.90 -11.55 -27.12
CA LYS A 669 20.70 -11.09 -26.44
C LYS A 669 19.50 -11.06 -27.39
N TYR A 670 19.71 -10.54 -28.59
CA TYR A 670 18.65 -10.47 -29.60
C TYR A 670 18.83 -11.51 -30.69
N ASN A 671 20.08 -11.79 -31.05
CA ASN A 671 20.41 -12.71 -32.13
C ASN A 671 20.32 -14.18 -31.74
N ASP A 672 20.31 -15.04 -32.75
CA ASP A 672 20.26 -16.50 -32.60
C ASP A 672 21.64 -17.14 -32.42
N TYR A 673 21.68 -18.13 -31.54
CA TYR A 673 22.86 -18.96 -31.30
C TYR A 673 22.97 -20.07 -32.36
N ASN A 674 24.21 -20.51 -32.61
CA ASN A 674 24.46 -21.75 -33.37
C ASN A 674 23.94 -21.77 -34.81
N LEU A 675 23.95 -20.62 -35.48
CA LEU A 675 23.45 -20.58 -36.85
C LEU A 675 24.23 -21.45 -37.82
N PRO A 676 25.57 -21.44 -37.74
CA PRO A 676 26.34 -22.37 -38.56
C PRO A 676 25.93 -23.83 -38.35
N SER A 677 25.76 -24.24 -37.10
CA SER A 677 25.47 -25.63 -36.80
C SER A 677 24.09 -25.99 -37.34
N ALA A 678 23.18 -25.02 -37.24
CA ALA A 678 21.84 -25.17 -37.78
C ALA A 678 21.86 -25.34 -39.30
N TYR A 679 22.65 -24.52 -39.98
CA TYR A 679 22.77 -24.62 -41.43
C TYR A 679 23.44 -25.94 -41.84
N ALA A 680 24.39 -26.42 -41.05
CA ALA A 680 25.03 -27.69 -41.35
C ALA A 680 23.97 -28.80 -41.44
N MET A 681 22.97 -28.75 -40.57
CA MET A 681 21.93 -29.79 -40.59
C MET A 681 20.92 -29.51 -41.67
N LEU A 682 20.52 -28.26 -41.81
CA LEU A 682 19.54 -27.90 -42.82
C LEU A 682 20.02 -28.31 -44.20
N LEU A 683 21.31 -28.11 -44.46
CA LEU A 683 21.89 -28.33 -45.78
C LEU A 683 22.31 -29.77 -46.08
N THR A 684 22.27 -30.66 -45.08
CA THR A 684 22.57 -32.08 -45.31
C THR A 684 21.35 -32.97 -45.23
N ASN A 685 20.20 -32.45 -44.80
CA ASN A 685 19.02 -33.27 -44.64
C ASN A 685 18.43 -33.76 -45.94
N LYS A 686 18.10 -35.05 -45.96
CA LYS A 686 17.36 -35.66 -47.06
C LYS A 686 15.89 -35.24 -47.05
N ASP A 687 15.26 -35.32 -48.22
CA ASP A 687 13.83 -35.06 -48.39
C ASP A 687 13.39 -33.68 -47.91
N THR A 688 14.10 -32.65 -48.37
CA THR A 688 13.71 -31.26 -48.14
C THR A 688 14.39 -30.39 -49.14
N VAL A 689 13.74 -29.28 -49.49
CA VAL A 689 14.36 -28.20 -50.24
C VAL A 689 14.76 -27.13 -49.23
N PRO A 690 16.05 -27.02 -48.90
CA PRO A 690 16.44 -25.99 -47.93
C PRO A 690 16.33 -24.58 -48.46
N ARG A 691 16.01 -23.65 -47.56
CA ARG A 691 15.98 -22.24 -47.89
C ARG A 691 16.91 -21.43 -47.01
N VAL A 692 17.69 -20.60 -47.67
CA VAL A 692 18.72 -19.80 -47.03
C VAL A 692 18.34 -18.33 -46.98
N TYR A 693 18.56 -17.73 -45.82
CA TYR A 693 18.08 -16.37 -45.55
C TYR A 693 19.21 -15.40 -45.81
N TYR A 694 18.95 -14.43 -46.70
CA TYR A 694 19.89 -13.35 -46.97
C TYR A 694 20.58 -12.81 -45.71
N GLY A 695 19.81 -12.64 -44.65
CA GLY A 695 20.31 -12.04 -43.42
C GLY A 695 21.21 -12.90 -42.58
N ASP A 696 21.35 -14.17 -42.92
CA ASP A 696 22.37 -15.01 -42.30
C ASP A 696 23.66 -14.97 -43.11
N MET A 697 23.56 -14.45 -44.33
CA MET A 697 24.70 -14.33 -45.24
C MET A 697 25.26 -12.90 -45.25
N TYR A 698 24.37 -11.92 -45.26
CA TYR A 698 24.78 -10.52 -45.23
C TYR A 698 24.01 -9.83 -44.14
N LEU A 699 24.48 -8.66 -43.72
CA LEU A 699 23.84 -7.97 -42.63
C LEU A 699 22.46 -7.48 -43.05
N GLU A 700 21.49 -7.64 -42.15
CA GLU A 700 20.08 -7.37 -42.45
C GLU A 700 19.72 -5.92 -42.70
N GLY A 701 20.54 -5.00 -42.22
CA GLY A 701 20.30 -3.57 -42.42
C GLY A 701 21.27 -2.96 -43.41
N GLY A 702 21.15 -1.65 -43.59
CA GLY A 702 22.03 -0.96 -44.52
C GLY A 702 21.76 -1.41 -45.94
N GLN A 703 22.83 -1.41 -46.73
CA GLN A 703 22.70 -1.54 -48.18
C GLN A 703 22.73 -3.01 -48.57
N TYR A 704 22.13 -3.35 -49.71
CA TYR A 704 22.00 -4.73 -50.12
C TYR A 704 23.38 -5.29 -50.39
N MET A 705 23.69 -6.42 -49.76
CA MET A 705 25.00 -7.05 -49.90
C MET A 705 26.18 -6.15 -49.50
N GLU A 706 25.96 -5.21 -48.59
CA GLU A 706 27.02 -4.27 -48.18
C GLU A 706 28.18 -4.94 -47.44
N LYS A 707 27.86 -5.89 -46.58
CA LYS A 707 28.85 -6.53 -45.75
C LYS A 707 28.40 -7.91 -45.31
N GLY A 708 29.25 -8.90 -45.49
CA GLY A 708 28.91 -10.26 -45.12
C GLY A 708 28.84 -10.37 -43.61
N THR A 709 28.16 -11.41 -43.16
CA THR A 709 28.07 -11.71 -41.75
C THR A 709 29.25 -12.58 -41.39
N ILE A 710 29.45 -12.79 -40.09
CA ILE A 710 30.52 -13.70 -39.66
C ILE A 710 30.21 -15.16 -40.05
N TYR A 711 28.94 -15.47 -40.28
CA TYR A 711 28.55 -16.82 -40.66
C TYR A 711 28.82 -17.12 -42.15
N ASN A 712 29.02 -16.08 -42.95
CA ASN A 712 29.08 -16.26 -44.41
C ASN A 712 30.06 -17.34 -44.91
N PRO A 713 31.32 -17.31 -44.43
CA PRO A 713 32.27 -18.32 -44.89
C PRO A 713 31.80 -19.76 -44.65
N VAL A 714 31.25 -20.03 -43.46
CA VAL A 714 30.87 -21.39 -43.09
C VAL A 714 29.68 -21.87 -43.90
N ILE A 715 28.69 -21.00 -44.02
CA ILE A 715 27.49 -21.35 -44.77
C ILE A 715 27.84 -21.51 -46.25
N SER A 716 28.73 -20.66 -46.77
CA SER A 716 29.17 -20.73 -48.16
C SER A 716 29.85 -22.06 -48.47
N ALA A 717 30.66 -22.52 -47.52
CA ALA A 717 31.35 -23.81 -47.63
C ALA A 717 30.38 -24.98 -47.63
N LEU A 718 29.42 -24.93 -46.71
CA LEU A 718 28.39 -25.95 -46.64
C LEU A 718 27.59 -26.01 -47.94
N LEU A 719 27.32 -24.84 -48.52
CA LEU A 719 26.52 -24.77 -49.74
C LEU A 719 27.22 -25.39 -50.93
N LYS A 720 28.52 -25.14 -51.03
CA LYS A 720 29.33 -25.69 -52.11
C LYS A 720 29.60 -27.17 -51.93
N ALA A 721 29.81 -27.57 -50.68
CA ALA A 721 29.94 -28.98 -50.32
C ALA A 721 28.66 -29.74 -50.63
N ARG A 722 27.50 -29.09 -50.49
CA ARG A 722 26.24 -29.76 -50.73
C ARG A 722 26.15 -30.20 -52.17
N ILE A 723 26.68 -29.38 -53.08
CA ILE A 723 26.66 -29.70 -54.52
C ILE A 723 27.52 -30.91 -54.82
N LYS A 724 28.71 -30.94 -54.22
CA LYS A 724 29.71 -31.99 -54.43
C LYS A 724 29.38 -33.33 -53.78
N TYR A 725 28.89 -33.30 -52.55
CA TYR A 725 28.84 -34.52 -51.74
C TYR A 725 27.48 -35.00 -51.29
N VAL A 726 26.49 -34.13 -51.22
CA VAL A 726 25.25 -34.50 -50.54
C VAL A 726 24.32 -35.26 -51.47
N SER A 727 24.29 -36.59 -51.29
CA SER A 727 23.28 -37.41 -51.93
C SER A 727 23.12 -38.73 -51.20
N GLY A 728 22.13 -39.51 -51.64
CA GLY A 728 21.88 -40.83 -51.09
C GLY A 728 21.09 -40.79 -49.81
N GLY A 729 21.06 -41.94 -49.16
CA GLY A 729 20.27 -42.13 -47.96
C GLY A 729 20.84 -41.35 -46.81
N GLN A 730 20.09 -41.30 -45.72
CA GLN A 730 20.51 -40.60 -44.51
C GLN A 730 20.34 -41.47 -43.28
N THR A 731 21.23 -41.25 -42.31
CA THR A 731 21.00 -41.70 -40.94
C THR A 731 21.29 -40.58 -39.99
N MET A 732 20.75 -40.71 -38.80
CA MET A 732 20.88 -39.71 -37.78
C MET A 732 20.73 -40.40 -36.44
N ALA A 733 21.61 -40.06 -35.52
CA ALA A 733 21.64 -40.68 -34.19
C ALA A 733 22.16 -39.66 -33.18
N THR A 734 21.96 -39.94 -31.90
CA THR A 734 22.52 -39.10 -30.84
C THR A 734 23.05 -39.96 -29.75
N ASP A 735 24.09 -39.49 -29.09
CA ASP A 735 24.63 -40.13 -27.92
C ASP A 735 23.72 -39.78 -26.75
N SER A 736 22.50 -40.27 -26.78
CA SER A 736 21.48 -39.81 -25.88
C SER A 736 20.24 -40.63 -26.07
N SER A 737 19.48 -40.81 -25.00
CA SER A 737 18.32 -41.66 -25.01
C SER A 737 17.02 -40.94 -24.67
N GLY A 738 17.09 -39.66 -24.33
CA GLY A 738 15.88 -38.91 -23.96
C GLY A 738 16.17 -37.54 -23.40
N LYS A 739 15.29 -37.02 -22.54
CA LYS A 739 15.49 -35.75 -21.85
C LYS A 739 16.77 -35.73 -21.01
N ASP A 740 17.06 -36.85 -20.36
CA ASP A 740 18.08 -36.90 -19.32
C ASP A 740 19.28 -37.71 -19.78
N LEU A 741 20.48 -37.32 -19.33
CA LEU A 741 21.72 -37.95 -19.79
C LEU A 741 22.35 -38.83 -18.73
N LYS A 742 22.65 -40.06 -19.11
CA LYS A 742 23.46 -40.95 -18.29
C LYS A 742 24.93 -40.50 -18.26
N ASP A 743 25.73 -41.18 -17.45
CA ASP A 743 27.12 -40.79 -17.17
C ASP A 743 28.01 -40.45 -18.40
N GLY A 744 28.19 -41.42 -19.30
CA GLY A 744 29.08 -41.25 -20.45
C GLY A 744 28.51 -40.35 -21.54
N GLU A 745 27.21 -40.10 -21.50
CA GLU A 745 26.47 -39.55 -22.63
C GLU A 745 26.75 -38.06 -22.87
N THR A 746 26.96 -37.75 -24.14
CA THR A 746 27.35 -36.43 -24.60
C THR A 746 26.21 -35.61 -25.19
N ASP A 747 25.20 -36.31 -25.71
CA ASP A 747 24.08 -35.72 -26.46
C ASP A 747 24.56 -35.02 -27.73
N LEU A 748 25.47 -35.71 -28.42
CA LEU A 748 26.08 -35.18 -29.63
C LEU A 748 25.40 -35.89 -30.78
N LEU A 749 24.92 -35.12 -31.75
CA LEU A 749 24.15 -35.66 -32.87
C LEU A 749 25.06 -35.98 -34.04
N THR A 750 24.86 -37.15 -34.64
CA THR A 750 25.64 -37.56 -35.79
C THR A 750 24.73 -37.83 -36.98
N SER A 751 24.92 -37.05 -38.04
CA SER A 751 24.11 -37.14 -39.25
C SER A 751 25.03 -37.48 -40.40
N VAL A 752 24.60 -38.43 -41.22
CA VAL A 752 25.41 -38.97 -42.32
C VAL A 752 24.61 -39.05 -43.61
N ARG A 753 25.24 -38.70 -44.74
CA ARG A 753 24.69 -39.03 -46.04
C ARG A 753 25.68 -39.93 -46.77
N PHE A 754 25.20 -40.91 -47.54
CA PHE A 754 26.06 -41.98 -48.06
C PHE A 754 26.69 -41.83 -49.46
N GLY A 755 26.09 -41.07 -50.36
CA GLY A 755 26.55 -40.99 -51.75
C GLY A 755 25.39 -41.34 -52.66
N LYS A 756 25.56 -41.30 -53.97
CA LYS A 756 24.41 -41.20 -54.86
C LYS A 756 23.44 -42.36 -54.81
N GLY A 757 23.91 -43.58 -54.94
CA GLY A 757 22.96 -44.69 -54.97
C GLY A 757 22.89 -45.46 -53.67
N ILE A 758 23.58 -44.96 -52.65
CA ILE A 758 23.70 -45.69 -51.40
C ILE A 758 22.63 -45.22 -50.45
N MET A 759 21.76 -46.14 -50.04
CA MET A 759 20.60 -45.79 -49.27
C MET A 759 20.69 -46.19 -47.81
N THR A 760 21.68 -47.00 -47.45
CA THR A 760 21.74 -47.62 -46.12
C THR A 760 23.17 -47.71 -45.61
N SER A 761 23.33 -47.87 -44.28
CA SER A 761 24.62 -48.12 -43.64
C SER A 761 25.35 -49.30 -44.25
N ASP A 762 24.60 -50.38 -44.42
CA ASP A 762 25.18 -51.68 -44.73
C ASP A 762 25.24 -51.98 -46.22
N GLN A 763 24.59 -51.16 -47.03
CA GLN A 763 24.71 -51.28 -48.46
C GLN A 763 26.13 -50.91 -48.88
N THR A 764 26.76 -51.81 -49.63
CA THR A 764 28.16 -51.70 -50.01
C THR A 764 28.37 -51.23 -51.44
N THR A 765 27.36 -51.39 -52.28
CA THR A 765 27.46 -50.91 -53.65
C THR A 765 26.10 -50.64 -54.30
N THR A 766 26.13 -49.80 -55.33
CA THR A 766 24.94 -49.38 -56.04
C THR A 766 24.37 -50.53 -56.83
N GLN A 767 23.08 -50.45 -57.13
CA GLN A 767 22.46 -51.48 -57.97
C GLN A 767 22.85 -51.33 -59.45
N ASP A 768 22.92 -50.09 -59.92
CA ASP A 768 23.33 -49.79 -61.30
C ASP A 768 24.86 -49.80 -61.53
N ASN A 769 25.63 -50.24 -60.54
CA ASN A 769 27.10 -50.24 -60.62
C ASN A 769 27.79 -48.95 -61.01
N SER A 770 27.15 -47.82 -60.69
CA SER A 770 27.78 -46.51 -60.85
C SER A 770 28.77 -46.34 -59.70
N GLN A 771 29.88 -45.67 -59.97
CA GLN A 771 30.92 -45.45 -58.97
C GLN A 771 30.84 -44.07 -58.31
N ASP A 772 29.87 -43.25 -58.71
CA ASP A 772 29.73 -41.87 -58.21
C ASP A 772 29.76 -41.77 -56.71
N TYR A 773 29.14 -42.75 -56.06
CA TYR A 773 29.02 -42.79 -54.60
C TYR A 773 30.33 -42.74 -53.83
N LYS A 774 31.40 -43.33 -54.37
CA LYS A 774 32.63 -43.52 -53.60
C LYS A 774 33.23 -42.22 -53.09
N ASN A 775 33.17 -41.15 -53.87
CA ASN A 775 33.68 -39.86 -53.40
C ASN A 775 32.63 -38.88 -52.92
N GLN A 776 31.45 -39.40 -52.63
CA GLN A 776 30.35 -38.58 -52.16
C GLN A 776 30.04 -38.94 -50.71
N GLY A 777 29.00 -38.29 -50.18
CA GLY A 777 28.57 -38.50 -48.82
C GLY A 777 29.22 -37.49 -47.91
N ILE A 778 28.70 -37.36 -46.70
CA ILE A 778 29.16 -36.35 -45.76
C ILE A 778 28.83 -36.79 -44.33
N GLY A 779 29.63 -36.31 -43.38
CA GLY A 779 29.41 -36.59 -41.97
C GLY A 779 29.32 -35.31 -41.16
N VAL A 780 28.29 -35.19 -40.34
CA VAL A 780 28.07 -34.00 -39.53
C VAL A 780 27.88 -34.39 -38.08
N ILE A 781 28.62 -33.72 -37.22
CA ILE A 781 28.55 -33.89 -35.78
C ILE A 781 28.26 -32.53 -35.17
N VAL A 782 27.21 -32.44 -34.36
CA VAL A 782 26.81 -31.15 -33.79
C VAL A 782 26.32 -31.29 -32.35
N GLY A 783 26.67 -30.31 -31.53
CA GLY A 783 26.32 -30.28 -30.12
C GLY A 783 25.82 -28.90 -29.74
N ASN A 784 25.07 -28.85 -28.66
CA ASN A 784 24.45 -27.62 -28.16
C ASN A 784 24.95 -27.25 -26.78
N ASN A 785 26.11 -27.79 -26.40
CA ASN A 785 26.64 -27.60 -25.06
C ASN A 785 28.05 -27.05 -25.13
N PRO A 786 28.21 -25.75 -24.87
CA PRO A 786 29.52 -25.12 -25.02
C PRO A 786 30.49 -25.51 -23.90
N ASP A 787 29.95 -26.07 -22.82
CA ASP A 787 30.75 -26.50 -21.70
C ASP A 787 30.91 -28.01 -21.74
N LEU A 788 30.83 -28.60 -22.93
CA LEU A 788 30.93 -30.04 -23.06
C LEU A 788 32.39 -30.47 -22.94
N LYS A 789 32.64 -31.42 -22.05
CA LYS A 789 33.93 -32.08 -21.91
C LYS A 789 33.71 -33.60 -21.95
N LEU A 790 34.45 -34.33 -22.77
CA LEU A 790 34.30 -35.79 -22.82
C LEU A 790 35.02 -36.50 -21.68
N ASN A 791 34.51 -37.66 -21.29
CA ASN A 791 35.26 -38.56 -20.39
C ASN A 791 36.44 -39.13 -21.17
N ASN A 792 37.49 -39.54 -20.47
CA ASN A 792 38.69 -40.01 -21.17
C ASN A 792 38.48 -41.31 -21.96
N ASP A 793 37.60 -42.18 -21.48
CA ASP A 793 37.27 -43.44 -22.18
C ASP A 793 36.46 -43.24 -23.47
N LYS A 794 35.64 -42.19 -23.49
CA LYS A 794 34.57 -42.02 -24.49
C LYS A 794 35.05 -41.89 -25.94
N THR A 795 34.37 -42.61 -26.83
CA THR A 795 34.61 -42.53 -28.27
C THR A 795 33.32 -42.16 -28.97
N ILE A 796 33.42 -41.29 -29.97
CA ILE A 796 32.26 -40.83 -30.73
C ILE A 796 32.43 -41.18 -32.19
N THR A 797 31.38 -41.78 -32.77
CA THR A 797 31.50 -42.41 -34.08
C THR A 797 30.53 -41.88 -35.14
N LEU A 798 31.06 -41.72 -36.36
CA LEU A 798 30.28 -41.42 -37.54
C LEU A 798 30.24 -42.65 -38.43
N HIS A 799 29.07 -43.27 -38.53
CA HIS A 799 28.94 -44.45 -39.37
C HIS A 799 28.73 -44.00 -40.82
N MET A 800 29.86 -43.73 -41.47
CA MET A 800 29.91 -43.32 -42.87
C MET A 800 29.42 -44.41 -43.81
N GLY A 801 29.43 -45.65 -43.34
CA GLY A 801 28.78 -46.76 -44.05
C GLY A 801 29.72 -47.77 -44.69
N LYS A 802 29.18 -48.95 -44.95
CA LYS A 802 29.96 -50.06 -45.49
C LYS A 802 30.27 -49.90 -46.98
N ALA A 803 29.73 -48.87 -47.59
CA ALA A 803 30.15 -48.47 -48.93
C ALA A 803 31.41 -47.60 -48.90
N HIS A 804 31.92 -47.30 -47.70
CA HIS A 804 33.11 -46.46 -47.55
C HIS A 804 34.14 -47.05 -46.58
N LYS A 805 34.44 -48.34 -46.75
CA LYS A 805 35.41 -49.03 -45.91
C LYS A 805 36.80 -48.47 -46.21
N ASN A 806 37.58 -48.26 -45.15
CA ASN A 806 39.01 -47.92 -45.26
C ASN A 806 39.34 -46.65 -46.05
N GLN A 807 38.34 -45.83 -46.24
CA GLN A 807 38.48 -44.61 -47.02
C GLN A 807 39.05 -43.45 -46.19
N LEU A 808 39.80 -42.58 -46.85
CA LEU A 808 40.32 -41.38 -46.22
C LEU A 808 39.32 -40.25 -46.34
N TYR A 809 39.03 -39.62 -45.20
CA TYR A 809 38.11 -38.50 -45.08
C TYR A 809 38.87 -37.28 -44.58
N ARG A 810 38.42 -36.08 -44.97
CA ARG A 810 39.03 -34.83 -44.47
C ARG A 810 37.98 -33.83 -44.01
N ALA A 811 38.36 -33.00 -43.06
CA ALA A 811 37.44 -32.03 -42.45
C ALA A 811 37.05 -30.91 -43.41
N LEU A 812 35.78 -30.55 -43.41
CA LEU A 812 35.29 -29.36 -44.11
C LEU A 812 35.18 -28.17 -43.15
N VAL A 813 34.83 -28.48 -41.91
CA VAL A 813 34.49 -27.49 -40.90
C VAL A 813 34.73 -28.10 -39.51
N LEU A 814 35.50 -27.40 -38.67
CA LEU A 814 35.77 -27.82 -37.30
C LEU A 814 35.76 -26.65 -36.35
N SER A 815 34.99 -26.78 -35.27
CA SER A 815 34.86 -25.73 -34.27
C SER A 815 36.01 -25.76 -33.27
N ASN A 816 36.27 -24.61 -32.66
CA ASN A 816 37.31 -24.47 -31.65
C ASN A 816 36.97 -23.26 -30.81
N ASP A 817 37.83 -22.88 -29.88
CA ASP A 817 37.47 -21.91 -28.86
C ASP A 817 37.41 -20.46 -29.32
N SER A 818 38.00 -20.17 -30.48
CA SER A 818 38.00 -18.81 -31.03
C SER A 818 37.09 -18.63 -32.24
N GLY A 819 36.73 -19.73 -32.90
CA GLY A 819 35.82 -19.69 -34.06
C GLY A 819 35.51 -21.07 -34.63
N ILE A 820 35.26 -21.11 -35.93
CA ILE A 820 35.09 -22.37 -36.67
C ILE A 820 35.98 -22.29 -37.90
N ASP A 821 36.93 -23.22 -38.01
CA ASP A 821 37.83 -23.28 -39.16
C ASP A 821 37.11 -23.89 -40.36
N VAL A 822 37.37 -23.33 -41.53
CA VAL A 822 36.76 -23.77 -42.77
C VAL A 822 37.85 -24.19 -43.74
N TYR A 823 37.74 -25.40 -44.26
CA TYR A 823 38.74 -25.93 -45.15
C TYR A 823 38.21 -26.04 -46.57
N ASP A 824 38.88 -25.32 -47.48
CA ASP A 824 38.38 -25.15 -48.86
C ASP A 824 38.71 -26.31 -49.77
N SER A 825 39.73 -27.08 -49.42
CA SER A 825 40.19 -28.18 -50.27
C SER A 825 40.87 -29.27 -49.44
N ASP A 826 41.11 -30.41 -50.06
CA ASP A 826 41.63 -31.58 -49.35
C ASP A 826 43.02 -31.32 -48.71
N ASP A 827 43.87 -30.58 -49.42
CA ASP A 827 45.25 -30.35 -49.01
C ASP A 827 45.42 -29.56 -47.71
N LYS A 828 44.55 -28.57 -47.51
CA LYS A 828 44.66 -27.67 -46.37
C LYS A 828 43.98 -28.21 -45.11
N ALA A 829 43.32 -29.37 -45.21
CA ALA A 829 42.59 -29.94 -44.08
C ALA A 829 43.24 -31.19 -43.47
N PRO A 830 42.95 -31.43 -42.19
CA PRO A 830 43.30 -32.68 -41.53
C PRO A 830 42.51 -33.85 -42.11
N THR A 831 43.18 -34.96 -42.34
CA THR A 831 42.54 -36.18 -42.80
C THR A 831 42.36 -37.16 -41.66
N LEU A 832 41.50 -38.13 -41.89
CA LEU A 832 41.30 -39.23 -40.98
C LEU A 832 40.69 -40.35 -41.80
N ARG A 833 41.08 -41.59 -41.52
CA ARG A 833 40.65 -42.72 -42.32
C ARG A 833 39.62 -43.57 -41.58
N THR A 834 38.64 -44.06 -42.32
CA THR A 834 37.61 -44.91 -41.75
C THR A 834 38.15 -46.32 -41.61
N ASN A 835 37.56 -47.10 -40.70
CA ASN A 835 38.00 -48.47 -40.46
C ASN A 835 37.39 -49.47 -41.46
N ASP A 836 37.49 -50.77 -41.18
CA ASP A 836 36.97 -51.79 -42.09
C ASP A 836 35.42 -51.74 -42.18
N ASN A 837 34.76 -51.46 -41.07
CA ASN A 837 33.32 -51.29 -41.08
C ASN A 837 32.84 -49.93 -41.61
N GLY A 838 33.76 -48.99 -41.81
CA GLY A 838 33.42 -47.70 -42.42
C GLY A 838 33.12 -46.61 -41.42
N ASP A 839 33.62 -46.77 -40.20
CA ASP A 839 33.36 -45.79 -39.15
C ASP A 839 34.55 -44.86 -38.95
N LEU A 840 34.27 -43.56 -38.84
CA LEU A 840 35.26 -42.60 -38.34
C LEU A 840 35.17 -42.53 -36.84
N ILE A 841 36.24 -42.92 -36.14
CA ILE A 841 36.22 -42.92 -34.68
C ILE A 841 36.88 -41.65 -34.14
N PHE A 842 36.23 -41.02 -33.16
CA PHE A 842 36.75 -39.80 -32.54
C PHE A 842 36.85 -39.99 -31.03
N HIS A 843 37.89 -39.40 -30.45
CA HIS A 843 38.11 -39.48 -29.00
C HIS A 843 38.13 -38.07 -28.40
N LYS A 844 38.22 -38.02 -27.07
CA LYS A 844 38.39 -36.75 -26.36
C LYS A 844 39.60 -36.02 -26.94
N THR A 845 40.68 -36.75 -27.15
CA THR A 845 41.88 -36.17 -27.74
C THR A 845 42.17 -36.86 -29.08
N ASN A 846 42.47 -36.07 -30.12
CA ASN A 846 42.73 -36.61 -31.45
C ASN A 846 44.00 -36.03 -32.04
N THR A 847 44.75 -36.87 -32.75
CA THR A 847 45.88 -36.39 -33.53
C THR A 847 45.60 -36.74 -35.00
N PHE A 848 45.25 -35.73 -35.79
CA PHE A 848 44.97 -35.91 -37.23
C PHE A 848 46.21 -35.57 -38.02
N VAL A 849 46.36 -36.20 -39.19
CA VAL A 849 47.49 -35.85 -40.06
C VAL A 849 46.95 -35.25 -41.35
N LYS A 850 47.59 -34.18 -41.83
CA LYS A 850 47.28 -33.66 -43.15
C LYS A 850 47.73 -34.66 -44.20
N GLN A 851 47.12 -34.61 -45.37
CA GLN A 851 47.52 -35.52 -46.43
C GLN A 851 48.95 -35.15 -46.83
N ASP A 852 49.31 -33.87 -46.64
CA ASP A 852 50.70 -33.39 -46.83
C ASP A 852 51.71 -34.11 -45.96
N GLY A 853 51.33 -34.48 -44.73
CA GLY A 853 52.28 -35.15 -43.81
C GLY A 853 52.37 -34.50 -42.45
N THR A 854 51.84 -33.28 -42.35
CA THR A 854 51.88 -32.50 -41.14
C THR A 854 50.94 -33.09 -40.11
N ILE A 855 51.23 -32.92 -38.83
CA ILE A 855 50.34 -33.45 -37.80
C ILE A 855 49.54 -32.34 -37.11
N ILE A 856 48.25 -32.59 -36.88
CA ILE A 856 47.34 -31.61 -36.28
C ILE A 856 46.70 -32.16 -34.99
N ASN A 857 46.60 -31.32 -33.94
CA ASN A 857 45.95 -31.71 -32.67
C ASN A 857 44.57 -31.12 -32.49
N TYR A 858 43.62 -31.92 -31.99
CA TYR A 858 42.23 -31.46 -31.88
C TYR A 858 41.41 -32.16 -30.78
N GLU A 859 40.78 -31.36 -29.91
CA GLU A 859 39.97 -31.90 -28.83
C GLU A 859 38.49 -31.82 -29.17
N MET A 860 37.76 -32.91 -28.91
CA MET A 860 36.29 -32.90 -28.93
C MET A 860 35.79 -32.14 -27.71
N LYS A 861 35.57 -30.86 -27.94
CA LYS A 861 35.44 -29.89 -26.89
C LYS A 861 34.31 -28.99 -27.31
N GLY A 862 33.31 -28.82 -26.47
CA GLY A 862 32.33 -27.76 -26.68
C GLY A 862 33.05 -26.42 -26.60
N SER A 863 32.64 -25.47 -27.43
CA SER A 863 33.28 -24.17 -27.46
C SER A 863 32.23 -23.08 -27.29
N LEU A 864 32.68 -21.87 -26.96
CA LEU A 864 31.78 -20.72 -26.84
C LEU A 864 32.46 -19.52 -27.48
N ASN A 865 31.88 -19.04 -28.57
CA ASN A 865 32.33 -17.82 -29.25
C ASN A 865 31.22 -17.29 -30.15
N ALA A 866 31.50 -16.23 -30.91
CA ALA A 866 30.50 -15.61 -31.77
C ALA A 866 29.83 -16.60 -32.74
N LEU A 867 30.61 -17.56 -33.24
CA LEU A 867 30.14 -18.51 -34.27
C LEU A 867 29.49 -19.79 -33.73
N ILE A 868 29.73 -20.14 -32.47
CA ILE A 868 29.11 -21.34 -31.91
C ILE A 868 28.93 -21.33 -30.39
N SER A 869 27.89 -22.03 -29.93
CA SER A 869 27.73 -22.41 -28.53
C SER A 869 27.43 -23.90 -28.51
N GLY A 870 28.49 -24.70 -28.64
CA GLY A 870 28.42 -26.16 -28.69
C GLY A 870 29.56 -26.75 -29.52
N TYR A 871 29.32 -27.88 -30.15
CA TYR A 871 30.29 -28.46 -31.07
C TYR A 871 29.78 -28.53 -32.51
N LEU A 872 30.71 -28.43 -33.48
CA LEU A 872 30.40 -28.66 -34.90
C LEU A 872 31.61 -29.21 -35.67
N GLY A 873 31.44 -30.39 -36.25
CA GLY A 873 32.45 -30.99 -37.11
C GLY A 873 31.79 -31.57 -38.35
N VAL A 874 32.29 -31.21 -39.51
CA VAL A 874 31.83 -31.77 -40.77
C VAL A 874 32.99 -32.39 -41.56
N TRP A 875 32.77 -33.60 -42.08
CA TRP A 875 33.83 -34.38 -42.74
C TRP A 875 33.36 -34.90 -44.09
N VAL A 876 34.27 -34.86 -45.06
CA VAL A 876 33.98 -35.27 -46.42
C VAL A 876 35.08 -36.18 -46.94
N PRO A 877 34.76 -37.02 -47.94
CA PRO A 877 35.78 -37.88 -48.49
C PRO A 877 36.80 -37.10 -49.30
N VAL A 878 38.09 -37.42 -49.13
CA VAL A 878 39.13 -36.79 -49.94
C VAL A 878 39.06 -37.41 -51.32
N GLY A 879 39.61 -36.69 -52.28
CA GLY A 879 39.62 -37.13 -53.68
C GLY A 879 38.45 -36.63 -54.50
N ALA A 880 37.77 -35.59 -54.01
CA ALA A 880 36.65 -35.06 -54.76
C ALA A 880 37.12 -34.24 -55.97
N SER A 881 36.60 -34.58 -57.14
CA SER A 881 36.83 -33.82 -58.36
C SER A 881 36.42 -32.33 -58.20
N ASP A 882 37.00 -31.45 -59.00
CA ASP A 882 36.66 -30.02 -58.97
C ASP A 882 35.28 -29.72 -59.49
N SER A 883 34.79 -30.53 -60.43
CA SER A 883 33.47 -30.33 -61.02
C SER A 883 32.47 -31.34 -60.50
N GLN A 884 32.79 -32.03 -59.42
CA GLN A 884 31.93 -33.10 -58.92
C GLN A 884 30.57 -32.51 -58.58
N ASP A 885 29.52 -33.17 -59.10
CA ASP A 885 28.12 -32.78 -58.86
C ASP A 885 27.32 -34.02 -58.43
N ALA A 886 26.84 -34.01 -57.19
CA ALA A 886 26.08 -35.13 -56.64
C ALA A 886 24.57 -34.96 -56.80
N ARG A 887 24.15 -33.92 -57.49
CA ARG A 887 22.75 -33.63 -57.66
C ARG A 887 22.12 -34.52 -58.71
N THR A 888 20.80 -34.69 -58.63
CA THR A 888 20.08 -35.52 -59.55
C THR A 888 19.18 -34.65 -60.42
N VAL A 889 19.26 -34.86 -61.73
CA VAL A 889 18.41 -34.11 -62.65
C VAL A 889 16.99 -34.69 -62.60
N ALA A 890 16.01 -33.82 -62.78
CA ALA A 890 14.62 -34.24 -62.80
C ALA A 890 14.25 -34.88 -64.14
N THR A 891 13.47 -35.96 -64.08
CA THR A 891 13.17 -36.76 -65.28
C THR A 891 11.91 -36.32 -65.99
N GLU A 892 11.95 -36.40 -67.32
CA GLU A 892 10.89 -35.90 -68.20
C GLU A 892 9.71 -36.86 -68.33
N SER A 893 9.90 -38.08 -67.84
CA SER A 893 8.92 -39.15 -67.96
C SER A 893 7.78 -38.95 -66.96
N SER A 894 6.61 -39.47 -67.31
CA SER A 894 5.47 -39.48 -66.40
C SER A 894 5.65 -40.57 -65.35
N SER A 895 6.52 -40.29 -64.38
CA SER A 895 6.88 -41.24 -63.32
C SER A 895 5.69 -41.70 -62.45
N SER A 896 4.78 -40.77 -62.13
CA SER A 896 3.65 -41.04 -61.24
C SER A 896 2.29 -40.77 -61.88
N ASN A 897 1.36 -41.69 -61.66
CA ASN A 897 -0.05 -41.49 -62.02
C ASN A 897 -0.89 -41.11 -60.80
N ASP A 898 -0.23 -40.80 -59.69
CA ASP A 898 -0.93 -40.36 -58.45
C ASP A 898 -1.73 -39.02 -58.52
N GLY A 899 -1.53 -38.22 -59.57
CA GLY A 899 -2.21 -36.90 -59.72
C GLY A 899 -1.43 -35.71 -59.15
N SER A 900 -0.52 -36.00 -58.21
CA SER A 900 0.29 -35.00 -57.49
C SER A 900 1.28 -34.25 -58.39
N VAL A 901 1.68 -33.05 -57.96
CA VAL A 901 2.68 -32.25 -58.65
C VAL A 901 4.09 -32.55 -58.13
N PHE A 902 4.42 -32.09 -56.93
CA PHE A 902 5.75 -32.32 -56.36
C PHE A 902 5.88 -33.70 -55.72
N HIS A 903 7.08 -34.26 -55.80
CA HIS A 903 7.39 -35.53 -55.18
C HIS A 903 8.74 -35.40 -54.47
N SER A 904 8.83 -35.82 -53.22
CA SER A 904 10.12 -35.72 -52.54
C SER A 904 11.00 -36.83 -53.03
N ASN A 905 12.08 -36.45 -53.70
CA ASN A 905 13.06 -37.40 -54.19
C ASN A 905 14.39 -36.70 -54.37
N ALA A 906 15.36 -37.41 -54.93
CA ALA A 906 16.72 -36.89 -55.02
C ALA A 906 16.78 -35.65 -55.90
N ALA A 907 15.93 -35.62 -56.91
CA ALA A 907 15.86 -34.51 -57.81
C ALA A 907 15.38 -33.23 -57.12
N LEU A 908 14.26 -33.32 -56.43
CA LEU A 908 13.72 -32.18 -55.71
C LEU A 908 14.70 -31.71 -54.66
N ASP A 909 15.37 -32.64 -53.98
CA ASP A 909 16.32 -32.30 -52.91
C ASP A 909 17.52 -31.56 -53.45
N SER A 910 17.76 -31.65 -54.76
CA SER A 910 18.91 -31.01 -55.40
C SER A 910 18.74 -29.51 -55.51
N ASN A 911 17.53 -29.03 -55.25
CA ASN A 911 17.26 -27.61 -55.25
C ASN A 911 17.59 -26.87 -53.94
N VAL A 912 17.85 -25.57 -54.06
CA VAL A 912 18.07 -24.71 -52.92
C VAL A 912 17.46 -23.36 -53.24
N ILE A 913 16.61 -22.87 -52.35
CA ILE A 913 15.97 -21.60 -52.51
C ILE A 913 16.73 -20.59 -51.67
N TYR A 914 16.87 -19.38 -52.21
CA TYR A 914 17.51 -18.30 -51.47
C TYR A 914 16.49 -17.22 -51.30
N GLU A 915 16.17 -16.92 -50.06
CA GLU A 915 15.30 -15.81 -49.74
C GLU A 915 16.16 -14.59 -49.65
N GLY A 916 16.16 -13.80 -50.72
CA GLY A 916 17.23 -12.85 -50.97
C GLY A 916 16.89 -11.41 -50.69
N PHE A 917 16.43 -11.15 -49.48
CA PHE A 917 16.13 -9.80 -49.06
C PHE A 917 15.89 -9.80 -47.58
N SER A 918 15.90 -8.60 -47.01
CA SER A 918 15.60 -8.40 -45.60
C SER A 918 14.63 -7.23 -45.49
N ASN A 919 13.69 -7.34 -44.57
CA ASN A 919 12.72 -6.26 -44.38
C ASN A 919 13.34 -4.97 -43.86
N PHE A 920 14.56 -5.04 -43.34
CA PHE A 920 15.17 -3.90 -42.69
C PHE A 920 16.33 -3.31 -43.48
N GLN A 921 16.41 -3.64 -44.76
CA GLN A 921 17.37 -3.00 -45.64
C GLN A 921 17.11 -1.51 -45.62
N ALA A 922 18.19 -0.74 -45.73
CA ALA A 922 18.07 0.69 -45.92
C ALA A 922 17.59 1.01 -47.34
N MET A 923 17.11 2.23 -47.57
CA MET A 923 16.72 2.65 -48.91
C MET A 923 18.01 2.83 -49.70
N PRO A 924 18.00 2.52 -51.01
CA PRO A 924 19.23 2.72 -51.80
C PRO A 924 19.75 4.15 -51.72
N THR A 925 21.02 4.30 -51.38
CA THR A 925 21.64 5.62 -51.40
C THR A 925 21.83 6.10 -52.85
N SER A 926 21.94 5.17 -53.79
CA SER A 926 22.10 5.49 -55.21
C SER A 926 21.50 4.39 -56.09
N PRO A 927 21.07 4.74 -57.31
CA PRO A 927 20.52 3.75 -58.23
C PRO A 927 21.42 2.56 -58.51
N GLU A 928 22.73 2.76 -58.41
CA GLU A 928 23.69 1.69 -58.68
C GLU A 928 23.67 0.61 -57.59
N GLN A 929 23.26 0.97 -56.37
CA GLN A 929 23.24 0.03 -55.24
C GLN A 929 21.84 -0.57 -54.95
N SER A 930 20.91 -0.41 -55.88
CA SER A 930 19.57 -0.97 -55.71
C SER A 930 19.67 -2.48 -55.77
N THR A 931 18.93 -3.13 -54.89
CA THR A 931 18.95 -4.58 -54.76
C THR A 931 19.00 -5.29 -56.13
N ASN A 932 18.08 -4.98 -57.02
CA ASN A 932 17.93 -5.73 -58.26
C ASN A 932 19.04 -5.45 -59.28
N VAL A 933 19.68 -4.29 -59.19
CA VAL A 933 20.88 -4.02 -59.96
C VAL A 933 22.00 -4.92 -59.45
N VAL A 934 22.18 -4.95 -58.13
CA VAL A 934 23.20 -5.78 -57.51
C VAL A 934 22.98 -7.26 -57.82
N ILE A 935 21.74 -7.72 -57.79
CA ILE A 935 21.45 -9.11 -58.08
C ILE A 935 21.93 -9.47 -59.49
N ALA A 936 21.73 -8.56 -60.44
CA ALA A 936 22.13 -8.81 -61.81
C ALA A 936 23.65 -8.95 -61.92
N THR A 937 24.40 -8.03 -61.31
CA THR A 937 25.86 -8.10 -61.39
C THR A 937 26.38 -9.37 -60.67
N LYS A 938 25.69 -9.82 -59.63
CA LYS A 938 26.17 -10.95 -58.79
C LYS A 938 25.50 -12.32 -59.03
N ALA A 939 24.68 -12.45 -60.07
CA ALA A 939 24.02 -13.73 -60.34
C ALA A 939 24.98 -14.94 -60.31
N ASN A 940 26.09 -14.86 -61.04
CA ASN A 940 27.23 -15.82 -60.95
C ASN A 940 27.44 -16.45 -59.57
N LEU A 941 27.59 -15.60 -58.55
CA LEU A 941 27.90 -16.01 -57.17
C LEU A 941 26.92 -17.02 -56.58
N PHE A 942 25.64 -16.87 -56.93
CA PHE A 942 24.58 -17.75 -56.43
C PHE A 942 24.47 -19.06 -57.20
N LYS A 943 24.83 -19.06 -58.47
CA LYS A 943 24.88 -20.28 -59.24
C LYS A 943 25.87 -21.21 -58.56
N GLU A 944 27.02 -20.67 -58.14
CA GLU A 944 28.10 -21.48 -57.55
C GLU A 944 27.86 -21.93 -56.12
N LEU A 945 26.90 -21.30 -55.46
CA LEU A 945 26.43 -21.75 -54.15
C LEU A 945 25.28 -22.78 -54.25
N GLY A 946 24.82 -23.04 -55.47
CA GLY A 946 23.86 -24.11 -55.71
C GLY A 946 22.42 -23.68 -55.62
N ILE A 947 22.18 -22.37 -55.63
CA ILE A 947 20.82 -21.86 -55.61
C ILE A 947 20.21 -22.18 -56.95
N THR A 948 19.05 -22.83 -56.93
CA THR A 948 18.31 -23.14 -58.14
C THR A 948 17.11 -22.25 -58.29
N SER A 949 16.68 -21.60 -57.20
CA SER A 949 15.58 -20.63 -57.22
C SER A 949 15.83 -19.46 -56.27
N PHE A 950 15.61 -18.26 -56.78
CA PHE A 950 15.89 -17.03 -56.07
C PHE A 950 14.57 -16.42 -55.66
N GLU A 951 14.30 -16.37 -54.36
CA GLU A 951 13.05 -15.79 -53.88
C GLU A 951 13.33 -14.31 -53.70
N LEU A 952 12.76 -13.51 -54.61
CA LEU A 952 12.91 -12.06 -54.60
C LEU A 952 11.85 -11.44 -53.72
N ALA A 953 12.19 -10.32 -53.08
CA ALA A 953 11.23 -9.58 -52.28
C ALA A 953 9.99 -9.27 -53.12
N PRO A 954 8.89 -8.93 -52.45
CA PRO A 954 7.73 -8.47 -53.19
C PRO A 954 8.04 -7.12 -53.82
N GLN A 955 7.75 -7.01 -55.11
CA GLN A 955 8.24 -5.90 -55.92
C GLN A 955 7.25 -4.74 -56.06
N TYR A 956 6.21 -4.76 -55.25
CA TYR A 956 5.06 -3.88 -55.46
C TYR A 956 5.36 -2.54 -54.82
N ARG A 957 4.80 -1.48 -55.37
CA ARG A 957 5.12 -0.17 -54.86
C ARG A 957 4.57 0.04 -53.47
N SER A 958 5.45 0.40 -52.56
CA SER A 958 5.11 0.60 -51.16
C SER A 958 4.15 1.76 -50.96
N SER A 959 3.23 1.54 -50.03
CA SER A 959 2.28 2.54 -49.61
C SER A 959 2.96 3.55 -48.71
N GLY A 960 4.14 3.22 -48.22
CA GLY A 960 5.01 4.21 -47.62
C GLY A 960 4.53 4.86 -46.34
N ASP A 961 4.67 6.19 -46.25
CA ASP A 961 4.25 6.95 -45.08
C ASP A 961 2.78 7.37 -45.14
N THR A 962 2.10 7.10 -46.26
CA THR A 962 0.66 7.34 -46.37
C THR A 962 -0.08 6.59 -45.28
N ASN A 963 -1.04 7.27 -44.67
CA ASN A 963 -1.83 6.69 -43.59
C ASN A 963 -3.14 7.46 -43.42
N TYR A 964 -4.25 6.87 -43.85
CA TYR A 964 -5.54 7.55 -43.78
C TYR A 964 -6.21 7.50 -42.42
N GLY A 965 -5.82 6.55 -41.59
CA GLY A 965 -6.26 6.54 -40.20
C GLY A 965 -5.72 5.28 -39.59
N GLY A 966 -5.77 5.18 -38.28
CA GLY A 966 -5.41 3.93 -37.63
C GLY A 966 -3.92 3.74 -37.65
N MET A 967 -3.44 2.60 -37.14
CA MET A 967 -2.02 2.46 -36.91
C MET A 967 -1.34 2.08 -38.20
N SER A 968 -0.20 2.71 -38.46
CA SER A 968 0.67 2.30 -39.55
C SER A 968 1.41 1.02 -39.18
N PHE A 969 1.79 0.23 -40.18
CA PHE A 969 2.58 -0.98 -39.96
C PHE A 969 4.00 -0.85 -40.54
N LEU A 970 4.97 -1.57 -39.99
CA LEU A 970 6.38 -1.42 -40.44
C LEU A 970 6.63 -1.77 -41.91
N ASP A 971 5.87 -2.72 -42.44
CA ASP A 971 5.95 -3.05 -43.86
C ASP A 971 5.78 -1.81 -44.73
N SER A 972 4.92 -0.91 -44.27
CA SER A 972 4.59 0.24 -45.03
C SER A 972 5.66 1.28 -44.92
N PHE A 973 6.06 1.64 -43.70
CA PHE A 973 7.04 2.70 -43.55
C PHE A 973 8.49 2.25 -43.76
N LEU A 974 8.74 0.94 -43.81
CA LEU A 974 10.04 0.45 -44.25
C LEU A 974 10.07 0.08 -45.74
N ASN A 975 8.97 0.31 -46.44
CA ASN A 975 8.93 0.16 -47.89
C ASN A 975 9.36 -1.20 -48.40
N ASN A 976 9.10 -2.24 -47.62
CA ASN A 976 9.61 -3.54 -47.98
C ASN A 976 8.80 -4.23 -49.08
N GLY A 977 7.63 -3.69 -49.40
CA GLY A 977 6.87 -4.19 -50.54
C GLY A 977 5.70 -5.09 -50.20
N TYR A 978 5.64 -5.56 -48.96
CA TYR A 978 4.45 -6.29 -48.46
C TYR A 978 3.23 -5.40 -48.25
N ALA A 979 3.45 -4.10 -48.11
CA ALA A 979 2.38 -3.14 -47.98
C ALA A 979 2.35 -2.22 -49.20
N PHE A 980 1.30 -2.30 -49.99
CA PHE A 980 1.25 -1.63 -51.28
C PHE A 980 -0.13 -1.09 -51.58
N THR A 981 -0.17 -0.06 -52.41
CA THR A 981 -1.45 0.52 -52.89
C THR A 981 -1.85 -0.07 -54.24
N ASP A 982 -0.85 -0.29 -55.10
CA ASP A 982 -1.04 -0.74 -56.49
C ASP A 982 -0.32 -2.07 -56.71
N ARG A 983 -1.10 -3.11 -57.00
CA ARG A 983 -0.56 -4.47 -57.09
C ARG A 983 0.21 -4.72 -58.39
N TYR A 984 -0.04 -3.90 -59.41
CA TYR A 984 0.60 -4.11 -60.70
C TYR A 984 1.78 -3.17 -60.93
N ASP A 985 1.99 -2.17 -60.06
CA ASP A 985 3.12 -1.24 -60.20
C ASP A 985 4.36 -1.81 -59.54
N LEU A 986 5.29 -2.32 -60.34
CA LEU A 986 6.50 -2.95 -59.82
C LEU A 986 7.76 -2.08 -60.00
N GLY A 987 7.55 -0.78 -60.18
CA GLY A 987 8.66 0.16 -60.31
C GLY A 987 8.61 1.03 -61.54
N PHE A 988 7.43 1.18 -62.13
CA PHE A 988 7.29 1.96 -63.36
C PHE A 988 7.57 3.42 -63.14
N ASN A 989 7.93 4.09 -64.21
CA ASN A 989 8.21 5.49 -64.15
C ASN A 989 6.96 6.31 -63.90
N LYS A 990 7.13 7.48 -63.28
CA LYS A 990 6.06 8.45 -63.18
C LYS A 990 5.55 8.75 -64.57
N ALA A 991 4.34 9.27 -64.66
CA ALA A 991 3.74 9.56 -65.97
C ALA A 991 4.49 10.67 -66.72
N ASP A 992 5.11 11.58 -65.96
CA ASP A 992 5.96 12.62 -66.54
C ASP A 992 7.29 12.10 -67.12
N GLY A 993 7.60 10.82 -66.93
CA GLY A 993 8.77 10.19 -67.53
C GLY A 993 9.91 9.97 -66.56
N ASN A 994 9.83 10.60 -65.40
CA ASN A 994 10.87 10.46 -64.40
C ASN A 994 10.89 9.08 -63.78
N PRO A 995 12.07 8.62 -63.37
CA PRO A 995 12.15 7.34 -62.67
C PRO A 995 11.44 7.38 -61.31
N ASN A 996 10.92 6.22 -60.90
CA ASN A 996 10.15 6.11 -59.67
C ASN A 996 10.36 4.70 -59.16
N PRO A 997 11.59 4.44 -58.68
CA PRO A 997 11.91 3.07 -58.29
C PRO A 997 11.17 2.66 -57.03
N THR A 998 11.02 1.36 -56.85
CA THR A 998 10.62 0.82 -55.57
C THR A 998 11.86 0.86 -54.70
N LYS A 999 11.83 0.21 -53.56
CA LYS A 999 13.02 0.11 -52.71
C LYS A 999 14.12 -0.69 -53.41
N TYR A 1000 13.70 -1.52 -54.37
CA TYR A 1000 14.58 -2.47 -55.02
C TYR A 1000 14.98 -2.05 -56.45
N GLY A 1001 14.47 -0.93 -56.95
CA GLY A 1001 14.84 -0.40 -58.27
C GLY A 1001 13.68 -0.28 -59.23
N THR A 1002 13.93 0.15 -60.45
CA THR A 1002 12.87 0.33 -61.44
C THR A 1002 12.35 -1.02 -61.96
N ASP A 1003 11.32 -0.98 -62.82
CA ASP A 1003 10.84 -2.19 -63.46
C ASP A 1003 11.86 -2.79 -64.41
N GLN A 1004 12.65 -1.97 -65.09
CA GLN A 1004 13.72 -2.49 -65.95
C GLN A 1004 14.77 -3.22 -65.10
N ASP A 1005 15.15 -2.63 -63.97
CA ASP A 1005 16.10 -3.26 -63.07
C ASP A 1005 15.65 -4.68 -62.67
N LEU A 1006 14.33 -4.83 -62.48
CA LEU A 1006 13.74 -6.13 -62.12
C LEU A 1006 13.82 -7.13 -63.27
N ARG A 1007 13.43 -6.68 -64.46
CA ARG A 1007 13.49 -7.55 -65.63
C ARG A 1007 14.93 -7.99 -65.90
N ASN A 1008 15.88 -7.07 -65.70
CA ASN A 1008 17.30 -7.40 -65.83
C ASN A 1008 17.76 -8.39 -64.78
N ALA A 1009 17.28 -8.20 -63.57
CA ALA A 1009 17.59 -9.12 -62.49
C ALA A 1009 17.06 -10.52 -62.76
N ILE A 1010 15.85 -10.62 -63.28
CA ILE A 1010 15.23 -11.93 -63.54
C ILE A 1010 15.98 -12.64 -64.67
N GLU A 1011 16.28 -11.89 -65.71
CA GLU A 1011 16.99 -12.43 -66.88
C GLU A 1011 18.35 -12.94 -66.45
N ALA A 1012 19.08 -12.12 -65.69
CA ALA A 1012 20.38 -12.51 -65.16
C ALA A 1012 20.36 -13.83 -64.40
N LEU A 1013 19.28 -14.09 -63.68
CA LEU A 1013 19.16 -15.33 -62.93
C LEU A 1013 18.92 -16.51 -63.87
N HIS A 1014 18.16 -16.31 -64.93
CA HIS A 1014 17.96 -17.35 -65.95
C HIS A 1014 19.23 -17.63 -66.75
N LYS A 1015 19.97 -16.60 -67.14
CA LYS A 1015 21.29 -16.78 -67.76
C LYS A 1015 22.22 -17.62 -66.87
N ASN A 1016 22.03 -17.55 -65.55
CA ASN A 1016 22.77 -18.43 -64.62
C ASN A 1016 21.97 -19.63 -64.08
N GLY A 1017 20.95 -20.04 -64.83
CA GLY A 1017 20.21 -21.27 -64.59
C GLY A 1017 19.43 -21.31 -63.30
N MET A 1018 19.03 -20.14 -62.80
CA MET A 1018 18.21 -20.05 -61.60
C MET A 1018 16.83 -19.54 -61.94
N GLN A 1019 15.85 -19.96 -61.13
CA GLN A 1019 14.48 -19.46 -61.22
C GLN A 1019 14.24 -18.20 -60.38
N ALA A 1020 13.20 -17.45 -60.72
CA ALA A 1020 12.81 -16.30 -59.93
C ALA A 1020 11.43 -16.49 -59.36
N ILE A 1021 11.29 -16.29 -58.05
CA ILE A 1021 10.02 -16.47 -57.36
C ILE A 1021 9.35 -15.14 -57.11
N ALA A 1022 8.07 -15.09 -57.46
CA ALA A 1022 7.23 -13.92 -57.24
C ALA A 1022 6.53 -14.08 -55.91
N ASP A 1023 6.56 -13.05 -55.07
CA ASP A 1023 5.80 -13.07 -53.81
C ASP A 1023 4.35 -12.69 -54.12
N TRP A 1024 3.44 -13.65 -54.05
CA TRP A 1024 2.02 -13.44 -54.34
C TRP A 1024 1.32 -13.10 -53.02
N VAL A 1025 0.78 -11.89 -52.94
CA VAL A 1025 0.27 -11.32 -51.71
C VAL A 1025 -1.20 -10.94 -51.86
N PRO A 1026 -2.08 -11.93 -51.85
CA PRO A 1026 -3.49 -11.70 -52.09
C PRO A 1026 -4.34 -11.25 -50.88
N ASP A 1027 -3.81 -11.30 -49.65
CA ASP A 1027 -4.64 -11.08 -48.47
C ASP A 1027 -5.07 -9.64 -48.29
N GLN A 1028 -4.20 -8.67 -48.53
CA GLN A 1028 -4.61 -7.29 -48.30
C GLN A 1028 -4.00 -6.26 -49.23
N ILE A 1029 -4.50 -5.03 -49.11
CA ILE A 1029 -3.98 -3.91 -49.85
C ILE A 1029 -4.04 -2.68 -48.92
N TYR A 1030 -3.12 -1.73 -49.06
CA TYR A 1030 -3.00 -0.62 -48.09
C TYR A 1030 -3.40 0.72 -48.68
N ALA A 1031 -3.81 1.63 -47.81
CA ALA A 1031 -3.89 3.05 -48.15
C ALA A 1031 -4.58 3.31 -49.49
N LEU A 1032 -5.88 2.99 -49.56
CA LEU A 1032 -6.73 3.34 -50.71
C LEU A 1032 -7.31 4.75 -50.51
N PRO A 1033 -7.20 5.63 -51.52
CA PRO A 1033 -7.48 7.04 -51.28
C PRO A 1033 -8.96 7.48 -51.24
N GLY A 1034 -9.88 6.63 -51.67
CA GLY A 1034 -11.28 7.04 -51.75
C GLY A 1034 -12.13 6.47 -50.65
N LYS A 1035 -13.07 7.27 -50.15
CA LYS A 1035 -13.89 6.93 -48.98
C LYS A 1035 -15.22 6.39 -49.35
N GLU A 1036 -15.70 5.40 -48.60
CA GLU A 1036 -17.04 4.86 -48.77
C GLU A 1036 -17.63 4.66 -47.40
N VAL A 1037 -18.94 4.50 -47.36
CA VAL A 1037 -19.61 4.22 -46.10
C VAL A 1037 -19.95 2.74 -46.06
N VAL A 1038 -19.37 2.04 -45.09
CA VAL A 1038 -19.69 0.63 -44.86
C VAL A 1038 -20.53 0.45 -43.60
N THR A 1039 -21.16 -0.72 -43.48
CA THR A 1039 -21.81 -1.18 -42.26
C THR A 1039 -20.84 -2.14 -41.58
N ALA A 1040 -20.42 -1.82 -40.36
CA ALA A 1040 -19.30 -2.51 -39.81
C ALA A 1040 -19.56 -3.01 -38.43
N THR A 1041 -18.96 -4.15 -38.11
CA THR A 1041 -18.98 -4.70 -36.78
C THR A 1041 -17.54 -4.86 -36.28
N ARG A 1042 -17.28 -4.52 -35.01
CA ARG A 1042 -15.98 -4.77 -34.38
C ARG A 1042 -15.72 -6.25 -34.10
N VAL A 1043 -14.62 -6.77 -34.63
CA VAL A 1043 -14.32 -8.19 -34.59
C VAL A 1043 -12.86 -8.45 -34.26
N ASP A 1044 -12.58 -9.70 -33.86
CA ASP A 1044 -11.23 -10.18 -33.64
C ASP A 1044 -10.70 -10.78 -34.94
N GLU A 1045 -9.50 -11.33 -34.90
CA GLU A 1045 -8.87 -11.82 -36.11
C GLU A 1045 -9.69 -12.83 -36.94
N ARG A 1046 -10.51 -13.64 -36.27
CA ARG A 1046 -11.37 -14.63 -36.95
C ARG A 1046 -12.70 -14.08 -37.41
N GLY A 1047 -12.90 -12.77 -37.29
CA GLY A 1047 -14.17 -12.17 -37.68
C GLY A 1047 -15.33 -12.48 -36.74
N ASN A 1048 -15.02 -12.77 -35.47
CA ASN A 1048 -16.03 -12.95 -34.46
C ASN A 1048 -16.23 -11.70 -33.69
N GLN A 1049 -17.49 -11.37 -33.46
CA GLN A 1049 -17.84 -10.15 -32.79
C GLN A 1049 -17.22 -10.13 -31.41
N LEU A 1050 -16.63 -9.02 -31.00
CA LEU A 1050 -16.02 -8.96 -29.66
C LEU A 1050 -17.14 -9.16 -28.65
N LYS A 1051 -16.86 -9.77 -27.48
CA LYS A 1051 -17.95 -10.16 -26.58
C LYS A 1051 -18.74 -8.98 -26.00
N ASP A 1052 -18.04 -7.93 -25.59
CA ASP A 1052 -18.67 -6.81 -24.91
C ASP A 1052 -18.56 -5.54 -25.73
N THR A 1053 -19.07 -5.55 -26.96
CA THR A 1053 -18.93 -4.38 -27.82
C THR A 1053 -20.27 -3.83 -28.23
N ASP A 1054 -20.37 -2.51 -28.23
CA ASP A 1054 -21.55 -1.84 -28.75
C ASP A 1054 -21.40 -1.65 -30.26
N PHE A 1055 -20.20 -1.84 -30.79
CA PHE A 1055 -19.94 -1.55 -32.20
C PHE A 1055 -20.42 -2.72 -33.04
N VAL A 1056 -21.69 -2.70 -33.39
CA VAL A 1056 -22.32 -3.75 -34.18
C VAL A 1056 -23.21 -3.14 -35.25
N ASN A 1057 -23.07 -3.60 -36.50
CA ASN A 1057 -23.78 -3.02 -37.65
C ASN A 1057 -23.88 -1.50 -37.67
N LEU A 1058 -22.82 -0.79 -37.30
CA LEU A 1058 -22.81 0.68 -37.36
C LEU A 1058 -22.24 1.21 -38.67
N LEU A 1059 -22.65 2.41 -39.07
CA LEU A 1059 -22.13 3.00 -40.28
C LEU A 1059 -20.81 3.65 -39.98
N TYR A 1060 -19.87 3.42 -40.90
CA TYR A 1060 -18.46 3.78 -40.72
C TYR A 1060 -17.89 4.25 -42.04
N VAL A 1061 -17.03 5.26 -41.99
CA VAL A 1061 -16.36 5.75 -43.17
C VAL A 1061 -15.02 5.03 -43.27
N ALA A 1062 -14.85 4.24 -44.32
CA ALA A 1062 -13.62 3.50 -44.53
C ALA A 1062 -12.92 4.02 -45.79
N ASN A 1063 -11.62 3.75 -45.89
CA ASN A 1063 -10.88 4.01 -47.11
C ASN A 1063 -10.72 2.73 -47.90
N THR A 1064 -11.62 2.53 -48.86
CA THR A 1064 -11.74 1.27 -49.57
C THR A 1064 -11.64 1.37 -51.08
N LYS A 1065 -11.66 2.59 -51.61
CA LYS A 1065 -11.78 2.77 -53.05
C LYS A 1065 -10.43 3.18 -53.65
N SER A 1066 -10.04 2.47 -54.70
CA SER A 1066 -8.77 2.66 -55.39
C SER A 1066 -8.88 3.90 -56.28
N SER A 1067 -7.74 4.46 -56.71
CA SER A 1067 -7.75 5.71 -57.51
C SER A 1067 -8.51 5.60 -58.84
N GLY A 1068 -8.54 4.40 -59.42
CA GLY A 1068 -9.23 4.16 -60.70
C GLY A 1068 -8.38 4.53 -61.91
N VAL A 1069 -7.19 5.05 -61.66
CA VAL A 1069 -6.34 5.57 -62.72
C VAL A 1069 -4.88 5.11 -62.52
N ASP A 1070 -4.71 3.99 -61.82
CA ASP A 1070 -3.39 3.44 -61.46
C ASP A 1070 -3.09 2.23 -62.33
N TYR A 1071 -2.06 1.46 -62.01
CA TYR A 1071 -1.77 0.27 -62.83
C TYR A 1071 -2.78 -0.88 -62.62
N GLN A 1072 -3.49 -0.89 -61.51
CA GLN A 1072 -4.59 -1.81 -61.31
C GLN A 1072 -5.72 -1.56 -62.30
N ALA A 1073 -5.88 -0.31 -62.71
CA ALA A 1073 -6.90 0.04 -63.69
C ALA A 1073 -6.46 -0.34 -65.09
N LYS A 1074 -5.18 -0.15 -65.40
CA LYS A 1074 -4.65 -0.56 -66.69
C LYS A 1074 -4.76 -2.06 -66.90
N TYR A 1075 -4.13 -2.82 -66.02
CA TYR A 1075 -3.98 -4.27 -66.19
C TYR A 1075 -5.06 -5.13 -65.51
N GLY A 1076 -5.96 -4.53 -64.74
CA GLY A 1076 -6.98 -5.30 -64.02
C GLY A 1076 -7.86 -6.10 -64.95
N GLY A 1077 -8.01 -7.39 -64.67
CA GLY A 1077 -8.83 -8.31 -65.47
C GLY A 1077 -8.50 -8.54 -66.95
N GLU A 1078 -7.43 -7.93 -67.44
CA GLU A 1078 -7.17 -7.87 -68.88
C GLU A 1078 -6.84 -9.20 -69.52
N PHE A 1079 -6.18 -10.07 -68.77
CA PHE A 1079 -5.66 -11.31 -69.33
C PHE A 1079 -6.62 -12.49 -69.20
N LEU A 1080 -7.77 -12.27 -68.58
CA LEU A 1080 -8.72 -13.34 -68.31
C LEU A 1080 -9.40 -13.84 -69.56
N ASP A 1081 -9.73 -12.94 -70.47
CA ASP A 1081 -10.50 -13.32 -71.66
C ASP A 1081 -9.66 -14.19 -72.56
N LYS A 1082 -8.42 -13.80 -72.78
CA LYS A 1082 -7.46 -14.62 -73.51
C LYS A 1082 -7.33 -16.01 -72.85
N LEU A 1083 -7.26 -16.04 -71.53
CA LEU A 1083 -7.13 -17.29 -70.77
C LEU A 1083 -8.37 -18.18 -70.81
N ARG A 1084 -9.57 -17.60 -70.82
CA ARG A 1084 -10.79 -18.41 -70.85
C ARG A 1084 -10.93 -19.08 -72.21
N GLU A 1085 -10.62 -18.33 -73.26
CA GLU A 1085 -10.57 -18.86 -74.61
C GLU A 1085 -9.60 -20.04 -74.72
N GLU A 1086 -8.41 -19.90 -74.17
CA GLU A 1086 -7.37 -20.94 -74.29
C GLU A 1086 -7.45 -22.12 -73.32
N TYR A 1087 -7.99 -21.92 -72.12
CA TYR A 1087 -8.02 -22.97 -71.10
C TYR A 1087 -9.37 -23.02 -70.40
N PRO A 1088 -10.44 -23.33 -71.13
CA PRO A 1088 -11.80 -23.16 -70.60
C PRO A 1088 -12.07 -23.79 -69.23
N SER A 1089 -11.42 -24.92 -68.97
CA SER A 1089 -11.67 -25.70 -67.75
C SER A 1089 -11.36 -24.94 -66.46
N LEU A 1090 -10.33 -24.10 -66.48
CA LEU A 1090 -10.03 -23.23 -65.33
C LEU A 1090 -11.24 -22.41 -64.88
N PHE A 1091 -12.03 -21.95 -65.85
CA PHE A 1091 -13.16 -21.08 -65.59
C PHE A 1091 -14.47 -21.85 -65.37
N LYS A 1092 -14.45 -23.15 -65.65
CA LYS A 1092 -15.61 -24.04 -65.45
C LYS A 1092 -15.52 -24.89 -64.18
N GLN A 1093 -14.30 -25.15 -63.72
CA GLN A 1093 -14.06 -25.92 -62.51
C GLN A 1093 -14.58 -25.24 -61.22
N ASN A 1094 -15.38 -25.96 -60.44
CA ASN A 1094 -15.90 -25.44 -59.18
C ASN A 1094 -14.86 -25.44 -58.09
N GLN A 1095 -14.89 -24.39 -57.29
CA GLN A 1095 -14.05 -24.22 -56.12
C GLN A 1095 -14.78 -24.75 -54.91
N VAL A 1096 -14.03 -25.18 -53.91
CA VAL A 1096 -14.64 -25.88 -52.79
C VAL A 1096 -15.42 -24.98 -51.85
N SER A 1097 -14.82 -23.86 -51.45
CA SER A 1097 -15.40 -23.04 -50.39
C SER A 1097 -16.69 -22.35 -50.82
N THR A 1098 -16.83 -22.15 -52.13
CA THR A 1098 -17.96 -21.41 -52.68
C THR A 1098 -18.97 -22.28 -53.40
N GLY A 1099 -18.55 -23.45 -53.89
CA GLY A 1099 -19.40 -24.30 -54.72
C GLY A 1099 -19.50 -23.79 -56.15
N GLN A 1100 -18.77 -22.70 -56.44
CA GLN A 1100 -18.91 -21.96 -57.69
C GLN A 1100 -17.58 -22.00 -58.40
N PRO A 1101 -17.59 -21.76 -59.72
CA PRO A 1101 -16.32 -21.50 -60.38
C PRO A 1101 -15.94 -20.03 -60.28
N ILE A 1102 -14.69 -19.71 -60.55
CA ILE A 1102 -14.26 -18.31 -60.67
C ILE A 1102 -15.03 -17.59 -61.78
N ASP A 1103 -15.25 -16.29 -61.57
CA ASP A 1103 -16.15 -15.47 -62.40
C ASP A 1103 -15.39 -14.33 -63.06
N ALA A 1104 -15.06 -14.51 -64.33
CA ALA A 1104 -14.37 -13.50 -65.12
C ALA A 1104 -15.32 -12.58 -65.89
N SER A 1105 -16.63 -12.70 -65.65
CA SER A 1105 -17.62 -11.85 -66.30
C SER A 1105 -17.54 -10.38 -65.82
N THR A 1106 -16.89 -10.18 -64.68
CA THR A 1106 -16.72 -8.84 -64.12
C THR A 1106 -15.23 -8.58 -63.89
N LYS A 1107 -14.74 -7.43 -64.36
CA LYS A 1107 -13.33 -7.08 -64.20
C LYS A 1107 -13.13 -6.11 -63.03
N ILE A 1108 -12.01 -6.23 -62.31
CA ILE A 1108 -11.72 -5.27 -61.23
C ILE A 1108 -10.63 -4.29 -61.66
N LYS A 1109 -11.04 -3.14 -62.19
CA LYS A 1109 -10.10 -2.05 -62.52
C LYS A 1109 -9.95 -1.11 -61.32
N GLN A 1110 -10.95 -1.13 -60.43
CA GLN A 1110 -10.94 -0.30 -59.24
C GLN A 1110 -11.49 -1.06 -58.04
N TRP A 1111 -10.69 -1.16 -56.98
CA TRP A 1111 -11.15 -1.76 -55.73
C TRP A 1111 -12.18 -0.85 -55.06
N SER A 1112 -13.04 -1.46 -54.27
CA SER A 1112 -13.98 -0.75 -53.46
C SER A 1112 -14.46 -1.71 -52.41
N ALA A 1113 -15.20 -1.20 -51.44
CA ALA A 1113 -15.56 -1.95 -50.23
C ALA A 1113 -16.28 -3.26 -50.51
N LYS A 1114 -17.04 -3.32 -51.59
CA LYS A 1114 -17.79 -4.55 -51.89
C LYS A 1114 -16.91 -5.79 -52.08
N TYR A 1115 -15.65 -5.56 -52.41
CA TYR A 1115 -14.71 -6.65 -52.57
C TYR A 1115 -13.83 -6.89 -51.35
N MET A 1116 -14.16 -6.27 -50.22
CA MET A 1116 -13.36 -6.38 -49.01
C MET A 1116 -14.14 -7.03 -47.90
N ASN A 1117 -13.44 -7.75 -47.04
CA ASN A 1117 -14.03 -8.28 -45.83
C ASN A 1117 -14.03 -7.25 -44.71
N GLY A 1118 -13.06 -6.37 -44.68
CA GLY A 1118 -12.94 -5.44 -43.59
C GLY A 1118 -11.68 -4.61 -43.60
N THR A 1119 -11.35 -4.07 -42.43
CA THR A 1119 -10.23 -3.16 -42.27
C THR A 1119 -9.79 -3.14 -40.84
N ASN A 1120 -8.56 -2.71 -40.62
CA ASN A 1120 -8.15 -2.36 -39.30
C ASN A 1120 -8.91 -1.09 -38.91
N ILE A 1121 -9.16 -0.94 -37.61
CA ILE A 1121 -9.87 0.22 -37.13
C ILE A 1121 -9.12 1.48 -37.54
N LEU A 1122 -9.88 2.48 -38.00
CA LEU A 1122 -9.34 3.72 -38.55
C LEU A 1122 -9.40 4.94 -37.62
N HIS A 1123 -9.78 4.73 -36.36
CA HIS A 1123 -9.76 5.79 -35.35
C HIS A 1123 -10.72 6.95 -35.61
N ARG A 1124 -11.83 6.67 -36.25
CA ARG A 1124 -12.74 7.73 -36.63
C ARG A 1124 -13.92 7.88 -35.69
N GLY A 1125 -14.31 6.78 -35.07
CA GLY A 1125 -15.39 6.76 -34.11
C GLY A 1125 -16.57 5.94 -34.56
N ALA A 1126 -17.31 5.43 -33.59
CA ALA A 1126 -18.53 4.67 -33.86
C ALA A 1126 -19.61 5.52 -34.52
N TYR A 1127 -19.63 6.83 -34.22
CA TYR A 1127 -20.71 7.70 -34.69
C TYR A 1127 -20.21 8.94 -35.41
N TYR A 1128 -19.18 8.74 -36.23
CA TYR A 1128 -18.62 9.81 -37.04
C TYR A 1128 -19.57 10.10 -38.17
N VAL A 1129 -20.29 9.06 -38.61
CA VAL A 1129 -21.36 9.18 -39.57
C VAL A 1129 -22.57 9.58 -38.75
N LEU A 1130 -23.14 10.75 -39.05
CA LEU A 1130 -24.11 11.40 -38.16
C LEU A 1130 -25.50 10.79 -38.24
N LYS A 1131 -26.13 10.79 -37.07
CA LYS A 1131 -27.31 10.00 -36.78
C LYS A 1131 -28.20 10.81 -35.83
N ASP A 1132 -29.52 10.62 -35.89
CA ASP A 1132 -30.41 11.23 -34.91
C ASP A 1132 -30.70 10.25 -33.80
N TRP A 1133 -30.43 10.61 -32.55
CA TRP A 1133 -30.57 9.65 -31.45
C TRP A 1133 -32.01 9.17 -31.25
N ALA A 1134 -32.95 10.06 -31.51
CA ALA A 1134 -34.35 9.80 -31.21
C ALA A 1134 -35.00 8.74 -32.12
N THR A 1135 -34.75 8.82 -33.42
CA THR A 1135 -35.23 7.82 -34.38
C THR A 1135 -34.19 6.75 -34.75
N ASN A 1136 -32.93 7.02 -34.43
CA ASN A 1136 -31.78 6.21 -34.84
C ASN A 1136 -31.54 6.15 -36.33
N GLN A 1137 -32.14 7.06 -37.09
CA GLN A 1137 -31.90 7.12 -38.51
C GLN A 1137 -30.70 8.00 -38.83
N TYR A 1138 -29.93 7.61 -39.83
CA TYR A 1138 -28.75 8.38 -40.26
C TYR A 1138 -29.18 9.46 -41.26
N PHE A 1139 -28.55 10.63 -41.18
CA PHE A 1139 -28.90 11.71 -42.08
C PHE A 1139 -28.34 11.38 -43.43
N ASN A 1140 -29.05 11.79 -44.46
CA ASN A 1140 -28.67 11.53 -45.85
C ASN A 1140 -29.29 12.54 -46.83
N ILE A 1141 -28.56 12.81 -47.91
CA ILE A 1141 -28.97 13.81 -48.91
C ILE A 1141 -28.71 13.39 -50.35
N ALA A 1142 -28.58 12.09 -50.58
CA ALA A 1142 -28.16 11.56 -51.90
C ALA A 1142 -29.27 11.73 -52.93
N LYS A 1143 -30.48 11.35 -52.55
CA LYS A 1143 -31.63 11.42 -53.42
C LYS A 1143 -32.70 12.30 -52.77
N THR A 1144 -33.18 13.31 -53.49
CA THR A 1144 -34.18 14.27 -52.94
C THR A 1144 -35.50 13.62 -52.48
N ASN A 1145 -35.79 12.42 -52.97
CA ASN A 1145 -36.99 11.66 -52.55
C ASN A 1145 -36.87 10.94 -51.18
N GLU A 1146 -35.66 10.89 -50.60
CA GLU A 1146 -35.43 10.19 -49.34
C GLU A 1146 -34.45 10.96 -48.45
N VAL A 1147 -34.62 12.29 -48.36
CA VAL A 1147 -33.74 13.15 -47.58
C VAL A 1147 -34.08 13.03 -46.12
N PHE A 1148 -33.06 13.03 -45.28
CA PHE A 1148 -33.29 13.12 -43.85
C PHE A 1148 -32.23 14.05 -43.28
N LEU A 1149 -32.67 15.18 -42.73
CA LEU A 1149 -31.79 16.16 -42.11
C LEU A 1149 -32.41 16.66 -40.82
N PRO A 1150 -31.60 17.29 -39.96
CA PRO A 1150 -32.18 17.97 -38.81
C PRO A 1150 -33.09 19.06 -39.30
N LEU A 1151 -34.17 19.32 -38.58
CA LEU A 1151 -35.19 20.25 -39.05
C LEU A 1151 -34.69 21.70 -39.09
N GLN A 1152 -33.77 22.09 -38.20
CA GLN A 1152 -33.11 23.42 -38.29
C GLN A 1152 -32.57 23.71 -39.68
N LEU A 1153 -31.95 22.70 -40.30
CA LEU A 1153 -31.22 22.92 -41.54
C LEU A 1153 -32.16 23.07 -42.72
N GLN A 1154 -33.41 22.63 -42.55
CA GLN A 1154 -34.46 22.82 -43.54
C GLN A 1154 -35.39 24.00 -43.24
N ASN A 1155 -34.96 24.87 -42.33
CA ASN A 1155 -35.75 25.99 -41.87
C ASN A 1155 -37.14 25.58 -41.39
N LYS A 1156 -37.21 24.50 -40.63
CA LYS A 1156 -38.42 24.13 -39.95
C LYS A 1156 -38.09 24.25 -38.47
N ASP A 1157 -39.09 24.12 -37.62
CA ASP A 1157 -38.93 24.40 -36.21
C ASP A 1157 -38.55 23.14 -35.50
N ALA A 1158 -37.41 23.16 -34.82
CA ALA A 1158 -36.95 21.98 -34.11
C ALA A 1158 -37.22 22.16 -32.65
N GLN A 1159 -38.11 21.35 -32.09
CA GLN A 1159 -38.35 21.44 -30.68
C GLN A 1159 -37.61 20.34 -29.98
N THR A 1160 -37.10 20.62 -28.80
CA THR A 1160 -36.25 19.65 -28.15
C THR A 1160 -36.45 19.70 -26.66
N GLY A 1161 -36.53 18.51 -26.05
CA GLY A 1161 -36.66 18.39 -24.61
C GLY A 1161 -37.66 17.34 -24.23
N PHE A 1162 -37.89 17.25 -22.93
CA PHE A 1162 -38.86 16.33 -22.39
C PHE A 1162 -40.17 17.07 -22.20
N ILE A 1163 -41.28 16.41 -22.50
CA ILE A 1163 -42.58 16.99 -22.23
C ILE A 1163 -43.52 15.90 -21.74
N SER A 1164 -44.20 16.18 -20.64
CA SER A 1164 -45.22 15.28 -20.12
C SER A 1164 -46.58 15.52 -20.80
N ASP A 1165 -47.38 14.45 -20.89
CA ASP A 1165 -48.82 14.56 -21.21
C ASP A 1165 -49.61 13.57 -20.36
N ALA A 1166 -50.91 13.48 -20.57
CA ALA A 1166 -51.72 12.60 -19.73
C ALA A 1166 -51.25 11.16 -19.76
N SER A 1167 -50.75 10.73 -20.90
CA SER A 1167 -50.31 9.35 -21.05
C SER A 1167 -48.91 9.07 -20.48
N GLY A 1168 -48.00 10.03 -20.58
CA GLY A 1168 -46.64 9.83 -20.07
C GLY A 1168 -45.67 10.90 -20.53
N VAL A 1169 -44.37 10.62 -20.48
CA VAL A 1169 -43.35 11.58 -20.87
C VAL A 1169 -42.78 11.26 -22.25
N LYS A 1170 -42.54 12.29 -23.05
CA LYS A 1170 -42.01 12.13 -24.40
C LYS A 1170 -40.75 12.94 -24.49
N TYR A 1171 -39.92 12.69 -25.51
CA TYR A 1171 -38.69 13.46 -25.68
C TYR A 1171 -38.42 13.78 -27.14
N TYR A 1172 -37.90 14.97 -27.37
CA TYR A 1172 -37.54 15.41 -28.71
C TYR A 1172 -36.05 15.74 -28.77
N SER A 1173 -35.38 15.21 -29.78
CA SER A 1173 -33.93 15.42 -29.91
C SER A 1173 -33.61 16.83 -30.41
N ILE A 1174 -32.34 17.22 -30.38
CA ILE A 1174 -31.93 18.51 -30.90
C ILE A 1174 -32.33 18.73 -32.35
N SER A 1175 -32.54 17.68 -33.10
CA SER A 1175 -32.90 17.82 -34.48
C SER A 1175 -34.42 17.90 -34.67
N GLY A 1176 -35.17 17.82 -33.57
CA GLY A 1176 -36.62 18.02 -33.59
C GLY A 1176 -37.49 16.80 -33.76
N TYR A 1177 -36.95 15.60 -33.55
CA TYR A 1177 -37.69 14.37 -33.79
C TYR A 1177 -38.01 13.65 -32.52
N GLN A 1178 -39.14 12.95 -32.51
CA GLN A 1178 -39.61 12.29 -31.30
C GLN A 1178 -38.89 10.97 -31.08
N ALA A 1179 -38.47 10.73 -29.84
CA ALA A 1179 -37.80 9.50 -29.46
C ALA A 1179 -38.79 8.38 -29.39
N LYS A 1180 -38.54 7.35 -30.20
CA LYS A 1180 -39.29 6.10 -30.13
C LYS A 1180 -38.34 4.92 -30.23
N ASP A 1181 -38.52 3.95 -29.34
CA ASP A 1181 -37.82 2.67 -29.38
C ASP A 1181 -36.34 2.98 -29.39
N THR A 1182 -35.90 3.67 -28.35
CA THR A 1182 -34.53 4.13 -28.24
C THR A 1182 -34.22 4.57 -26.82
N PHE A 1183 -32.96 4.51 -26.45
CA PHE A 1183 -32.54 4.94 -25.12
C PHE A 1183 -32.07 6.36 -25.27
N ILE A 1184 -32.29 7.18 -24.25
CA ILE A 1184 -31.91 8.57 -24.28
C ILE A 1184 -31.30 8.94 -22.94
N GLU A 1185 -30.24 9.74 -23.01
CA GLU A 1185 -29.55 10.24 -21.83
C GLU A 1185 -29.82 11.73 -21.66
N ASP A 1186 -30.17 12.15 -20.46
CA ASP A 1186 -30.44 13.56 -20.23
C ASP A 1186 -29.16 14.29 -19.93
N GLY A 1187 -29.26 15.58 -19.66
CA GLY A 1187 -28.10 16.41 -19.40
C GLY A 1187 -27.43 16.20 -18.05
N ASN A 1188 -28.11 15.57 -17.10
CA ASN A 1188 -27.49 15.22 -15.83
C ASN A 1188 -26.91 13.81 -15.80
N GLY A 1189 -26.89 13.12 -16.94
CA GLY A 1189 -26.30 11.79 -17.00
C GLY A 1189 -27.24 10.62 -16.77
N ASN A 1190 -28.52 10.87 -16.51
CA ASN A 1190 -29.48 9.79 -16.33
C ASN A 1190 -29.94 9.23 -17.65
N TRP A 1191 -30.29 7.94 -17.63
CA TRP A 1191 -30.72 7.24 -18.84
C TRP A 1191 -32.20 6.84 -18.77
N TYR A 1192 -32.85 6.91 -19.93
CA TYR A 1192 -34.28 6.57 -20.08
C TYR A 1192 -34.51 5.69 -21.31
N TYR A 1193 -35.59 4.90 -21.29
CA TYR A 1193 -35.97 4.14 -22.48
C TYR A 1193 -37.33 4.61 -22.94
N PHE A 1194 -37.44 4.95 -24.23
CA PHE A 1194 -38.72 5.31 -24.82
C PHE A 1194 -39.24 4.15 -25.66
N ASP A 1195 -40.47 3.72 -25.36
CA ASP A 1195 -41.04 2.54 -26.00
C ASP A 1195 -41.46 2.83 -27.44
N LYS A 1196 -42.02 1.83 -28.10
CA LYS A 1196 -42.34 1.95 -29.52
C LYS A 1196 -43.37 3.04 -29.72
N ASP A 1197 -44.25 3.21 -28.74
CA ASP A 1197 -45.29 4.25 -28.79
C ASP A 1197 -44.79 5.67 -28.56
N GLY A 1198 -43.57 5.82 -28.06
CA GLY A 1198 -42.96 7.12 -27.89
C GLY A 1198 -42.95 7.64 -26.46
N TYR A 1199 -43.25 6.75 -25.50
CA TYR A 1199 -43.39 7.13 -24.11
C TYR A 1199 -42.35 6.49 -23.21
N MET A 1200 -41.81 7.30 -22.31
CA MET A 1200 -40.81 6.87 -21.34
C MET A 1200 -41.35 5.70 -20.56
N VAL A 1201 -40.56 4.65 -20.37
CA VAL A 1201 -40.97 3.53 -19.53
C VAL A 1201 -40.73 3.89 -18.07
N ARG A 1202 -41.73 3.66 -17.22
CA ARG A 1202 -41.63 4.01 -15.80
C ARG A 1202 -42.36 3.00 -14.93
N SER A 1203 -41.85 2.75 -13.74
CA SER A 1203 -42.49 1.79 -12.85
C SER A 1203 -43.70 2.39 -12.14
N GLN A 1204 -44.75 1.57 -12.02
CA GLN A 1204 -46.00 1.95 -11.34
C GLN A 1204 -45.96 1.38 -9.94
N GLN A 1205 -46.83 1.87 -9.05
CA GLN A 1205 -46.97 1.32 -7.70
C GLN A 1205 -47.48 -0.12 -7.76
N GLY A 1206 -46.88 -0.99 -6.95
CA GLY A 1206 -47.28 -2.40 -6.87
C GLY A 1206 -46.94 -3.27 -8.06
N GLU A 1207 -46.21 -2.73 -9.03
CA GLU A 1207 -45.85 -3.46 -10.25
C GLU A 1207 -44.34 -3.68 -10.34
N ASN A 1208 -43.95 -4.70 -11.12
CA ASN A 1208 -42.54 -5.05 -11.28
C ASN A 1208 -41.81 -3.97 -12.09
N PRO A 1209 -40.78 -3.36 -11.48
CA PRO A 1209 -40.02 -2.35 -12.19
C PRO A 1209 -39.13 -2.92 -13.26
N ILE A 1210 -38.90 -4.21 -13.25
CA ILE A 1210 -38.01 -4.83 -14.22
C ILE A 1210 -38.73 -4.99 -15.54
N ARG A 1211 -38.16 -4.48 -16.62
CA ARG A 1211 -38.78 -4.62 -17.91
C ARG A 1211 -37.78 -5.15 -18.91
N THR A 1212 -38.28 -6.01 -19.80
CA THR A 1212 -37.52 -6.58 -20.89
C THR A 1212 -37.62 -5.64 -22.08
N VAL A 1213 -36.47 -5.27 -22.63
CA VAL A 1213 -36.41 -4.34 -23.75
C VAL A 1213 -35.87 -5.04 -25.00
N GLU A 1214 -36.61 -4.93 -26.11
CA GLU A 1214 -36.14 -5.33 -27.44
C GLU A 1214 -36.16 -4.10 -28.35
N THR A 1215 -34.99 -3.59 -28.71
CA THR A 1215 -34.85 -2.34 -29.48
C THR A 1215 -34.31 -2.60 -30.86
N SER A 1216 -34.56 -1.64 -31.77
CA SER A 1216 -33.86 -1.55 -33.06
C SER A 1216 -32.34 -1.76 -32.90
N VAL A 1217 -31.74 -1.08 -31.92
CA VAL A 1217 -30.36 -1.30 -31.52
C VAL A 1217 -30.28 -2.57 -30.65
N ASN A 1218 -29.96 -3.70 -31.30
CA ASN A 1218 -29.99 -5.05 -30.67
C ASN A 1218 -29.06 -5.21 -29.51
N THR A 1219 -27.93 -4.52 -29.54
CA THR A 1219 -26.91 -4.71 -28.54
C THR A 1219 -27.46 -4.32 -27.18
N ARG A 1220 -28.42 -3.40 -27.17
CA ARG A 1220 -28.99 -2.94 -25.91
C ARG A 1220 -30.12 -3.82 -25.38
N ASN A 1221 -30.53 -4.85 -26.13
CA ASN A 1221 -31.58 -5.73 -25.65
C ASN A 1221 -31.20 -6.35 -24.31
N GLY A 1222 -32.18 -6.55 -23.45
CA GLY A 1222 -31.90 -7.05 -22.10
C GLY A 1222 -32.96 -6.64 -21.10
N ASN A 1223 -32.71 -6.93 -19.83
CA ASN A 1223 -33.64 -6.60 -18.77
C ASN A 1223 -33.17 -5.41 -17.96
N TYR A 1224 -34.02 -4.41 -17.89
CA TYR A 1224 -33.68 -3.17 -17.23
C TYR A 1224 -34.58 -2.93 -16.06
N TYR A 1225 -34.15 -2.01 -15.19
CA TYR A 1225 -34.89 -1.65 -13.99
C TYR A 1225 -35.17 -0.16 -14.04
N PHE A 1226 -36.38 0.22 -14.44
CA PHE A 1226 -36.75 1.63 -14.55
C PHE A 1226 -37.54 2.07 -13.34
N MET A 1227 -37.16 3.19 -12.78
CA MET A 1227 -37.76 3.70 -11.56
C MET A 1227 -39.03 4.50 -11.88
N PRO A 1228 -39.72 5.03 -10.86
CA PRO A 1228 -40.99 5.71 -11.15
C PRO A 1228 -40.84 6.93 -12.03
N ASN A 1229 -39.71 7.61 -11.91
CA ASN A 1229 -39.41 8.76 -12.75
C ASN A 1229 -38.64 8.42 -14.02
N GLY A 1230 -38.54 7.12 -14.31
CA GLY A 1230 -38.04 6.63 -15.59
C GLY A 1230 -36.56 6.37 -15.69
N VAL A 1231 -35.84 6.70 -14.61
CA VAL A 1231 -34.40 6.61 -14.54
C VAL A 1231 -34.04 5.14 -14.50
N GLU A 1232 -33.08 4.78 -15.34
CA GLU A 1232 -32.61 3.41 -15.42
C GLU A 1232 -31.58 3.23 -14.31
N LEU A 1233 -31.72 2.16 -13.52
CA LEU A 1233 -30.77 1.83 -12.45
C LEU A 1233 -29.56 1.20 -13.10
N ARG A 1234 -28.38 1.65 -12.64
CA ARG A 1234 -27.10 1.27 -13.22
C ARG A 1234 -26.06 0.98 -12.14
N LYS A 1235 -25.40 -0.17 -12.23
CA LYS A 1235 -24.30 -0.52 -11.34
C LYS A 1235 -24.83 -0.62 -9.91
N GLY A 1236 -25.89 -1.39 -9.73
CA GLY A 1236 -26.49 -1.52 -8.40
C GLY A 1236 -27.61 -2.53 -8.32
N PHE A 1237 -28.07 -2.76 -7.09
CA PHE A 1237 -29.07 -3.78 -6.84
C PHE A 1237 -30.48 -3.21 -6.89
N GLY A 1238 -31.43 -3.98 -7.44
CA GLY A 1238 -32.82 -3.55 -7.50
C GLY A 1238 -33.80 -4.63 -7.07
N THR A 1239 -34.72 -4.27 -6.16
CA THR A 1239 -35.72 -5.22 -5.65
C THR A 1239 -36.94 -5.20 -6.55
N ASP A 1240 -37.48 -6.38 -6.88
CA ASP A 1240 -38.74 -6.47 -7.61
C ASP A 1240 -39.88 -6.40 -6.61
N ASN A 1241 -41.11 -6.42 -7.11
CA ASN A 1241 -42.30 -6.32 -6.24
C ASN A 1241 -42.45 -7.46 -5.21
N SER A 1242 -41.85 -8.62 -5.50
CA SER A 1242 -41.93 -9.82 -4.65
C SER A 1242 -40.78 -10.00 -3.65
N GLY A 1243 -39.88 -9.03 -3.55
CA GLY A 1243 -38.79 -9.07 -2.58
C GLY A 1243 -37.47 -9.61 -3.09
N ASN A 1244 -37.45 -10.18 -4.29
CA ASN A 1244 -36.19 -10.71 -4.88
C ASN A 1244 -35.23 -9.62 -5.32
N VAL A 1245 -33.94 -9.81 -5.09
CA VAL A 1245 -32.96 -8.80 -5.49
C VAL A 1245 -32.23 -9.21 -6.77
N TYR A 1246 -32.03 -8.26 -7.67
CA TYR A 1246 -31.24 -8.48 -8.89
C TYR A 1246 -30.13 -7.43 -8.94
N TYR A 1247 -29.14 -7.64 -9.80
CA TYR A 1247 -28.09 -6.64 -10.00
C TYR A 1247 -28.09 -6.19 -11.46
N PHE A 1248 -27.76 -4.91 -11.66
CA PHE A 1248 -27.80 -4.29 -12.98
C PHE A 1248 -26.49 -3.56 -13.24
N ASP A 1249 -25.92 -3.80 -14.41
CA ASP A 1249 -24.51 -3.47 -14.66
C ASP A 1249 -24.29 -2.01 -15.08
N ASP A 1250 -23.05 -1.70 -15.46
CA ASP A 1250 -22.64 -0.35 -15.90
C ASP A 1250 -23.65 0.29 -16.84
N GLN A 1251 -24.20 -0.51 -17.76
CA GLN A 1251 -25.11 0.00 -18.79
C GLN A 1251 -26.57 -0.31 -18.53
N GLY A 1252 -26.90 -0.76 -17.32
CA GLY A 1252 -28.30 -0.98 -16.92
C GLY A 1252 -28.85 -2.38 -17.07
N LYS A 1253 -28.12 -3.26 -17.76
CA LYS A 1253 -28.57 -4.63 -18.01
C LYS A 1253 -28.51 -5.51 -16.76
N MET A 1254 -29.46 -6.44 -16.67
CA MET A 1254 -29.50 -7.39 -15.57
C MET A 1254 -28.39 -8.38 -15.80
N VAL A 1255 -27.77 -8.82 -14.70
CA VAL A 1255 -26.68 -9.79 -14.74
C VAL A 1255 -27.19 -11.12 -14.21
N ARG A 1256 -26.81 -12.20 -14.90
CA ARG A 1256 -27.27 -13.56 -14.61
C ARG A 1256 -26.12 -14.58 -14.52
N ASP A 1257 -26.26 -15.54 -13.61
CA ASP A 1257 -25.40 -16.73 -13.58
C ASP A 1257 -23.91 -16.39 -13.42
N LYS A 1258 -23.57 -15.68 -12.34
CA LYS A 1258 -22.18 -15.41 -12.04
C LYS A 1258 -21.97 -14.78 -10.67
N TYR A 1259 -20.74 -14.85 -10.18
CA TYR A 1259 -20.37 -14.16 -8.96
C TYR A 1259 -20.00 -12.73 -9.33
N ILE A 1260 -20.26 -11.84 -8.37
CA ILE A 1260 -20.04 -10.42 -8.56
C ILE A 1260 -19.34 -9.88 -7.30
N ASN A 1261 -18.30 -9.07 -7.50
CA ASN A 1261 -17.54 -8.51 -6.39
C ASN A 1261 -17.78 -7.02 -6.22
N ASP A 1262 -17.42 -6.55 -5.03
CA ASP A 1262 -17.76 -5.23 -4.54
C ASP A 1262 -16.43 -4.53 -4.19
N ASP A 1263 -16.38 -3.20 -4.27
CA ASP A 1263 -15.18 -2.44 -3.85
C ASP A 1263 -14.75 -2.73 -2.38
N ALA A 1264 -15.71 -3.03 -1.50
CA ALA A 1264 -15.43 -3.38 -0.09
C ALA A 1264 -15.16 -4.88 0.16
N ASN A 1265 -15.06 -5.65 -0.92
CA ASN A 1265 -14.75 -7.08 -0.85
C ASN A 1265 -15.94 -7.97 -0.43
N ASN A 1266 -17.14 -7.45 -0.63
CA ASN A 1266 -18.35 -8.26 -0.51
C ASN A 1266 -18.59 -9.06 -1.79
N PHE A 1267 -18.96 -10.32 -1.62
CA PHE A 1267 -19.26 -11.17 -2.76
C PHE A 1267 -20.76 -11.52 -2.79
N TYR A 1268 -21.32 -11.50 -4.01
CA TYR A 1268 -22.70 -11.90 -4.25
C TYR A 1268 -22.76 -12.87 -5.44
N HIS A 1269 -23.74 -13.77 -5.40
CA HIS A 1269 -23.96 -14.70 -6.50
C HIS A 1269 -25.32 -14.45 -7.10
N LEU A 1270 -25.36 -14.47 -8.43
CA LEU A 1270 -26.59 -14.29 -9.17
C LEU A 1270 -26.92 -15.58 -9.89
N ASN A 1271 -28.11 -16.10 -9.60
CA ASN A 1271 -28.61 -17.33 -10.19
C ASN A 1271 -28.84 -17.16 -11.67
N VAL A 1272 -29.30 -18.24 -12.32
CA VAL A 1272 -29.51 -18.21 -13.78
C VAL A 1272 -30.73 -17.35 -14.10
N ASP A 1273 -31.78 -17.49 -13.29
CA ASP A 1273 -32.96 -16.64 -13.42
C ASP A 1273 -32.74 -15.16 -13.01
N GLY A 1274 -31.52 -14.81 -12.58
CA GLY A 1274 -31.19 -13.44 -12.24
C GLY A 1274 -31.15 -13.14 -10.75
N THR A 1275 -31.87 -13.92 -9.95
CA THR A 1275 -31.98 -13.62 -8.52
C THR A 1275 -30.64 -13.75 -7.83
N MET A 1276 -30.50 -13.06 -6.70
CA MET A 1276 -29.28 -13.08 -5.91
C MET A 1276 -29.39 -14.05 -4.72
N SER A 1277 -28.63 -15.14 -4.78
CA SER A 1277 -28.52 -16.08 -3.65
C SER A 1277 -27.68 -15.44 -2.52
N ARG A 1278 -26.57 -14.81 -2.91
CA ARG A 1278 -25.60 -14.19 -1.99
C ARG A 1278 -25.11 -15.16 -0.90
N SER B 94 1.13 15.95 -11.29
CA SER B 94 0.75 15.54 -9.91
C SER B 94 -0.24 14.37 -9.88
N TYR B 95 -0.21 13.60 -8.80
CA TYR B 95 -1.22 12.57 -8.54
C TYR B 95 -2.44 13.21 -7.89
N VAL B 96 -3.64 12.77 -8.26
CA VAL B 96 -4.82 13.04 -7.44
C VAL B 96 -5.70 11.80 -7.27
N ALA B 97 -6.18 11.62 -6.04
CA ALA B 97 -7.14 10.57 -5.71
C ALA B 97 -8.51 11.23 -5.68
N ASP B 98 -9.50 10.57 -6.28
CA ASP B 98 -10.86 11.10 -6.36
C ASP B 98 -11.72 10.66 -5.16
N SER B 99 -13.02 10.96 -5.22
CA SER B 99 -13.95 10.61 -4.15
C SER B 99 -13.96 9.12 -3.79
N SER B 100 -13.92 8.25 -4.81
CA SER B 100 -13.97 6.79 -4.63
C SER B 100 -12.63 6.12 -4.27
N GLY B 101 -11.60 6.92 -3.96
CA GLY B 101 -10.27 6.39 -3.67
C GLY B 101 -9.48 5.91 -4.88
N GLN B 102 -9.86 6.31 -6.10
CA GLN B 102 -9.13 5.97 -7.33
C GLN B 102 -8.13 7.08 -7.68
N THR B 103 -7.07 6.70 -8.38
CA THR B 103 -5.92 7.59 -8.57
C THR B 103 -5.60 7.84 -10.05
N TYR B 104 -5.42 9.11 -10.41
CA TYR B 104 -4.98 9.53 -11.75
C TYR B 104 -3.65 10.26 -11.62
N TYR B 105 -2.88 10.30 -12.71
CA TYR B 105 -1.75 11.22 -12.79
C TYR B 105 -1.88 12.15 -13.98
N PHE B 106 -1.89 13.45 -13.70
CA PHE B 106 -2.01 14.48 -14.72
C PHE B 106 -0.63 15.05 -15.04
N ASP B 107 -0.34 15.18 -16.33
CA ASP B 107 0.99 15.55 -16.81
C ASP B 107 1.20 17.08 -16.84
N GLY B 108 2.18 17.54 -17.61
CA GLY B 108 2.46 18.98 -17.77
C GLY B 108 1.30 19.82 -18.28
N ASN B 109 0.44 19.24 -19.12
CA ASN B 109 -0.72 19.95 -19.67
C ASN B 109 -2.02 19.83 -18.83
N GLY B 110 -2.00 19.01 -17.77
CA GLY B 110 -3.18 18.72 -16.96
C GLY B 110 -3.99 17.54 -17.47
N GLN B 111 -3.50 16.90 -18.53
CA GLN B 111 -4.17 15.75 -19.13
C GLN B 111 -3.69 14.44 -18.50
N PRO B 112 -4.63 13.54 -18.17
CA PRO B 112 -4.25 12.32 -17.47
C PRO B 112 -3.48 11.36 -18.36
N LEU B 113 -2.48 10.69 -17.79
CA LEU B 113 -1.67 9.71 -18.51
C LEU B 113 -2.45 8.39 -18.59
N ILE B 114 -2.26 7.68 -19.71
CA ILE B 114 -2.92 6.41 -19.96
C ILE B 114 -1.87 5.39 -20.40
N GLY B 115 -2.05 4.14 -20.01
CA GLY B 115 -1.11 3.09 -20.38
C GLY B 115 0.10 3.06 -19.47
N LEU B 116 1.14 2.35 -19.90
CA LEU B 116 2.32 2.15 -19.08
C LEU B 116 3.13 3.44 -18.98
N GLN B 117 3.61 3.75 -17.77
CA GLN B 117 4.30 5.02 -17.49
C GLN B 117 5.35 4.84 -16.40
N THR B 118 6.42 5.62 -16.44
CA THR B 118 7.40 5.65 -15.34
C THR B 118 7.30 7.00 -14.63
N ILE B 119 6.98 6.99 -13.34
CA ILE B 119 6.80 8.23 -12.57
C ILE B 119 7.64 8.21 -11.28
N ASP B 120 8.34 9.31 -10.99
CA ASP B 120 9.31 9.35 -9.89
C ASP B 120 10.22 8.11 -9.93
N GLY B 121 10.59 7.66 -11.14
CA GLY B 121 11.35 6.41 -11.34
C GLY B 121 10.60 5.11 -11.08
N ASN B 122 9.27 5.17 -10.97
CA ASN B 122 8.44 4.00 -10.67
C ASN B 122 7.63 3.62 -11.92
N LEU B 123 7.54 2.32 -12.22
CA LEU B 123 6.69 1.84 -13.33
C LEU B 123 5.24 1.67 -12.89
N GLN B 124 4.29 2.25 -13.63
CA GLN B 124 2.86 2.16 -13.29
C GLN B 124 1.99 2.00 -14.53
N TYR B 125 0.79 1.45 -14.34
CA TYR B 125 -0.17 1.28 -15.45
C TYR B 125 -1.45 2.08 -15.26
N PHE B 126 -2.02 2.56 -16.36
CA PHE B 126 -3.29 3.30 -16.30
C PHE B 126 -4.27 2.76 -17.33
N ASN B 127 -5.52 2.53 -16.91
CA ASN B 127 -6.54 2.03 -17.83
C ASN B 127 -6.97 3.08 -18.87
N GLN B 128 -7.79 2.68 -19.83
CA GLN B 128 -8.21 3.58 -20.91
C GLN B 128 -8.94 4.85 -20.44
N GLN B 129 -9.43 4.86 -19.20
CA GLN B 129 -10.06 6.06 -18.62
C GLN B 129 -9.09 6.89 -17.78
N GLY B 130 -7.83 6.47 -17.70
CA GLY B 130 -6.78 7.20 -16.95
C GLY B 130 -6.64 6.84 -15.46
N VAL B 131 -7.34 5.79 -15.04
CA VAL B 131 -7.34 5.38 -13.64
C VAL B 131 -6.13 4.47 -13.39
N GLN B 132 -5.57 4.55 -12.19
CA GLN B 132 -4.40 3.76 -11.84
C GLN B 132 -4.75 2.34 -11.36
N ILE B 133 -4.12 1.34 -11.98
CA ILE B 133 -4.27 -0.04 -11.54
C ILE B 133 -3.40 -0.28 -10.31
N LYS B 134 -4.05 -0.81 -9.27
CA LYS B 134 -3.45 -1.10 -7.96
C LYS B 134 -3.88 -2.49 -7.49
N GLY B 135 -2.94 -3.32 -7.04
CA GLY B 135 -3.27 -4.64 -6.50
C GLY B 135 -3.83 -5.60 -7.53
N GLY B 136 -3.14 -5.78 -8.64
CA GLY B 136 -3.54 -6.78 -9.62
C GLY B 136 -2.57 -6.92 -10.78
N PHE B 137 -2.72 -8.02 -11.51
CA PHE B 137 -1.97 -8.24 -12.75
C PHE B 137 -2.56 -7.45 -13.90
N GLN B 138 -1.83 -7.37 -15.01
CA GLN B 138 -2.19 -6.50 -16.13
C GLN B 138 -1.35 -6.86 -17.37
N ASP B 139 -2.02 -7.22 -18.47
CA ASP B 139 -1.33 -7.63 -19.69
C ASP B 139 -1.00 -6.42 -20.59
N VAL B 140 0.08 -5.74 -20.27
CA VAL B 140 0.55 -4.63 -21.08
C VAL B 140 1.65 -5.26 -21.90
N ASN B 141 1.47 -5.25 -23.22
CA ASN B 141 2.35 -5.94 -24.19
C ASN B 141 2.25 -7.45 -24.02
N ASN B 142 3.25 -8.17 -24.46
CA ASN B 142 3.28 -9.63 -24.26
C ASN B 142 3.36 -9.98 -22.78
N LYS B 143 4.10 -9.17 -22.03
CA LYS B 143 4.39 -9.42 -20.63
C LYS B 143 3.17 -9.17 -19.72
N ARG B 144 3.19 -9.80 -18.55
CA ARG B 144 2.16 -9.63 -17.54
C ARG B 144 2.84 -9.06 -16.30
N ILE B 145 2.33 -7.95 -15.77
CA ILE B 145 2.98 -7.27 -14.64
C ILE B 145 2.02 -7.08 -13.48
N TYR B 146 2.48 -7.39 -12.26
CA TYR B 146 1.69 -7.12 -11.08
C TYR B 146 2.03 -5.72 -10.56
N PHE B 147 1.00 -5.00 -10.12
CA PHE B 147 1.16 -3.65 -9.58
C PHE B 147 0.69 -3.62 -8.13
N ALA B 148 1.45 -2.94 -7.28
CA ALA B 148 1.27 -3.03 -5.83
C ALA B 148 -0.03 -2.39 -5.33
N PRO B 149 -0.57 -2.88 -4.21
CA PRO B 149 -1.85 -2.43 -3.63
C PRO B 149 -1.96 -0.93 -3.36
N ASN B 150 -0.95 -0.30 -2.74
CA ASN B 150 -1.07 1.13 -2.41
C ASN B 150 -0.22 2.03 -3.31
N THR B 151 1.01 1.63 -3.59
CA THR B 151 1.87 2.41 -4.45
C THR B 151 1.46 2.23 -5.92
N GLY B 152 1.08 1.02 -6.28
CA GLY B 152 0.73 0.72 -7.66
C GLY B 152 1.96 0.47 -8.47
N ASN B 153 3.10 0.38 -7.79
CA ASN B 153 4.38 0.20 -8.46
C ASN B 153 4.58 -1.25 -8.92
N ALA B 154 5.29 -1.43 -10.03
CA ALA B 154 5.53 -2.78 -10.57
C ALA B 154 6.42 -3.56 -9.63
N VAL B 155 6.03 -4.80 -9.33
CA VAL B 155 6.78 -5.67 -8.41
C VAL B 155 6.64 -7.13 -8.82
N ALA B 156 7.59 -7.94 -8.38
CA ALA B 156 7.54 -9.37 -8.61
C ALA B 156 6.37 -9.95 -7.84
N ASN B 157 5.70 -10.92 -8.44
CA ASN B 157 4.61 -11.61 -7.79
C ASN B 157 4.43 -13.00 -8.37
N THR B 158 3.73 -13.82 -7.60
CA THR B 158 3.41 -15.17 -8.02
C THR B 158 1.92 -15.35 -8.09
N GLU B 159 1.49 -16.11 -9.09
CA GLU B 159 0.10 -16.44 -9.28
C GLU B 159 0.02 -17.93 -9.57
N ILE B 160 -1.16 -18.51 -9.41
CA ILE B 160 -1.34 -19.95 -9.66
C ILE B 160 -1.94 -20.18 -11.07
N ILE B 161 -1.11 -20.70 -11.98
CA ILE B 161 -1.52 -21.03 -13.35
C ILE B 161 -1.76 -22.53 -13.43
N ASN B 162 -2.90 -22.94 -13.99
CA ASN B 162 -3.39 -24.31 -13.82
C ASN B 162 -3.42 -24.63 -12.33
N GLY B 163 -2.74 -25.69 -11.89
CA GLY B 163 -2.63 -26.01 -10.47
C GLY B 163 -1.27 -25.73 -9.84
N LYS B 164 -0.37 -25.09 -10.59
CA LYS B 164 1.01 -24.88 -10.16
C LYS B 164 1.36 -23.39 -9.99
N LEU B 165 2.02 -23.06 -8.89
CA LEU B 165 2.44 -21.67 -8.67
C LEU B 165 3.45 -21.28 -9.75
N GLN B 166 3.35 -20.03 -10.21
CA GLN B 166 4.27 -19.47 -11.19
C GLN B 166 4.78 -18.16 -10.64
N GLY B 167 5.93 -17.75 -11.15
CA GLY B 167 6.56 -16.51 -10.71
C GLY B 167 6.64 -15.52 -11.84
N ARG B 168 6.38 -14.26 -11.49
CA ARG B 168 6.39 -13.15 -12.43
C ARG B 168 7.29 -12.07 -11.84
N ASP B 169 8.24 -11.57 -12.63
CA ASP B 169 9.14 -10.52 -12.15
C ASP B 169 8.54 -9.10 -12.31
N ALA B 170 9.33 -8.06 -12.02
CA ALA B 170 8.84 -6.68 -12.09
C ALA B 170 8.62 -6.18 -13.52
N ASN B 171 9.36 -6.76 -14.49
CA ASN B 171 9.23 -6.42 -15.91
C ASN B 171 8.10 -7.18 -16.64
N GLY B 172 7.42 -8.07 -15.91
CA GLY B 172 6.31 -8.84 -16.46
C GLY B 172 6.69 -10.14 -17.14
N ASN B 173 7.99 -10.45 -17.18
CA ASN B 173 8.48 -11.73 -17.67
C ASN B 173 8.38 -12.83 -16.63
N GLN B 174 8.01 -14.02 -17.08
CA GLN B 174 8.01 -15.20 -16.22
C GLN B 174 9.43 -15.53 -15.79
N VAL B 175 9.58 -16.09 -14.59
CA VAL B 175 10.91 -16.40 -14.04
C VAL B 175 11.27 -17.88 -14.22
N LYS B 176 12.45 -18.11 -14.78
CA LYS B 176 13.00 -19.44 -15.04
C LYS B 176 14.43 -19.49 -14.46
N ASN B 177 14.76 -20.57 -13.78
CA ASN B 177 16.08 -20.77 -13.15
C ASN B 177 16.46 -19.58 -12.28
N ALA B 178 15.64 -19.30 -11.29
CA ALA B 178 15.90 -18.17 -10.42
C ALA B 178 14.95 -18.10 -9.25
N PHE B 179 15.36 -17.31 -8.27
CA PHE B 179 14.56 -16.97 -7.12
C PHE B 179 13.68 -15.78 -7.46
N SER B 180 12.42 -15.79 -6.98
CA SER B 180 11.53 -14.64 -7.14
C SER B 180 10.59 -14.52 -5.95
N LYS B 181 10.26 -13.29 -5.58
CA LYS B 181 9.36 -13.05 -4.46
C LYS B 181 7.89 -12.98 -4.85
N ASP B 182 7.05 -12.93 -3.81
CA ASP B 182 5.65 -12.52 -3.93
C ASP B 182 5.39 -11.31 -3.03
N VAL B 183 4.25 -10.64 -3.25
CA VAL B 183 3.91 -9.41 -2.52
C VAL B 183 3.98 -9.60 -1.00
N ALA B 184 3.58 -10.77 -0.50
CA ALA B 184 3.61 -11.02 0.96
C ALA B 184 5.01 -10.94 1.56
N GLY B 185 6.00 -11.35 0.77
CA GLY B 185 7.40 -11.35 1.20
C GLY B 185 8.12 -12.69 1.13
N ASN B 186 7.43 -13.74 0.68
CA ASN B 186 8.02 -15.07 0.56
C ASN B 186 8.87 -15.20 -0.68
N THR B 187 9.99 -15.89 -0.56
CA THR B 187 10.82 -16.16 -1.73
C THR B 187 10.62 -17.61 -2.18
N PHE B 188 10.60 -17.82 -3.49
CA PHE B 188 10.49 -19.16 -4.07
C PHE B 188 11.63 -19.35 -5.03
N TYR B 189 11.85 -20.57 -5.50
CA TYR B 189 12.80 -20.80 -6.58
C TYR B 189 12.07 -21.52 -7.69
N PHE B 190 12.30 -21.10 -8.93
CA PHE B 190 11.65 -21.69 -10.08
C PHE B 190 12.68 -22.23 -11.05
N ASP B 191 12.51 -23.49 -11.44
CA ASP B 191 13.51 -24.18 -12.27
C ASP B 191 13.41 -23.80 -13.75
N ALA B 192 14.19 -24.48 -14.60
CA ALA B 192 14.17 -24.21 -16.05
C ALA B 192 12.77 -24.31 -16.66
N ASN B 193 11.96 -25.23 -16.16
CA ASN B 193 10.59 -25.38 -16.65
C ASN B 193 9.57 -24.41 -16.04
N GLY B 194 10.04 -23.47 -15.22
CA GLY B 194 9.16 -22.48 -14.59
C GLY B 194 8.47 -22.95 -13.31
N VAL B 195 8.66 -24.22 -12.96
CA VAL B 195 7.96 -24.85 -11.84
C VAL B 195 8.70 -24.61 -10.54
N MET B 196 7.93 -24.25 -9.50
CA MET B 196 8.49 -23.97 -8.18
C MET B 196 9.08 -25.25 -7.59
N LEU B 197 10.23 -25.11 -6.93
CA LEU B 197 10.87 -26.22 -6.25
C LEU B 197 10.49 -26.30 -4.77
N THR B 198 10.69 -27.50 -4.21
CA THR B 198 10.39 -27.80 -2.81
C THR B 198 11.57 -28.54 -2.15
N GLY B 199 11.60 -28.50 -0.82
CA GLY B 199 12.62 -29.24 -0.06
C GLY B 199 14.05 -28.73 -0.13
N LEU B 200 15.00 -29.60 0.21
CA LEU B 200 16.41 -29.23 0.25
C LEU B 200 16.99 -29.21 -1.18
N GLN B 201 17.53 -28.07 -1.61
CA GLN B 201 18.01 -27.92 -2.97
C GLN B 201 19.38 -27.26 -3.05
N THR B 202 20.24 -27.85 -3.89
CA THR B 202 21.57 -27.33 -4.13
C THR B 202 21.56 -26.64 -5.47
N ILE B 203 21.75 -25.34 -5.50
CA ILE B 203 21.86 -24.64 -6.77
C ILE B 203 23.07 -23.74 -6.77
N SER B 204 23.77 -23.73 -7.91
CA SER B 204 25.04 -23.00 -8.05
C SER B 204 25.99 -23.29 -6.88
N GLY B 205 26.12 -24.56 -6.54
CA GLY B 205 27.01 -25.04 -5.48
C GLY B 205 26.71 -24.59 -4.06
N LYS B 206 25.53 -24.02 -3.84
CA LYS B 206 25.09 -23.62 -2.51
C LYS B 206 23.75 -24.30 -2.22
N THR B 207 23.50 -24.54 -0.93
CA THR B 207 22.36 -25.32 -0.49
C THR B 207 21.36 -24.49 0.30
N TYR B 208 20.11 -24.56 -0.16
CA TYR B 208 19.00 -23.79 0.37
C TYR B 208 17.94 -24.75 0.86
N TYR B 209 17.14 -24.34 1.84
CA TYR B 209 16.05 -25.19 2.30
C TYR B 209 14.71 -24.54 2.03
N LEU B 210 13.89 -25.21 1.22
CA LEU B 210 12.55 -24.73 0.89
C LEU B 210 11.53 -25.62 1.59
N ASP B 211 10.58 -25.02 2.30
CA ASP B 211 9.60 -25.80 3.04
C ASP B 211 8.56 -26.39 2.08
N GLU B 212 7.54 -27.04 2.63
CA GLU B 212 6.51 -27.72 1.83
C GLU B 212 5.80 -26.76 0.90
N GLN B 213 5.56 -25.54 1.39
CA GLN B 213 4.96 -24.49 0.58
C GLN B 213 5.90 -23.87 -0.46
N GLY B 214 7.19 -24.15 -0.35
CA GLY B 214 8.17 -23.68 -1.33
C GLY B 214 8.84 -22.39 -0.89
N HIS B 215 8.58 -21.98 0.36
CA HIS B 215 9.17 -20.78 0.94
C HIS B 215 10.61 -21.06 1.29
N LEU B 216 11.49 -20.16 0.85
CA LEU B 216 12.88 -20.19 1.23
C LEU B 216 12.97 -19.82 2.69
N ARG B 217 13.66 -20.63 3.47
CA ARG B 217 13.78 -20.42 4.90
C ARG B 217 15.12 -19.80 5.23
N LYS B 218 15.10 -18.67 5.92
CA LYS B 218 16.31 -17.98 6.29
C LYS B 218 16.34 -17.96 7.80
N ASN B 219 17.52 -17.81 8.37
CA ASN B 219 17.76 -17.89 9.82
C ASN B 219 17.11 -19.13 10.44
N TYR B 220 17.41 -20.27 9.82
CA TYR B 220 16.79 -21.54 10.13
C TYR B 220 17.89 -22.53 10.38
N ALA B 221 17.89 -23.12 11.57
CA ALA B 221 18.87 -24.13 11.92
C ALA B 221 18.23 -25.51 11.77
N GLY B 222 18.90 -26.43 11.10
CA GLY B 222 18.35 -27.76 10.93
C GLY B 222 19.39 -28.76 10.52
N THR B 223 19.21 -30.01 10.94
CA THR B 223 20.10 -31.10 10.54
C THR B 223 19.61 -31.63 9.19
N PHE B 224 20.19 -31.08 8.13
CA PHE B 224 19.69 -31.27 6.79
C PHE B 224 20.41 -32.37 6.00
N ASN B 225 21.74 -32.33 5.94
CA ASN B 225 22.47 -33.38 5.19
C ASN B 225 23.00 -34.50 6.09
N ASN B 226 22.25 -34.75 7.17
CA ASN B 226 22.59 -35.63 8.32
C ASN B 226 23.70 -35.07 9.24
N GLN B 227 24.05 -33.82 8.98
CA GLN B 227 24.96 -33.03 9.76
C GLN B 227 24.35 -31.66 9.85
N PHE B 228 24.37 -31.06 11.04
CA PHE B 228 23.87 -29.70 11.25
C PHE B 228 24.14 -28.75 10.07
N MET B 229 23.21 -27.82 9.87
CA MET B 229 23.34 -26.77 8.85
C MET B 229 22.48 -25.58 9.22
N TYR B 230 23.11 -24.41 9.28
CA TYR B 230 22.39 -23.16 9.56
C TYR B 230 22.17 -22.43 8.25
N PHE B 231 20.91 -22.06 7.96
CA PHE B 231 20.60 -21.31 6.75
C PHE B 231 20.60 -19.82 7.00
N ASP B 232 21.45 -19.15 6.24
CA ASP B 232 21.80 -17.74 6.39
C ASP B 232 20.60 -16.84 6.59
N ALA B 233 20.72 -15.83 7.46
CA ALA B 233 19.67 -14.82 7.59
C ALA B 233 19.58 -13.93 6.33
N ASP B 234 20.71 -13.73 5.67
CA ASP B 234 20.78 -12.88 4.46
C ASP B 234 20.12 -13.53 3.25
N THR B 235 20.68 -14.64 2.77
CA THR B 235 20.27 -15.27 1.49
C THR B 235 19.70 -16.68 1.61
N GLY B 236 19.69 -17.22 2.83
CA GLY B 236 19.22 -18.58 3.09
C GLY B 236 20.16 -19.71 2.72
N ALA B 237 21.40 -19.37 2.40
CA ALA B 237 22.39 -20.36 1.97
C ALA B 237 22.99 -21.06 3.17
N GLY B 238 23.09 -22.37 3.07
CA GLY B 238 23.51 -23.20 4.18
C GLY B 238 24.99 -23.14 4.53
N LYS B 239 25.30 -22.82 5.78
CA LYS B 239 26.65 -22.87 6.32
C LYS B 239 26.69 -24.00 7.31
N THR B 240 27.88 -24.46 7.60
CA THR B 240 28.02 -25.55 8.54
C THR B 240 28.10 -25.08 10.03
N ALA B 241 28.27 -23.78 10.26
CA ALA B 241 28.38 -23.19 11.61
C ALA B 241 29.46 -23.82 12.46
N ILE B 242 30.55 -24.15 11.77
CA ILE B 242 31.74 -24.74 12.35
C ILE B 242 32.77 -23.65 12.65
N GLU B 243 32.92 -22.69 11.75
CA GLU B 243 33.79 -21.53 11.99
C GLU B 243 33.34 -20.63 13.13
N TYR B 244 34.24 -20.32 14.07
CA TYR B 244 33.94 -19.38 15.12
C TYR B 244 33.79 -18.00 14.49
N GLN B 245 32.75 -17.27 14.87
CA GLN B 245 32.45 -15.95 14.29
C GLN B 245 32.99 -14.81 15.14
N PHE B 246 33.52 -15.11 16.32
CA PHE B 246 34.10 -14.06 17.15
C PHE B 246 35.46 -13.69 16.58
N ASP B 247 35.76 -12.40 16.60
CA ASP B 247 36.91 -11.83 15.88
C ASP B 247 37.96 -11.26 16.85
N GLN B 248 37.83 -11.54 18.15
CA GLN B 248 38.74 -10.97 19.17
C GLN B 248 39.43 -12.06 20.01
N GLY B 249 40.72 -12.27 19.75
CA GLY B 249 41.50 -13.29 20.44
C GLY B 249 41.94 -12.72 21.77
N LEU B 250 42.44 -13.57 22.65
CA LEU B 250 42.80 -13.10 23.98
C LEU B 250 44.00 -12.20 23.84
N VAL B 251 43.89 -10.97 24.33
CA VAL B 251 44.98 -10.00 24.27
C VAL B 251 45.17 -9.31 25.60
N SER B 252 46.42 -8.94 25.88
CA SER B 252 46.76 -8.26 27.11
C SER B 252 46.63 -6.77 26.88
N GLN B 253 46.12 -6.07 27.86
CA GLN B 253 45.89 -4.66 27.67
C GLN B 253 46.96 -3.82 28.34
N SER B 254 47.68 -4.38 29.31
CA SER B 254 48.66 -3.61 30.05
C SER B 254 49.78 -3.13 29.13
N ASN B 255 50.24 -1.92 29.38
CA ASN B 255 51.33 -1.33 28.64
C ASN B 255 52.00 -0.23 29.48
N GLU B 256 52.75 0.68 28.86
CA GLU B 256 53.49 1.70 29.63
C GLU B 256 52.58 2.72 30.33
N ASN B 257 51.35 2.87 29.88
CA ASN B 257 50.44 3.83 30.49
C ASN B 257 49.61 3.26 31.63
N THR B 258 49.56 1.95 31.76
CA THR B 258 48.73 1.33 32.78
C THR B 258 49.04 1.83 34.20
N PRO B 259 50.30 1.76 34.64
CA PRO B 259 50.57 2.20 36.02
C PRO B 259 50.29 3.68 36.26
N HIS B 260 50.37 4.50 35.22
CA HIS B 260 50.05 5.94 35.35
C HIS B 260 48.55 6.19 35.49
N ASN B 261 47.74 5.55 34.64
CA ASN B 261 46.29 5.73 34.67
C ASN B 261 45.57 4.94 35.77
N ALA B 262 46.25 4.01 36.42
CA ALA B 262 45.65 3.27 37.51
C ALA B 262 45.25 4.17 38.66
N ALA B 263 44.29 3.71 39.45
CA ALA B 263 43.78 4.50 40.55
C ALA B 263 44.84 4.69 41.61
N LYS B 264 44.88 5.91 42.15
CA LYS B 264 45.74 6.26 43.27
C LYS B 264 45.39 5.43 44.50
N SER B 265 44.10 5.17 44.67
CA SER B 265 43.58 4.55 45.89
C SER B 265 42.31 3.81 45.54
N TYR B 266 42.02 2.71 46.25
CA TYR B 266 40.79 1.94 46.00
C TYR B 266 39.74 2.19 47.10
N ASP B 267 39.23 3.42 47.14
CA ASP B 267 38.32 3.86 48.18
C ASP B 267 37.61 5.16 47.80
N LYS B 268 36.80 5.67 48.71
CA LYS B 268 35.98 6.82 48.41
C LYS B 268 36.76 8.11 48.13
N SER B 269 38.02 8.18 48.54
CA SER B 269 38.87 9.34 48.23
C SER B 269 39.05 9.53 46.75
N SER B 270 39.43 8.45 46.09
CA SER B 270 39.88 8.47 44.71
C SER B 270 38.78 8.16 43.71
N PHE B 271 37.59 7.84 44.19
CA PHE B 271 36.47 7.47 43.30
C PHE B 271 35.18 8.18 43.67
N GLU B 272 34.61 8.92 42.71
CA GLU B 272 33.29 9.50 42.92
C GLU B 272 32.33 8.33 42.91
N ASN B 273 31.43 8.27 43.87
CA ASN B 273 30.57 7.11 44.03
C ASN B 273 29.25 7.37 44.74
N VAL B 274 28.38 6.36 44.73
CA VAL B 274 27.14 6.40 45.47
C VAL B 274 27.09 5.11 46.27
N ASP B 275 27.02 5.24 47.60
CA ASP B 275 26.98 4.09 48.51
C ASP B 275 28.08 3.05 48.19
N GLY B 276 29.22 3.53 47.68
CA GLY B 276 30.34 2.67 47.33
C GLY B 276 30.41 2.25 45.87
N TYR B 277 29.25 2.24 45.20
CA TYR B 277 29.19 1.80 43.83
C TYR B 277 29.65 2.88 42.88
N LEU B 278 29.97 2.51 41.64
CA LEU B 278 30.45 3.46 40.63
C LEU B 278 29.39 3.65 39.57
N THR B 279 29.44 4.77 38.86
CA THR B 279 28.45 5.09 37.85
C THR B 279 29.12 5.47 36.57
N ALA B 280 28.37 5.52 35.49
CA ALA B 280 28.97 5.79 34.19
C ALA B 280 29.68 7.13 34.13
N ASP B 281 29.18 8.10 34.88
CA ASP B 281 29.77 9.44 34.93
C ASP B 281 30.67 9.66 36.15
N THR B 282 31.10 8.57 36.78
CA THR B 282 32.13 8.63 37.80
C THR B 282 33.43 9.18 37.24
N TRP B 283 34.05 10.03 38.03
CA TRP B 283 35.43 10.46 37.83
C TRP B 283 36.26 9.88 38.96
N TYR B 284 37.54 9.62 38.68
CA TYR B 284 38.48 9.04 39.67
C TYR B 284 39.81 9.78 39.66
N ARG B 285 40.66 9.47 40.63
CA ARG B 285 41.99 10.05 40.75
C ARG B 285 43.03 9.07 40.24
N PRO B 286 43.60 9.32 39.04
CA PRO B 286 44.66 8.43 38.57
C PRO B 286 45.96 8.69 39.33
N THR B 287 46.83 7.70 39.38
CA THR B 287 48.11 7.85 40.04
C THR B 287 48.84 9.05 39.48
N ASP B 288 48.97 9.12 38.16
CA ASP B 288 49.62 10.25 37.47
C ASP B 288 48.71 10.84 36.42
N ILE B 289 49.10 12.03 35.97
CA ILE B 289 48.36 12.79 34.98
C ILE B 289 49.29 13.16 33.84
N LEU B 290 48.87 12.91 32.59
CA LEU B 290 49.65 13.31 31.42
C LEU B 290 49.43 14.79 31.16
N LYS B 291 49.96 15.65 32.02
CA LYS B 291 49.66 17.09 31.90
C LYS B 291 50.05 17.58 30.53
N ASN B 292 49.13 18.34 29.92
CA ASN B 292 49.35 18.96 28.63
C ASN B 292 49.70 17.98 27.49
N GLY B 293 49.53 16.69 27.74
CA GLY B 293 49.92 15.65 26.80
C GLY B 293 51.41 15.46 26.65
N ASP B 294 52.20 15.90 27.64
CA ASP B 294 53.66 15.85 27.52
C ASP B 294 54.28 14.97 28.57
N THR B 295 54.07 15.35 29.82
CA THR B 295 54.82 14.79 30.93
C THR B 295 53.87 14.28 31.99
N TRP B 296 54.15 13.07 32.43
CA TRP B 296 53.42 12.43 33.50
C TRP B 296 53.83 13.04 34.83
N THR B 297 52.84 13.51 35.59
CA THR B 297 53.09 14.10 36.89
C THR B 297 52.13 13.51 37.93
N ALA B 298 52.64 13.32 39.14
CA ALA B 298 51.83 12.77 40.22
C ALA B 298 50.58 13.61 40.38
N SER B 299 49.48 12.97 40.75
CA SER B 299 48.20 13.68 40.88
C SER B 299 48.04 14.32 42.26
N THR B 300 47.38 15.46 42.29
CA THR B 300 46.94 16.11 43.52
C THR B 300 45.45 15.85 43.70
N GLU B 301 45.02 15.76 44.95
CA GLU B 301 43.63 15.37 45.30
C GLU B 301 42.52 16.00 44.46
N THR B 302 42.77 17.19 43.91
CA THR B 302 41.81 17.84 43.01
C THR B 302 41.83 17.32 41.56
N ASP B 303 42.90 16.61 41.18
CA ASP B 303 43.06 16.07 39.81
C ASP B 303 42.22 14.81 39.57
N MET B 304 40.93 15.01 39.37
CA MET B 304 40.02 13.95 39.09
C MET B 304 39.83 13.85 37.58
N ARG B 305 39.66 12.64 37.08
CA ARG B 305 39.47 12.41 35.64
C ARG B 305 38.32 11.43 35.43
N PRO B 306 37.63 11.53 34.29
CA PRO B 306 36.52 10.63 34.03
C PRO B 306 36.97 9.20 33.82
N LEU B 307 36.27 8.27 34.46
CA LEU B 307 36.55 6.85 34.31
C LEU B 307 36.54 6.43 32.83
N LEU B 308 35.64 7.01 32.04
CA LEU B 308 35.52 6.66 30.62
C LEU B 308 36.66 7.16 29.73
N MET B 309 37.62 7.90 30.30
CA MET B 309 38.86 8.26 29.59
C MET B 309 39.80 7.06 29.48
N THR B 310 39.64 6.13 30.44
CA THR B 310 40.55 5.03 30.66
C THR B 310 39.92 3.63 30.61
N TRP B 311 38.62 3.50 30.96
CA TRP B 311 37.97 2.19 31.07
C TRP B 311 36.61 2.22 30.41
N TRP B 312 36.14 1.07 29.93
CA TRP B 312 34.80 0.95 29.31
C TRP B 312 34.18 -0.40 29.69
N PRO B 313 32.85 -0.48 29.76
CA PRO B 313 32.16 -1.73 30.08
C PRO B 313 32.29 -2.78 29.00
N ASP B 314 32.43 -2.34 27.76
CA ASP B 314 32.55 -3.25 26.62
C ASP B 314 33.12 -2.50 25.42
N LYS B 315 33.44 -3.21 24.36
CA LYS B 315 33.99 -2.58 23.17
C LYS B 315 32.99 -1.68 22.47
N GLN B 316 31.72 -2.06 22.43
CA GLN B 316 30.72 -1.22 21.78
C GLN B 316 30.71 0.19 22.40
N THR B 317 30.68 0.24 23.73
CA THR B 317 30.74 1.52 24.44
C THR B 317 32.05 2.24 24.20
N GLN B 318 33.15 1.51 24.22
CA GLN B 318 34.44 2.13 23.93
C GLN B 318 34.43 2.76 22.56
N ALA B 319 33.90 2.04 21.57
CA ALA B 319 33.92 2.55 20.19
C ALA B 319 33.05 3.76 20.07
N ASN B 320 31.95 3.77 20.80
CA ASN B 320 31.03 4.90 20.75
C ASN B 320 31.64 6.14 21.41
N TYR B 321 32.33 5.92 22.53
CA TYR B 321 33.08 6.99 23.18
C TYR B 321 34.11 7.59 22.24
N LEU B 322 34.87 6.74 21.57
CA LEU B 322 35.90 7.25 20.66
C LEU B 322 35.28 8.05 19.54
N ASN B 323 34.19 7.57 18.97
CA ASN B 323 33.53 8.29 17.89
C ASN B 323 32.95 9.61 18.34
N PHE B 324 32.37 9.63 19.52
CA PHE B 324 31.74 10.83 20.06
C PHE B 324 32.75 11.94 20.36
N MET B 325 33.82 11.58 21.06
CA MET B 325 34.88 12.55 21.41
C MET B 325 35.62 13.03 20.16
N SER B 326 35.84 12.13 19.21
CA SER B 326 36.40 12.47 17.90
C SER B 326 35.62 13.59 17.20
N SER B 327 34.30 13.51 17.26
CA SER B 327 33.42 14.48 16.62
C SER B 327 33.50 15.84 17.26
N LYS B 328 34.08 15.92 18.45
CA LYS B 328 34.22 17.20 19.13
C LYS B 328 35.58 17.84 18.96
N GLY B 329 36.37 17.38 17.99
CA GLY B 329 37.66 17.98 17.66
C GLY B 329 38.83 17.34 18.38
N LEU B 330 38.60 16.24 19.08
CA LEU B 330 39.63 15.62 19.93
C LEU B 330 40.52 14.59 19.21
N GLY B 331 40.17 14.22 17.99
CA GLY B 331 41.07 13.40 17.19
C GLY B 331 40.57 13.25 15.78
N ILE B 332 41.28 12.42 15.01
CA ILE B 332 40.80 12.00 13.70
C ILE B 332 39.38 11.49 13.92
N THR B 333 38.42 11.99 13.15
CA THR B 333 37.04 11.56 13.32
C THR B 333 36.95 10.13 12.83
N THR B 334 36.31 9.28 13.62
CA THR B 334 36.40 7.85 13.39
C THR B 334 35.02 7.18 13.35
N THR B 335 34.91 6.19 12.46
CA THR B 335 33.89 5.19 12.55
C THR B 335 34.53 3.97 13.18
N TYR B 336 34.37 3.82 14.47
CA TYR B 336 34.82 2.62 15.11
C TYR B 336 33.64 1.74 15.46
N THR B 337 33.84 0.43 15.42
CA THR B 337 32.78 -0.53 15.77
C THR B 337 33.28 -1.44 16.89
N ALA B 338 32.36 -2.16 17.52
CA ALA B 338 32.72 -3.25 18.40
C ALA B 338 33.58 -4.31 17.69
N ALA B 339 33.50 -4.40 16.37
CA ALA B 339 34.32 -5.33 15.61
C ALA B 339 35.78 -4.89 15.44
N THR B 340 36.06 -3.59 15.60
CA THR B 340 37.44 -3.06 15.58
C THR B 340 38.25 -3.78 16.65
N SER B 341 39.54 -4.00 16.39
CA SER B 341 40.36 -4.78 17.33
C SER B 341 40.53 -4.03 18.65
N GLN B 342 40.68 -4.77 19.73
CA GLN B 342 40.81 -4.15 21.05
C GLN B 342 42.06 -3.28 21.11
N LYS B 343 43.13 -3.75 20.49
CA LYS B 343 44.41 -3.05 20.50
C LYS B 343 44.24 -1.67 19.84
N THR B 344 43.56 -1.65 18.69
CA THR B 344 43.30 -0.41 17.96
C THR B 344 42.49 0.58 18.76
N LEU B 345 41.46 0.09 19.44
CA LEU B 345 40.59 0.98 20.22
C LEU B 345 41.36 1.60 21.38
N ASN B 346 42.17 0.79 22.07
CA ASN B 346 42.98 1.27 23.19
C ASN B 346 44.02 2.31 22.77
N ASP B 347 44.66 2.10 21.61
CA ASP B 347 45.59 3.11 21.05
C ASP B 347 44.86 4.41 20.75
N ALA B 348 43.65 4.28 20.20
CA ALA B 348 42.83 5.43 19.87
C ALA B 348 42.31 6.14 21.13
N ALA B 349 42.09 5.39 22.19
CA ALA B 349 41.65 5.98 23.44
C ALA B 349 42.75 6.88 24.03
N PHE B 350 44.00 6.49 23.83
CA PHE B 350 45.13 7.25 24.35
C PHE B 350 45.34 8.53 23.57
N VAL B 351 45.18 8.49 22.24
CA VAL B 351 45.34 9.74 21.46
C VAL B 351 44.24 10.73 21.83
N ILE B 352 43.07 10.22 22.21
CA ILE B 352 42.02 11.06 22.74
C ILE B 352 42.41 11.59 24.13
N GLN B 353 42.99 10.73 24.98
CA GLN B 353 43.42 11.18 26.31
C GLN B 353 44.41 12.32 26.16
N THR B 354 45.39 12.15 25.27
CA THR B 354 46.41 13.17 24.96
C THR B 354 45.69 14.47 24.61
N ALA B 355 44.85 14.42 23.57
CA ALA B 355 44.09 15.59 23.13
C ALA B 355 43.29 16.22 24.25
N ILE B 356 42.74 15.40 25.15
CA ILE B 356 41.97 15.90 26.29
C ILE B 356 42.84 16.71 27.22
N GLU B 357 44.02 16.21 27.55
CA GLU B 357 44.88 16.91 28.49
C GLU B 357 45.36 18.23 27.91
N GLN B 358 45.45 18.30 26.59
CA GLN B 358 45.81 19.53 25.89
C GLN B 358 44.74 20.60 26.00
N GLN B 359 43.49 20.20 25.81
CA GLN B 359 42.38 21.13 25.95
C GLN B 359 42.13 21.49 27.41
N ILE B 360 42.57 20.67 28.35
CA ILE B 360 42.46 21.02 29.77
C ILE B 360 43.48 22.11 30.12
N SER B 361 44.68 21.99 29.59
CA SER B 361 45.67 23.03 29.77
C SER B 361 45.28 24.31 29.02
N LEU B 362 44.79 24.16 27.79
CA LEU B 362 44.40 25.30 26.96
C LEU B 362 43.24 26.09 27.59
N LYS B 363 42.24 25.39 28.12
CA LYS B 363 41.09 26.04 28.77
C LYS B 363 41.28 26.30 30.28
N LYS B 364 42.27 25.64 30.91
CA LYS B 364 42.49 25.69 32.38
C LYS B 364 41.25 25.33 33.19
N SER B 365 40.49 24.36 32.68
CA SER B 365 39.24 23.94 33.30
C SER B 365 38.93 22.49 32.91
N THR B 366 38.11 21.80 33.72
CA THR B 366 37.59 20.48 33.37
C THR B 366 36.06 20.48 33.25
N GLU B 367 35.41 21.64 33.40
CA GLU B 367 33.95 21.74 33.25
C GLU B 367 33.47 21.35 31.86
N TRP B 368 34.23 21.76 30.86
CA TRP B 368 33.90 21.43 29.49
C TRP B 368 33.80 19.91 29.31
N LEU B 369 34.69 19.18 29.99
CA LEU B 369 34.74 17.71 29.93
C LEU B 369 33.58 17.07 30.69
N ARG B 370 33.25 17.60 31.86
CA ARG B 370 32.10 17.15 32.62
C ARG B 370 30.85 17.14 31.75
N ASP B 371 30.66 18.22 31.00
CA ASP B 371 29.50 18.33 30.11
C ASP B 371 29.60 17.39 28.91
N ALA B 372 30.80 17.16 28.40
CA ALA B 372 31.00 16.21 27.31
C ALA B 372 30.71 14.78 27.75
N ILE B 373 31.18 14.42 28.94
CA ILE B 373 30.95 13.06 29.45
C ILE B 373 29.47 12.87 29.71
N ASP B 374 28.84 13.81 30.42
CA ASP B 374 27.38 13.74 30.70
C ASP B 374 26.55 13.54 29.46
N SER B 375 26.87 14.31 28.41
CA SER B 375 26.21 14.18 27.13
C SER B 375 26.41 12.80 26.52
N PHE B 376 27.66 12.34 26.50
CA PHE B 376 27.97 11.05 25.90
C PHE B 376 27.24 9.93 26.63
N VAL B 377 27.22 10.02 27.95
CA VAL B 377 26.63 8.98 28.75
C VAL B 377 25.16 8.75 28.43
N LYS B 378 24.42 9.84 28.20
CA LYS B 378 22.98 9.73 27.92
C LYS B 378 22.72 9.19 26.52
N THR B 379 23.72 9.29 25.65
CA THR B 379 23.68 8.64 24.34
C THR B 379 23.51 7.12 24.38
N GLN B 380 24.03 6.47 25.40
CA GLN B 380 24.05 5.01 25.44
C GLN B 380 22.81 4.40 26.08
N ALA B 381 22.19 3.43 25.40
CA ALA B 381 20.94 2.81 25.87
C ALA B 381 20.97 2.27 27.30
N ASN B 382 22.06 1.63 27.69
CA ASN B 382 22.16 1.11 29.05
C ASN B 382 22.20 2.21 30.11
N TRP B 383 22.48 3.44 29.69
CA TRP B 383 22.55 4.57 30.57
C TRP B 383 21.49 5.64 30.26
N ASN B 384 20.40 5.22 29.64
CA ASN B 384 19.27 6.13 29.46
C ASN B 384 17.95 5.37 29.51
N LYS B 385 16.84 6.01 29.17
CA LYS B 385 15.53 5.42 29.43
C LYS B 385 15.18 4.22 28.55
N GLN B 386 15.97 3.99 27.51
CA GLN B 386 15.66 2.91 26.56
C GLN B 386 15.72 1.57 27.23
N THR B 387 16.47 1.49 28.31
CA THR B 387 16.52 0.26 29.08
C THR B 387 15.60 0.33 30.30
N GLU B 388 14.73 1.33 30.35
CA GLU B 388 13.81 1.53 31.48
C GLU B 388 12.36 1.21 31.13
N ASP B 389 12.11 0.83 29.88
CA ASP B 389 10.78 0.44 29.43
C ASP B 389 9.71 1.50 29.73
N GLU B 390 9.97 2.72 29.29
CA GLU B 390 8.97 3.76 29.36
C GLU B 390 7.62 3.23 28.83
N ALA B 391 6.55 3.53 29.55
CA ALA B 391 5.18 3.15 29.18
C ALA B 391 4.23 4.22 29.68
N PHE B 392 3.08 4.38 29.03
CA PHE B 392 2.15 5.44 29.44
C PHE B 392 0.71 4.98 29.70
N ASP B 393 0.49 3.71 29.95
CA ASP B 393 -0.88 3.28 30.15
C ASP B 393 -1.17 3.32 31.65
N GLY B 394 -2.42 3.65 31.99
CA GLY B 394 -2.79 3.90 33.38
C GLY B 394 -2.08 5.11 33.96
N LEU B 395 -1.83 5.09 35.26
CA LEU B 395 -1.14 6.20 35.93
C LEU B 395 0.32 6.41 35.47
N GLN B 396 0.84 5.44 34.75
CA GLN B 396 2.13 5.60 34.09
C GLN B 396 2.08 6.78 33.10
N TRP B 397 0.88 7.10 32.65
CA TRP B 397 0.61 8.28 31.82
C TRP B 397 1.25 9.56 32.34
N LEU B 398 1.39 9.69 33.64
CA LEU B 398 1.86 10.95 34.21
C LEU B 398 3.33 11.19 33.98
N GLN B 399 4.15 10.17 34.26
CA GLN B 399 5.60 10.34 34.27
C GLN B 399 6.44 9.26 33.56
N GLY B 400 5.76 8.27 32.99
CA GLY B 400 6.42 7.34 32.12
C GLY B 400 6.73 5.98 32.71
N GLY B 401 6.40 5.74 33.98
CA GLY B 401 6.55 4.40 34.58
C GLY B 401 7.20 4.41 35.93
N PHE B 402 7.09 3.31 36.65
CA PHE B 402 7.55 3.25 38.03
C PHE B 402 8.54 2.12 38.28
N LEU B 403 9.37 2.34 39.29
CA LEU B 403 10.30 1.35 39.83
C LEU B 403 9.93 1.08 41.27
N ALA B 404 9.75 -0.19 41.62
CA ALA B 404 9.49 -0.55 43.02
C ALA B 404 10.79 -0.95 43.69
N TYR B 405 11.09 -0.37 44.84
CA TYR B 405 12.30 -0.71 45.57
C TYR B 405 12.11 -2.04 46.28
N GLN B 406 13.20 -2.81 46.38
CA GLN B 406 13.18 -4.14 46.98
C GLN B 406 14.04 -4.21 48.23
N ASP B 407 13.70 -5.14 49.10
CA ASP B 407 14.45 -5.42 50.32
C ASP B 407 15.62 -6.35 50.01
N ASP B 408 16.84 -5.82 49.98
CA ASP B 408 18.02 -6.59 49.52
C ASP B 408 19.19 -6.28 50.44
N SER B 409 19.24 -6.95 51.58
CA SER B 409 20.24 -6.65 52.59
C SER B 409 21.68 -6.98 52.19
N HIS B 410 21.85 -7.89 51.23
CA HIS B 410 23.18 -8.25 50.79
C HIS B 410 23.87 -7.11 50.01
N ARG B 411 23.17 -6.49 49.06
CA ARG B 411 23.78 -5.47 48.19
C ARG B 411 23.47 -4.03 48.57
N THR B 412 22.34 -3.80 49.21
CA THR B 412 21.79 -2.46 49.33
C THR B 412 21.04 -2.34 50.67
N PRO B 413 21.77 -2.56 51.77
CA PRO B 413 21.14 -2.70 53.08
C PRO B 413 20.59 -1.39 53.64
N ASN B 414 21.18 -0.25 53.29
CA ASN B 414 20.67 1.04 53.78
C ASN B 414 19.25 1.27 53.29
N THR B 415 18.93 0.64 52.19
CA THR B 415 17.68 0.80 51.48
C THR B 415 16.63 -0.23 51.88
N ASP B 416 17.01 -1.19 52.71
CA ASP B 416 16.09 -2.25 53.15
C ASP B 416 15.03 -1.62 54.05
N SER B 417 13.76 -2.01 53.84
CA SER B 417 12.62 -1.42 54.57
C SER B 417 12.20 -2.22 55.80
N GLY B 418 12.90 -3.30 56.11
CA GLY B 418 12.52 -4.13 57.26
C GLY B 418 11.21 -4.85 57.04
N ASN B 419 11.04 -5.38 55.82
CA ASN B 419 9.84 -6.13 55.41
C ASN B 419 8.53 -5.35 55.55
N ASN B 420 8.58 -4.10 55.12
CA ASN B 420 7.39 -3.28 55.03
C ASN B 420 6.98 -3.22 53.57
N ARG B 421 6.79 -2.03 53.04
CA ARG B 421 6.45 -1.88 51.63
C ARG B 421 5.30 -2.79 51.18
N LYS B 422 4.20 -2.80 51.93
CA LYS B 422 2.97 -3.38 51.43
C LYS B 422 2.34 -2.44 50.45
N LEU B 423 2.24 -2.85 49.19
CA LEU B 423 1.70 -1.97 48.16
C LEU B 423 0.19 -2.15 47.93
N GLY B 424 -0.49 -1.03 47.68
CA GLY B 424 -1.88 -1.06 47.19
C GLY B 424 -2.88 -1.40 48.26
N ARG B 425 -2.62 -0.99 49.50
CA ARG B 425 -3.56 -1.22 50.56
C ARG B 425 -4.64 -0.14 50.62
N GLN B 426 -5.32 0.08 49.51
CA GLN B 426 -6.40 1.04 49.45
C GLN B 426 -7.57 0.53 50.30
N PRO B 427 -8.62 1.35 50.50
CA PRO B 427 -9.68 0.94 51.41
C PRO B 427 -10.24 -0.44 51.10
N ILE B 428 -10.61 -0.69 49.85
CA ILE B 428 -11.17 -1.99 49.47
C ILE B 428 -10.15 -3.14 49.57
N ASN B 429 -8.87 -2.84 49.72
CA ASN B 429 -7.86 -3.88 49.80
C ASN B 429 -6.95 -3.64 50.99
N ILE B 430 -7.50 -3.05 52.06
CA ILE B 430 -6.69 -2.68 53.23
C ILE B 430 -5.93 -3.87 53.82
N ASP B 431 -6.51 -5.07 53.70
CA ASP B 431 -5.90 -6.29 54.22
C ASP B 431 -5.15 -7.14 53.18
N GLY B 432 -4.95 -6.62 51.97
CA GLY B 432 -4.26 -7.38 50.92
C GLY B 432 -5.06 -8.50 50.27
N SER B 433 -6.30 -8.71 50.68
CA SER B 433 -7.09 -9.83 50.17
C SER B 433 -7.44 -9.76 48.68
N LYS B 434 -7.24 -8.61 48.04
CA LYS B 434 -7.45 -8.47 46.58
C LYS B 434 -6.14 -8.19 45.83
N ASP B 435 -5.00 -8.57 46.39
CA ASP B 435 -3.68 -8.27 45.79
C ASP B 435 -3.53 -8.82 44.37
N THR B 436 -4.19 -9.94 44.09
CA THR B 436 -4.00 -10.62 42.80
C THR B 436 -4.96 -10.15 41.71
N THR B 437 -5.86 -9.24 42.06
CA THR B 437 -6.86 -8.70 41.13
C THR B 437 -6.62 -7.21 40.88
N ASP B 438 -7.47 -6.60 40.06
CA ASP B 438 -7.43 -5.15 39.84
C ASP B 438 -7.90 -4.36 41.06
N GLY B 439 -8.48 -5.04 42.04
CA GLY B 439 -8.82 -4.42 43.32
C GLY B 439 -7.63 -4.04 44.19
N LYS B 440 -6.42 -4.46 43.81
CA LYS B 440 -5.23 -3.96 44.44
C LYS B 440 -5.07 -2.50 44.06
N GLY B 441 -4.71 -1.69 45.04
CA GLY B 441 -4.61 -0.26 44.86
C GLY B 441 -3.44 0.14 44.00
N SER B 442 -3.63 1.22 43.25
CA SER B 442 -2.54 1.80 42.50
C SER B 442 -1.65 2.62 43.41
N GLU B 443 -0.69 1.96 44.06
CA GLU B 443 0.15 2.60 45.09
C GLU B 443 1.00 3.73 44.54
N PHE B 444 1.40 3.55 43.28
CA PHE B 444 2.31 4.46 42.64
C PHE B 444 1.53 5.45 41.82
N LEU B 445 1.79 6.73 42.07
CA LEU B 445 1.11 7.81 41.37
C LEU B 445 2.12 8.80 40.79
N LEU B 446 2.89 9.45 41.64
CA LEU B 446 3.85 10.46 41.22
C LEU B 446 5.05 10.49 42.13
N ALA B 447 6.18 10.88 41.54
CA ALA B 447 7.43 11.13 42.22
C ALA B 447 7.88 9.96 43.09
N ASN B 448 8.37 10.28 44.27
CA ASN B 448 8.82 9.30 45.23
C ASN B 448 7.65 8.90 46.07
N ASP B 449 7.25 7.63 46.03
CA ASP B 449 6.04 7.23 46.73
C ASP B 449 6.49 6.76 48.10
N ILE B 450 5.96 7.44 49.11
CA ILE B 450 6.25 7.20 50.51
C ILE B 450 5.56 5.92 50.98
N ASP B 451 6.30 5.12 51.75
CA ASP B 451 5.80 3.85 52.29
C ASP B 451 4.95 4.06 53.55
N ASN B 452 3.67 4.33 53.37
CA ASN B 452 2.72 4.52 54.47
C ASN B 452 2.24 3.23 55.11
N SER B 453 2.80 2.09 54.71
CA SER B 453 2.53 0.82 55.38
C SER B 453 3.55 0.55 56.50
N ASN B 454 4.58 1.41 56.58
CA ASN B 454 5.62 1.29 57.61
C ASN B 454 5.22 2.06 58.88
N PRO B 455 5.07 1.36 60.01
CA PRO B 455 4.65 2.03 61.24
C PRO B 455 5.42 3.31 61.58
N ILE B 456 6.72 3.36 61.31
CA ILE B 456 7.51 4.54 61.63
C ILE B 456 7.05 5.73 60.79
N VAL B 457 6.74 5.44 59.52
CA VAL B 457 6.30 6.47 58.61
C VAL B 457 4.90 6.90 58.99
N GLN B 458 4.08 5.95 59.45
CA GLN B 458 2.71 6.27 59.87
C GLN B 458 2.73 7.28 61.01
N ALA B 459 3.65 7.08 61.95
CA ALA B 459 3.82 8.01 63.07
C ALA B 459 4.22 9.39 62.56
N GLU B 460 5.10 9.43 61.57
CA GLU B 460 5.56 10.70 61.02
C GLU B 460 4.44 11.45 60.33
N GLN B 461 3.57 10.73 59.66
CA GLN B 461 2.40 11.35 59.04
C GLN B 461 1.47 11.99 60.08
N LEU B 462 1.36 11.36 61.23
CA LEU B 462 0.58 11.90 62.34
C LEU B 462 1.23 13.16 62.94
N ASN B 463 2.55 13.14 63.05
CA ASN B 463 3.31 14.31 63.49
C ASN B 463 2.99 15.48 62.58
N TRP B 464 3.06 15.23 61.28
CA TRP B 464 2.81 16.27 60.30
C TRP B 464 1.37 16.77 60.43
N LEU B 465 0.46 15.83 60.67
CA LEU B 465 -0.94 16.16 60.83
C LEU B 465 -1.15 17.05 62.06
N HIS B 466 -0.46 16.72 63.13
CA HIS B 466 -0.53 17.54 64.32
C HIS B 466 0.00 18.95 64.02
N TYR B 467 1.12 19.01 63.31
CA TYR B 467 1.75 20.26 62.97
C TYR B 467 0.80 21.18 62.21
N LEU B 468 0.01 20.60 61.31
CA LEU B 468 -0.92 21.40 60.52
C LEU B 468 -2.09 21.90 61.35
N MET B 469 -2.62 21.01 62.19
CA MET B 469 -3.78 21.36 63.03
C MET B 469 -3.39 22.33 64.16
N ASN B 470 -2.09 22.48 64.40
CA ASN B 470 -1.57 23.46 65.34
C ASN B 470 -0.56 24.39 64.69
N PHE B 471 -0.73 24.66 63.40
CA PHE B 471 0.29 25.43 62.68
C PHE B 471 0.56 26.77 63.33
N GLY B 472 -0.51 27.52 63.60
CA GLY B 472 -0.41 28.84 64.22
C GLY B 472 0.22 28.83 65.61
N SER B 473 -0.16 27.87 66.44
CA SER B 473 0.42 27.74 67.77
C SER B 473 1.93 27.55 67.72
N ILE B 474 2.37 26.68 66.81
CA ILE B 474 3.76 26.29 66.76
C ILE B 474 4.65 27.36 66.11
N THR B 475 4.18 27.95 65.03
CA THR B 475 4.99 28.86 64.23
C THR B 475 4.82 30.36 64.53
N GLY B 476 3.70 30.76 65.14
CA GLY B 476 3.48 32.19 65.49
C GLY B 476 2.93 32.43 66.89
N ASN B 477 3.01 31.39 67.72
CA ASN B 477 2.32 31.36 69.01
C ASN B 477 0.95 32.07 68.95
N ASN B 478 0.18 31.78 67.90
CA ASN B 478 -1.13 32.38 67.60
C ASN B 478 -2.19 31.29 67.51
N ASP B 479 -2.87 31.01 68.62
CA ASP B 479 -3.86 29.92 68.66
C ASP B 479 -5.13 30.19 67.83
N ASN B 480 -5.20 31.34 67.15
CA ASN B 480 -6.26 31.61 66.17
C ASN B 480 -5.85 31.37 64.72
N ALA B 481 -4.62 30.94 64.50
CA ALA B 481 -4.13 30.75 63.14
C ALA B 481 -3.91 29.28 62.85
N ASN B 482 -4.80 28.42 63.33
CA ASN B 482 -4.67 26.96 63.17
C ASN B 482 -5.69 26.37 62.22
N PHE B 483 -5.29 25.41 61.40
CA PHE B 483 -6.22 24.74 60.51
C PHE B 483 -7.25 23.97 61.34
N ASP B 484 -8.46 23.83 60.83
CA ASP B 484 -9.53 23.16 61.57
C ASP B 484 -9.80 21.75 61.11
N GLY B 485 -9.59 21.47 59.82
CA GLY B 485 -9.85 20.14 59.29
C GLY B 485 -8.94 19.84 58.11
N ILE B 486 -9.12 18.68 57.50
CA ILE B 486 -8.22 18.23 56.42
C ILE B 486 -8.93 17.67 55.19
N ARG B 487 -8.26 17.79 54.05
CA ARG B 487 -8.60 17.07 52.83
C ARG B 487 -7.51 16.04 52.64
N VAL B 488 -7.89 14.78 52.45
CA VAL B 488 -6.93 13.71 52.30
C VAL B 488 -6.71 13.45 50.82
N ASP B 489 -5.57 13.91 50.29
CA ASP B 489 -5.22 13.74 48.88
C ASP B 489 -4.88 12.28 48.57
N ALA B 490 -5.45 11.77 47.48
CA ALA B 490 -5.03 10.49 46.89
C ALA B 490 -5.20 9.31 47.85
N VAL B 491 -6.41 9.19 48.35
CA VAL B 491 -6.78 8.12 49.27
C VAL B 491 -6.54 6.73 48.71
N ASP B 492 -6.87 6.53 47.45
CA ASP B 492 -6.75 5.22 46.82
C ASP B 492 -5.31 4.83 46.43
N ASN B 493 -4.35 5.74 46.60
CA ASN B 493 -2.94 5.52 46.27
C ASN B 493 -2.02 5.39 47.46
N VAL B 494 -2.62 5.22 48.64
CA VAL B 494 -1.89 5.08 49.89
C VAL B 494 -2.52 4.00 50.74
N ASP B 495 -1.83 3.65 51.82
CA ASP B 495 -2.33 2.69 52.78
C ASP B 495 -3.49 3.30 53.56
N ALA B 496 -4.63 2.63 53.51
CA ALA B 496 -5.86 3.14 54.10
C ALA B 496 -5.80 3.30 55.63
N ASP B 497 -4.78 2.74 56.28
CA ASP B 497 -4.56 3.03 57.70
C ASP B 497 -4.52 4.51 58.00
N LEU B 498 -4.05 5.32 57.07
CA LEU B 498 -3.95 6.74 57.30
C LEU B 498 -5.30 7.39 57.63
N LEU B 499 -6.39 6.81 57.17
CA LEU B 499 -7.71 7.35 57.45
C LEU B 499 -8.05 7.13 58.91
N LYS B 500 -7.72 5.93 59.41
CA LYS B 500 -7.98 5.57 60.81
C LYS B 500 -7.12 6.39 61.75
N ILE B 501 -5.85 6.53 61.38
CA ILE B 501 -4.91 7.37 62.13
C ILE B 501 -5.43 8.80 62.24
N ALA B 502 -5.85 9.39 61.13
CA ALA B 502 -6.38 10.74 61.14
C ALA B 502 -7.71 10.82 61.90
N GLY B 503 -8.59 9.85 61.68
CA GLY B 503 -9.89 9.83 62.37
C GLY B 503 -9.75 9.78 63.88
N ASP B 504 -8.92 8.85 64.35
CA ASP B 504 -8.72 8.65 65.77
C ASP B 504 -8.04 9.82 66.45
N TYR B 505 -7.16 10.51 65.73
CA TYR B 505 -6.52 11.72 66.21
C TYR B 505 -7.55 12.81 66.50
N PHE B 506 -8.44 13.06 65.55
CA PHE B 506 -9.48 14.05 65.74
C PHE B 506 -10.45 13.67 66.86
N LYS B 507 -10.70 12.38 67.00
CA LYS B 507 -11.55 11.90 68.09
C LYS B 507 -10.89 12.22 69.42
N ALA B 508 -9.61 11.90 69.53
CA ALA B 508 -8.86 12.08 70.75
C ALA B 508 -8.74 13.56 71.14
N LEU B 509 -8.44 14.42 70.18
CA LEU B 509 -8.14 15.81 70.49
C LEU B 509 -9.34 16.73 70.52
N TYR B 510 -10.37 16.41 69.74
CA TYR B 510 -11.52 17.31 69.63
C TYR B 510 -12.88 16.65 69.98
N GLY B 511 -12.85 15.39 70.40
CA GLY B 511 -14.07 14.67 70.71
C GLY B 511 -15.09 14.77 69.61
N THR B 512 -14.66 14.52 68.39
CA THR B 512 -15.54 14.59 67.23
C THR B 512 -16.63 13.52 67.29
N ASP B 513 -16.38 12.43 68.01
CA ASP B 513 -17.38 11.38 68.16
C ASP B 513 -18.42 11.68 69.26
N LYS B 514 -18.29 12.82 69.95
CA LYS B 514 -19.15 13.16 71.07
C LYS B 514 -20.44 13.85 70.65
N SER B 515 -20.33 14.73 69.67
CA SER B 515 -21.47 15.52 69.24
C SER B 515 -21.34 15.97 67.79
N ASP B 516 -22.44 16.40 67.22
CA ASP B 516 -22.42 16.98 65.88
C ASP B 516 -21.72 18.34 65.87
N ALA B 517 -21.79 19.07 66.98
CA ALA B 517 -21.13 20.38 67.08
C ALA B 517 -19.61 20.26 67.07
N ASN B 518 -19.09 19.27 67.78
CA ASN B 518 -17.66 18.96 67.75
C ASN B 518 -17.19 18.48 66.37
N ALA B 519 -17.93 17.52 65.81
CA ALA B 519 -17.62 16.96 64.52
C ALA B 519 -17.62 18.03 63.46
N ASN B 520 -18.69 18.83 63.42
CA ASN B 520 -18.87 19.82 62.36
C ASN B 520 -17.98 21.04 62.54
N LYS B 521 -17.35 21.22 63.71
CA LYS B 521 -16.31 22.24 63.91
C LYS B 521 -14.98 21.94 63.20
N HIS B 522 -14.80 20.69 62.77
CA HIS B 522 -13.59 20.26 62.10
C HIS B 522 -13.96 19.44 60.85
N LEU B 523 -14.69 20.07 59.93
CA LEU B 523 -15.05 19.45 58.67
C LEU B 523 -13.82 18.95 57.97
N SER B 524 -13.87 17.68 57.57
CA SER B 524 -12.79 16.99 56.87
C SER B 524 -13.31 16.14 55.71
N ILE B 525 -12.64 16.21 54.56
CA ILE B 525 -13.09 15.52 53.35
C ILE B 525 -12.03 14.60 52.77
N LEU B 526 -12.45 13.67 51.92
CA LEU B 526 -11.58 12.71 51.29
C LEU B 526 -11.65 12.88 49.79
N GLU B 527 -10.49 12.80 49.13
CA GLU B 527 -10.41 12.52 47.69
C GLU B 527 -10.38 10.99 47.51
N ASP B 528 -11.57 10.39 47.40
CA ASP B 528 -11.71 8.93 47.37
C ASP B 528 -12.54 8.51 46.15
N TRP B 529 -11.86 8.28 45.03
CA TRP B 529 -12.58 8.13 43.75
C TRP B 529 -13.24 6.79 43.53
N ASN B 530 -12.72 5.72 44.14
CA ASN B 530 -13.24 4.39 43.90
C ASN B 530 -14.69 4.32 44.28
N GLY B 531 -15.49 3.72 43.41
CA GLY B 531 -16.93 3.65 43.60
C GLY B 531 -17.39 2.84 44.79
N LYS B 532 -16.51 2.06 45.41
CA LYS B 532 -16.86 1.31 46.62
C LYS B 532 -16.32 1.94 47.90
N ASP B 533 -15.65 3.09 47.78
CA ASP B 533 -15.13 3.82 48.96
C ASP B 533 -16.26 4.35 49.87
N PRO B 534 -17.35 4.93 49.30
CA PRO B 534 -18.42 5.44 50.15
C PRO B 534 -18.88 4.46 51.18
N GLN B 535 -19.05 3.20 50.80
CA GLN B 535 -19.58 2.17 51.72
C GLN B 535 -18.53 1.78 52.75
N TYR B 536 -17.26 1.73 52.35
CA TYR B 536 -16.15 1.55 53.29
C TYR B 536 -16.16 2.66 54.33
N VAL B 537 -16.12 3.90 53.86
CA VAL B 537 -16.05 5.08 54.73
C VAL B 537 -17.18 5.06 55.78
N ASN B 538 -18.36 4.67 55.34
CA ASN B 538 -19.51 4.60 56.22
C ASN B 538 -19.44 3.46 57.23
N GLN B 539 -18.89 2.30 56.83
CA GLN B 539 -18.67 1.20 57.78
C GLN B 539 -17.67 1.62 58.85
N GLN B 540 -16.70 2.45 58.48
CA GLN B 540 -15.69 2.92 59.43
C GLN B 540 -16.13 4.15 60.23
N GLY B 541 -17.39 4.57 60.09
CA GLY B 541 -17.96 5.60 60.96
C GLY B 541 -17.79 7.04 60.49
N ASN B 542 -17.55 7.22 59.20
CA ASN B 542 -17.50 8.54 58.60
C ASN B 542 -16.62 9.56 59.34
N ALA B 543 -15.38 9.20 59.66
CA ALA B 543 -14.46 10.16 60.30
C ALA B 543 -14.10 11.30 59.35
N GLN B 544 -14.13 11.03 58.05
CA GLN B 544 -14.04 12.07 57.05
C GLN B 544 -15.12 11.85 56.01
N LEU B 545 -15.57 12.93 55.39
CA LEU B 545 -16.67 12.86 54.43
C LEU B 545 -16.22 12.25 53.11
N THR B 546 -16.91 11.21 52.65
CA THR B 546 -16.68 10.71 51.30
C THR B 546 -17.17 11.70 50.25
N MET B 547 -16.57 11.66 49.08
CA MET B 547 -17.14 12.39 47.95
C MET B 547 -18.33 11.59 47.44
N ASP B 548 -19.17 12.24 46.63
CA ASP B 548 -20.28 11.60 45.95
C ASP B 548 -20.10 11.76 44.45
N TYR B 549 -19.35 10.84 43.86
CA TYR B 549 -19.09 10.91 42.43
C TYR B 549 -20.36 10.62 41.61
N THR B 550 -21.34 9.94 42.19
CA THR B 550 -22.51 9.54 41.39
C THR B 550 -23.25 10.75 40.89
N VAL B 551 -23.36 11.79 41.71
CA VAL B 551 -24.02 13.02 41.27
C VAL B 551 -23.11 13.86 40.35
N THR B 552 -21.82 13.94 40.67
CA THR B 552 -20.86 14.63 39.80
C THR B 552 -20.86 14.01 38.39
N SER B 553 -20.91 12.68 38.38
CA SER B 553 -20.94 11.92 37.16
C SER B 553 -22.18 12.24 36.34
N GLN B 554 -23.33 12.26 37.00
CA GLN B 554 -24.59 12.51 36.32
C GLN B 554 -24.67 13.92 35.76
N PHE B 555 -24.03 14.88 36.42
CA PHE B 555 -23.93 16.23 35.85
C PHE B 555 -23.17 16.16 34.53
N GLY B 556 -22.11 15.37 34.51
CA GLY B 556 -21.32 15.18 33.31
C GLY B 556 -22.16 14.69 32.16
N ASN B 557 -22.93 13.64 32.40
CA ASN B 557 -23.69 12.98 31.35
C ASN B 557 -24.92 13.75 30.89
N SER B 558 -25.61 14.40 31.82
CA SER B 558 -26.88 15.04 31.52
C SER B 558 -26.82 16.55 31.22
N LEU B 559 -25.75 17.25 31.61
CA LEU B 559 -25.71 18.71 31.48
C LEU B 559 -24.37 19.27 31.06
N THR B 560 -23.36 18.88 31.81
CA THR B 560 -22.05 19.49 31.78
C THR B 560 -21.24 19.12 30.56
N HIS B 561 -21.34 17.88 30.10
CA HIS B 561 -20.56 17.41 28.94
C HIS B 561 -21.37 17.23 27.66
N GLY B 562 -20.87 17.86 26.59
CA GLY B 562 -21.31 17.56 25.26
C GLY B 562 -22.34 18.55 24.76
N ALA B 563 -22.21 18.92 23.49
CA ALA B 563 -23.10 19.88 22.87
C ALA B 563 -24.47 19.31 22.63
N ASN B 564 -24.60 17.99 22.43
CA ASN B 564 -25.91 17.43 22.07
C ASN B 564 -26.34 16.15 22.78
N ASN B 565 -25.75 15.00 22.45
CA ASN B 565 -26.32 13.76 22.93
C ASN B 565 -25.97 13.62 24.38
N ARG B 566 -26.97 13.84 25.22
CA ARG B 566 -26.78 13.91 26.66
C ARG B 566 -27.77 12.95 27.28
N SER B 567 -27.42 12.38 28.43
CA SER B 567 -28.36 11.52 29.15
C SER B 567 -29.53 12.37 29.61
N ASN B 568 -30.72 11.81 29.59
CA ASN B 568 -31.88 12.55 30.08
C ASN B 568 -31.74 12.92 31.55
N MET B 569 -32.44 13.99 31.91
CA MET B 569 -32.53 14.43 33.30
C MET B 569 -33.17 13.34 34.17
N TRP B 570 -34.01 12.50 33.55
CA TRP B 570 -34.56 11.31 34.21
C TRP B 570 -33.52 10.56 35.05
N TYR B 571 -32.31 10.46 34.54
CA TYR B 571 -31.28 9.67 35.21
C TYR B 571 -30.90 10.18 36.59
N PHE B 572 -31.09 11.48 36.83
CA PHE B 572 -30.86 12.03 38.16
C PHE B 572 -31.72 11.43 39.26
N LEU B 573 -32.92 10.96 38.90
CA LEU B 573 -33.86 10.42 39.90
C LEU B 573 -33.43 9.08 40.48
N ASP B 574 -32.92 8.19 39.62
CA ASP B 574 -32.56 6.83 40.00
C ASP B 574 -33.82 6.16 40.54
N THR B 575 -34.82 6.03 39.67
CA THR B 575 -36.10 5.44 40.06
C THR B 575 -36.01 3.97 40.50
N GLY B 576 -35.05 3.25 39.94
CA GLY B 576 -34.71 1.91 40.40
C GLY B 576 -34.57 1.78 41.90
N TYR B 577 -34.32 2.90 42.59
CA TYR B 577 -34.29 2.93 44.03
C TYR B 577 -35.54 2.25 44.58
N TYR B 578 -36.68 2.58 43.99
CA TYR B 578 -37.97 1.95 44.30
C TYR B 578 -38.22 0.70 43.42
N LEU B 579 -38.96 -0.27 43.95
CA LEU B 579 -39.27 -1.48 43.18
C LEU B 579 -40.08 -1.12 41.96
N ASN B 580 -39.67 -1.58 40.77
CA ASN B 580 -40.35 -1.31 39.48
C ASN B 580 -40.45 0.18 39.14
N GLY B 581 -39.49 0.98 39.57
CA GLY B 581 -39.67 2.44 39.54
C GLY B 581 -41.10 2.88 39.85
N ASP B 582 -41.76 2.22 40.82
CA ASP B 582 -43.17 2.53 41.15
C ASP B 582 -43.24 3.80 41.99
N LEU B 583 -43.30 4.92 41.28
CA LEU B 583 -43.39 6.22 41.91
C LEU B 583 -44.75 6.38 42.55
N ASN B 584 -45.72 5.59 42.11
CA ASN B 584 -46.99 5.57 42.81
C ASN B 584 -46.91 4.81 44.12
N LYS B 585 -46.23 3.67 44.11
CA LYS B 585 -46.25 2.77 45.27
C LYS B 585 -45.08 3.01 46.22
N LYS B 586 -43.91 3.33 45.67
CA LYS B 586 -42.72 3.73 46.44
C LYS B 586 -42.23 2.70 47.45
N ILE B 587 -42.09 1.46 47.00
CA ILE B 587 -41.55 0.41 47.83
C ILE B 587 -40.04 0.38 47.58
N VAL B 588 -39.26 0.59 48.65
CA VAL B 588 -37.81 0.63 48.53
C VAL B 588 -37.33 -0.79 48.23
N ASP B 589 -36.38 -0.89 47.30
CA ASP B 589 -35.81 -2.16 46.88
C ASP B 589 -34.67 -2.50 47.84
N LYS B 590 -34.92 -3.44 48.74
CA LYS B 590 -33.97 -3.79 49.79
C LYS B 590 -32.68 -4.45 49.26
N ASN B 591 -32.74 -5.09 48.10
CA ASN B 591 -31.55 -5.79 47.57
C ASN B 591 -31.20 -5.48 46.11
N ARG B 592 -30.38 -4.45 45.93
CA ARG B 592 -29.98 -4.03 44.60
C ARG B 592 -28.51 -4.34 44.44
N PRO B 593 -28.05 -4.52 43.18
CA PRO B 593 -26.61 -4.71 42.93
C PRO B 593 -25.63 -3.53 43.26
N ASN B 594 -25.72 -2.96 44.48
CA ASN B 594 -24.78 -1.93 44.95
C ASN B 594 -24.63 -0.77 43.95
N SER B 595 -25.78 -0.22 43.52
CA SER B 595 -25.82 0.74 42.39
C SER B 595 -26.66 2.00 42.66
N GLY B 596 -26.70 2.86 41.66
CA GLY B 596 -27.55 4.04 41.67
C GLY B 596 -26.85 5.20 42.33
N THR B 597 -27.59 6.29 42.50
CA THR B 597 -27.06 7.47 43.15
C THR B 597 -27.02 7.25 44.68
N LEU B 598 -26.05 7.86 45.34
CA LEU B 598 -25.77 7.64 46.76
C LEU B 598 -26.92 8.00 47.72
N VAL B 599 -27.66 9.05 47.38
CA VAL B 599 -28.76 9.55 48.17
C VAL B 599 -29.96 9.74 47.24
N ASN B 600 -31.06 9.05 47.50
CA ASN B 600 -32.23 9.25 46.66
C ASN B 600 -32.93 10.53 47.05
N ARG B 601 -33.36 11.28 46.04
CA ARG B 601 -34.00 12.58 46.26
C ARG B 601 -35.40 12.73 45.65
N ILE B 602 -35.99 11.61 45.26
CA ILE B 602 -37.29 11.64 44.62
C ILE B 602 -38.33 12.10 45.62
N ALA B 603 -38.27 11.54 46.82
CA ALA B 603 -39.12 11.95 47.92
C ALA B 603 -38.40 11.74 49.25
N ASN B 604 -37.42 12.60 49.51
CA ASN B 604 -36.55 12.47 50.68
C ASN B 604 -37.08 13.31 51.84
N SER B 605 -37.73 12.64 52.80
CA SER B 605 -38.29 13.27 54.01
C SER B 605 -37.37 13.17 55.25
N GLY B 606 -36.13 12.71 55.08
CA GLY B 606 -35.20 12.54 56.19
C GLY B 606 -35.52 11.37 57.11
N ASP B 607 -36.33 10.44 56.62
CA ASP B 607 -36.76 9.29 57.43
C ASP B 607 -35.78 8.12 57.37
N THR B 608 -34.97 8.03 56.32
CA THR B 608 -33.99 6.95 56.19
C THR B 608 -32.57 7.50 56.36
N LYS B 609 -31.75 6.79 57.12
CA LYS B 609 -30.35 7.14 57.32
C LYS B 609 -29.60 7.06 55.99
N VAL B 610 -28.74 8.03 55.72
CA VAL B 610 -27.99 8.03 54.46
C VAL B 610 -26.51 8.38 54.70
N ILE B 611 -25.63 8.04 53.75
CA ILE B 611 -24.18 8.26 53.93
C ILE B 611 -23.77 9.73 53.78
N PRO B 612 -23.23 10.36 54.85
CA PRO B 612 -22.87 11.77 54.74
C PRO B 612 -21.77 11.99 53.73
N ASN B 613 -21.85 13.08 52.99
CA ASN B 613 -21.00 13.28 51.84
C ASN B 613 -20.88 14.72 51.39
N TYR B 614 -19.81 15.00 50.65
CA TYR B 614 -19.70 16.28 49.96
C TYR B 614 -19.84 16.02 48.48
N SER B 615 -20.22 17.02 47.71
CA SER B 615 -20.41 16.86 46.27
C SER B 615 -19.97 18.11 45.54
N PHE B 616 -19.67 17.95 44.25
CA PHE B 616 -19.27 19.09 43.44
C PHE B 616 -19.56 18.93 41.96
N VAL B 617 -19.52 20.05 41.25
CA VAL B 617 -19.60 20.07 39.79
C VAL B 617 -18.21 20.03 39.17
N ARG B 618 -17.30 20.87 39.69
CA ARG B 618 -15.91 20.88 39.26
C ARG B 618 -14.94 20.94 40.43
N ALA B 619 -13.68 20.73 40.11
CA ALA B 619 -12.64 20.81 41.12
C ALA B 619 -11.35 21.28 40.48
N HIS B 620 -10.37 21.62 41.32
CA HIS B 620 -9.05 22.04 40.86
C HIS B 620 -8.45 20.97 39.97
N ASP B 621 -8.84 19.72 40.24
CA ASP B 621 -8.40 18.54 39.51
C ASP B 621 -9.52 17.77 38.81
N TYR B 622 -10.65 18.41 38.51
CA TYR B 622 -11.73 17.72 37.77
C TYR B 622 -12.38 18.73 36.83
N ASP B 623 -12.43 18.36 35.55
CA ASP B 623 -12.84 19.25 34.46
C ASP B 623 -12.07 20.57 34.38
N ALA B 624 -10.78 20.53 34.75
CA ALA B 624 -9.94 21.72 34.66
C ALA B 624 -8.64 21.41 33.93
N GLN B 625 -7.81 20.57 34.53
CA GLN B 625 -6.45 20.32 34.00
C GLN B 625 -6.45 19.80 32.55
N ASP B 626 -7.37 18.89 32.23
CA ASP B 626 -7.40 18.38 30.86
C ASP B 626 -7.87 19.43 29.83
N PRO B 627 -9.08 19.99 30.00
CA PRO B 627 -9.48 21.05 29.08
C PRO B 627 -8.46 22.18 28.88
N ILE B 628 -7.87 22.68 29.97
CA ILE B 628 -6.93 23.79 29.85
C ILE B 628 -5.75 23.40 28.95
N ARG B 629 -5.32 22.15 29.04
CA ARG B 629 -4.22 21.66 28.19
C ARG B 629 -4.67 21.32 26.77
N LYS B 630 -5.82 20.67 26.61
CA LYS B 630 -6.39 20.44 25.29
C LYS B 630 -6.44 21.74 24.49
N ALA B 631 -6.84 22.82 25.15
CA ALA B 631 -6.84 24.15 24.53
C ALA B 631 -5.44 24.57 24.07
N MET B 632 -4.41 24.32 24.87
CA MET B 632 -3.03 24.68 24.50
C MET B 632 -2.51 23.82 23.35
N ILE B 633 -2.89 22.54 23.37
CA ILE B 633 -2.56 21.59 22.30
C ILE B 633 -3.23 22.01 20.99
N ASP B 634 -4.50 22.35 21.10
CA ASP B 634 -5.32 22.71 19.96
C ASP B 634 -4.80 23.95 19.25
N HIS B 635 -4.14 24.85 19.97
CA HIS B 635 -3.56 26.07 19.38
C HIS B 635 -2.02 25.96 19.19
N GLY B 636 -1.51 24.74 19.17
CA GLY B 636 -0.09 24.49 18.94
C GLY B 636 0.89 25.07 19.96
N ILE B 637 0.42 25.34 21.18
CA ILE B 637 1.29 25.89 22.22
C ILE B 637 2.14 24.80 22.86
N ILE B 638 1.60 23.59 22.93
CA ILE B 638 2.37 22.42 23.31
C ILE B 638 1.94 21.27 22.42
N LYS B 639 2.66 20.16 22.44
CA LYS B 639 2.30 19.00 21.63
C LYS B 639 1.61 17.91 22.43
N ASN B 640 2.13 17.62 23.61
CA ASN B 640 1.59 16.57 24.47
C ASN B 640 1.03 17.08 25.80
N MET B 641 0.11 16.33 26.37
CA MET B 641 -0.41 16.64 27.70
C MET B 641 0.67 16.62 28.77
N GLN B 642 1.69 15.77 28.59
CA GLN B 642 2.81 15.66 29.54
C GLN B 642 3.94 16.64 29.27
N ASP B 643 3.82 17.33 28.15
CA ASP B 643 4.75 18.36 27.77
C ASP B 643 4.96 19.38 28.92
N THR B 644 6.18 19.83 29.09
CA THR B 644 6.46 20.96 29.97
C THR B 644 6.07 22.25 29.29
N PHE B 645 5.36 23.11 30.01
CA PHE B 645 5.07 24.44 29.53
C PHE B 645 5.51 25.51 30.53
N THR B 646 5.76 26.70 30.00
CA THR B 646 6.12 27.84 30.82
C THR B 646 4.84 28.56 31.22
N PHE B 647 4.94 29.44 32.22
CA PHE B 647 3.81 30.25 32.65
C PHE B 647 3.30 31.19 31.54
N ASP B 648 4.20 31.74 30.73
CA ASP B 648 3.79 32.54 29.56
C ASP B 648 2.98 31.73 28.56
N GLN B 649 3.42 30.50 28.34
CA GLN B 649 2.72 29.58 27.48
C GLN B 649 1.33 29.36 28.03
N LEU B 650 1.22 29.20 29.34
CA LEU B 650 -0.06 28.99 30.01
C LEU B 650 -0.99 30.18 29.81
N ALA B 651 -0.46 31.39 29.98
CA ALA B 651 -1.24 32.62 29.89
C ALA B 651 -1.86 32.77 28.51
N GLN B 652 -1.09 32.44 27.47
CA GLN B 652 -1.56 32.50 26.09
C GLN B 652 -2.69 31.52 25.84
N GLY B 653 -2.50 30.31 26.32
CA GLY B 653 -3.52 29.27 26.20
C GLY B 653 -4.78 29.65 26.94
N MET B 654 -4.59 30.25 28.11
CA MET B 654 -5.70 30.67 28.93
C MET B 654 -6.59 31.65 28.20
N GLU B 655 -6.00 32.49 27.36
CA GLU B 655 -6.78 33.48 26.63
C GLU B 655 -7.73 32.80 25.65
N PHE B 656 -7.33 31.69 25.07
CA PHE B 656 -8.21 30.92 24.18
C PHE B 656 -9.30 30.20 25.00
N TYR B 657 -8.90 29.68 26.16
CA TYR B 657 -9.81 29.01 27.08
C TYR B 657 -10.90 29.95 27.57
N TYR B 658 -10.52 31.16 27.96
CA TYR B 658 -11.51 32.14 28.40
C TYR B 658 -12.44 32.49 27.25
N LYS B 659 -11.87 32.72 26.06
CA LYS B 659 -12.63 33.07 24.85
C LYS B 659 -13.70 32.01 24.52
N ASP B 660 -13.33 30.75 24.70
CA ASP B 660 -14.23 29.61 24.51
C ASP B 660 -15.31 29.52 25.59
N GLN B 661 -14.91 29.74 26.83
CA GLN B 661 -15.82 29.71 27.98
C GLN B 661 -16.96 30.75 27.83
N GLU B 662 -16.59 31.96 27.41
CA GLU B 662 -17.50 33.10 27.36
C GLU B 662 -18.13 33.31 25.98
N ASN B 663 -18.01 32.30 25.11
CA ASN B 663 -18.46 32.41 23.72
C ASN B 663 -19.97 32.65 23.64
N PRO B 664 -20.40 33.76 22.99
CA PRO B 664 -21.83 34.07 22.90
C PRO B 664 -22.61 33.09 22.04
N SER B 665 -21.92 32.43 21.10
CA SER B 665 -22.54 31.37 20.30
C SER B 665 -23.20 30.35 21.22
N GLY B 666 -22.55 30.04 22.33
CA GLY B 666 -23.07 29.08 23.30
C GLY B 666 -22.42 27.71 23.17
N PHE B 667 -21.60 27.55 22.14
CA PHE B 667 -20.84 26.34 21.93
C PHE B 667 -19.54 26.44 22.73
N LYS B 668 -19.14 25.30 23.31
CA LYS B 668 -17.96 25.20 24.17
C LYS B 668 -17.13 23.99 23.76
N LYS B 669 -15.87 24.22 23.44
CA LYS B 669 -15.00 23.16 22.95
C LYS B 669 -14.23 22.50 24.08
N TYR B 670 -13.69 23.32 24.98
CA TYR B 670 -12.91 22.82 26.13
C TYR B 670 -13.70 22.94 27.43
N ASN B 671 -14.50 24.01 27.55
CA ASN B 671 -15.27 24.29 28.76
C ASN B 671 -16.55 23.47 28.88
N ASP B 672 -17.08 23.47 30.10
CA ASP B 672 -18.33 22.76 30.44
C ASP B 672 -19.58 23.60 30.16
N TYR B 673 -20.61 22.91 29.67
CA TYR B 673 -21.95 23.48 29.45
C TYR B 673 -22.76 23.51 30.74
N ASN B 674 -23.70 24.45 30.83
CA ASN B 674 -24.76 24.42 31.85
C ASN B 674 -24.28 24.50 33.31
N LEU B 675 -23.17 25.20 33.55
CA LEU B 675 -22.65 25.29 34.91
C LEU B 675 -23.61 25.94 35.91
N PRO B 676 -24.30 27.03 35.51
CA PRO B 676 -25.31 27.60 36.38
C PRO B 676 -26.39 26.61 36.76
N SER B 677 -26.88 25.86 35.79
CA SER B 677 -27.96 24.90 36.02
C SER B 677 -27.48 23.77 36.96
N ALA B 678 -26.23 23.36 36.77
CA ALA B 678 -25.60 22.38 37.63
C ALA B 678 -25.49 22.88 39.08
N TYR B 679 -25.05 24.12 39.25
CA TYR B 679 -24.95 24.69 40.58
C TYR B 679 -26.31 24.85 41.22
N ALA B 680 -27.32 25.19 40.43
CA ALA B 680 -28.66 25.31 40.98
C ALA B 680 -29.06 24.01 41.68
N MET B 681 -28.68 22.88 41.10
CA MET B 681 -29.05 21.59 41.69
C MET B 681 -28.13 21.24 42.85
N LEU B 682 -26.85 21.48 42.66
CA LEU B 682 -25.88 21.16 43.69
C LEU B 682 -26.23 21.87 44.97
N LEU B 683 -26.65 23.13 44.85
CA LEU B 683 -26.87 24.00 46.01
C LEU B 683 -28.26 23.85 46.65
N THR B 684 -29.17 23.11 46.03
CA THR B 684 -30.50 22.85 46.63
C THR B 684 -30.67 21.44 47.15
N ASN B 685 -29.73 20.55 46.85
CA ASN B 685 -29.88 19.15 47.23
C ASN B 685 -29.78 18.92 48.73
N LYS B 686 -30.71 18.13 49.24
CA LYS B 686 -30.67 17.66 50.62
C LYS B 686 -29.59 16.60 50.82
N ASP B 687 -29.12 16.47 52.06
CA ASP B 687 -28.18 15.44 52.49
C ASP B 687 -26.89 15.47 51.69
N THR B 688 -26.27 16.65 51.61
CA THR B 688 -24.93 16.80 51.02
C THR B 688 -24.34 18.10 51.51
N VAL B 689 -23.01 18.13 51.62
CA VAL B 689 -22.26 19.36 51.82
C VAL B 689 -21.73 19.78 50.46
N PRO B 690 -22.32 20.79 49.84
CA PRO B 690 -21.82 21.16 48.52
C PRO B 690 -20.47 21.83 48.57
N ARG B 691 -19.67 21.63 47.53
CA ARG B 691 -18.40 22.31 47.37
C ARG B 691 -18.33 23.10 46.06
N VAL B 692 -17.89 24.35 46.22
CA VAL B 692 -17.84 25.30 45.14
C VAL B 692 -16.40 25.54 44.71
N TYR B 693 -16.20 25.55 43.39
CA TYR B 693 -14.85 25.64 42.82
C TYR B 693 -14.54 27.08 42.47
N TYR B 694 -13.44 27.58 43.02
CA TYR B 694 -12.92 28.92 42.72
C TYR B 694 -13.04 29.26 41.24
N GLY B 695 -12.73 28.30 40.39
CA GLY B 695 -12.69 28.53 38.95
C GLY B 695 -14.01 28.65 38.22
N ASP B 696 -15.10 28.36 38.91
CA ASP B 696 -16.42 28.65 38.38
C ASP B 696 -16.87 30.05 38.82
N MET B 697 -16.17 30.62 39.79
CA MET B 697 -16.47 31.94 40.32
C MET B 697 -15.52 32.99 39.74
N TYR B 698 -14.24 32.65 39.64
CA TYR B 698 -13.26 33.56 39.07
C TYR B 698 -12.51 32.81 38.01
N LEU B 699 -11.81 33.54 37.14
CA LEU B 699 -11.08 32.90 36.07
C LEU B 699 -9.90 32.10 36.62
N GLU B 700 -9.70 30.90 36.06
CA GLU B 700 -8.73 29.93 36.59
C GLU B 700 -7.25 30.31 36.45
N GLY B 701 -6.96 31.20 35.52
CA GLY B 701 -5.59 31.65 35.30
C GLY B 701 -5.38 33.06 35.79
N GLY B 702 -4.18 33.57 35.57
CA GLY B 702 -3.86 34.91 35.99
C GLY B 702 -3.86 35.02 37.51
N GLN B 703 -4.24 36.20 37.98
CA GLN B 703 -4.05 36.56 39.37
C GLN B 703 -5.25 36.13 40.20
N TYR B 704 -5.03 35.90 41.49
CA TYR B 704 -6.08 35.36 42.36
C TYR B 704 -7.20 36.38 42.48
N MET B 705 -8.42 35.95 42.18
CA MET B 705 -9.58 36.83 42.19
C MET B 705 -9.48 38.05 41.25
N GLU B 706 -8.72 37.93 40.17
CA GLU B 706 -8.52 39.06 39.24
C GLU B 706 -9.78 39.49 38.51
N LYS B 707 -10.58 38.52 38.10
CA LYS B 707 -11.78 38.81 37.32
C LYS B 707 -12.80 37.70 37.46
N GLY B 708 -14.04 38.07 37.77
CA GLY B 708 -15.11 37.10 37.93
C GLY B 708 -15.44 36.46 36.61
N THR B 709 -16.07 35.30 36.67
CA THR B 709 -16.52 34.59 35.48
C THR B 709 -17.91 35.10 35.15
N ILE B 710 -18.41 34.72 33.99
CA ILE B 710 -19.79 35.08 33.64
C ILE B 710 -20.82 34.34 34.53
N TYR B 711 -20.41 33.24 35.13
CA TYR B 711 -21.29 32.49 36.00
C TYR B 711 -21.41 33.11 37.42
N ASN B 712 -20.49 33.99 37.78
CA ASN B 712 -20.41 34.49 39.15
C ASN B 712 -21.72 35.06 39.74
N PRO B 713 -22.41 35.95 39.01
CA PRO B 713 -23.65 36.50 39.53
C PRO B 713 -24.69 35.44 39.89
N VAL B 714 -24.87 34.46 39.00
CA VAL B 714 -25.90 33.45 39.19
C VAL B 714 -25.57 32.55 40.37
N ILE B 715 -24.32 32.13 40.44
CA ILE B 715 -23.88 31.23 41.51
C ILE B 715 -23.93 31.98 42.84
N SER B 716 -23.56 33.26 42.82
CA SER B 716 -23.59 34.09 44.02
C SER B 716 -25.01 34.23 44.57
N ALA B 717 -25.97 34.39 43.67
CA ALA B 717 -27.38 34.47 44.04
C ALA B 717 -27.88 33.18 44.63
N LEU B 718 -27.53 32.07 43.99
CA LEU B 718 -27.89 30.75 44.49
C LEU B 718 -27.33 30.51 45.90
N LEU B 719 -26.11 30.98 46.12
CA LEU B 719 -25.44 30.76 47.38
C LEU B 719 -26.11 31.53 48.50
N LYS B 720 -26.50 32.76 48.21
CA LYS B 720 -27.19 33.60 49.20
C LYS B 720 -28.63 33.16 49.44
N ALA B 721 -29.29 32.73 48.37
CA ALA B 721 -30.60 32.11 48.47
C ALA B 721 -30.56 30.82 49.30
N ARG B 722 -29.47 30.08 49.22
CA ARG B 722 -29.36 28.84 49.98
C ARG B 722 -29.42 29.08 51.48
N ILE B 723 -28.83 30.19 51.92
CA ILE B 723 -28.86 30.57 53.32
C ILE B 723 -30.28 30.89 53.78
N LYS B 724 -31.00 31.67 52.96
CA LYS B 724 -32.35 32.15 53.26
C LYS B 724 -33.44 31.10 53.19
N TYR B 725 -33.39 30.26 52.17
CA TYR B 725 -34.55 29.42 51.85
C TYR B 725 -34.36 27.92 51.93
N VAL B 726 -33.14 27.43 51.80
CA VAL B 726 -32.96 26.00 51.59
C VAL B 726 -33.00 25.26 52.91
N SER B 727 -34.12 24.62 53.19
CA SER B 727 -34.21 23.65 54.27
C SER B 727 -35.39 22.71 54.08
N GLY B 728 -35.49 21.73 54.97
CA GLY B 728 -36.58 20.75 54.95
C GLY B 728 -36.39 19.63 53.96
N GLY B 729 -37.48 18.91 53.73
CA GLY B 729 -37.45 17.74 52.87
C GLY B 729 -37.28 18.13 51.41
N GLN B 730 -37.06 17.13 50.57
CA GLN B 730 -36.89 17.34 49.16
C GLN B 730 -37.77 16.41 48.35
N THR B 731 -38.18 16.90 47.18
CA THR B 731 -38.68 16.04 46.12
C THR B 731 -38.02 16.39 44.81
N MET B 732 -38.07 15.44 43.88
CA MET B 732 -37.46 15.60 42.59
C MET B 732 -38.20 14.70 41.61
N ALA B 733 -38.51 15.24 40.45
CA ALA B 733 -39.28 14.55 39.41
C ALA B 733 -38.86 15.03 38.04
N THR B 734 -39.20 14.29 36.99
CA THR B 734 -38.96 14.73 35.62
C THR B 734 -40.17 14.43 34.78
N ASP B 735 -40.38 15.27 33.77
CA ASP B 735 -41.42 15.04 32.77
C ASP B 735 -40.86 14.02 31.79
N SER B 736 -40.69 12.80 32.28
CA SER B 736 -39.96 11.81 31.54
C SER B 736 -40.03 10.50 32.26
N SER B 737 -39.99 9.41 31.50
CA SER B 737 -40.13 8.08 32.05
C SER B 737 -38.94 7.16 31.79
N GLY B 738 -37.94 7.62 31.04
CA GLY B 738 -36.79 6.77 30.73
C GLY B 738 -35.86 7.40 29.71
N LYS B 739 -35.15 6.55 28.97
CA LYS B 739 -34.26 7.00 27.89
C LYS B 739 -35.02 7.80 26.82
N ASP B 740 -36.23 7.35 26.48
CA ASP B 740 -36.95 7.83 25.31
C ASP B 740 -38.14 8.65 25.73
N LEU B 741 -38.48 9.67 24.93
CA LEU B 741 -39.56 10.62 25.26
C LEU B 741 -40.82 10.41 24.43
N LYS B 742 -41.94 10.29 25.12
CA LYS B 742 -43.25 10.30 24.47
C LYS B 742 -43.62 11.71 23.97
N ASP B 743 -44.73 11.80 23.25
CA ASP B 743 -45.14 13.03 22.55
C ASP B 743 -45.06 14.33 23.35
N GLY B 744 -45.81 14.40 24.45
CA GLY B 744 -45.90 15.63 25.25
C GLY B 744 -44.67 15.92 26.09
N GLU B 745 -43.82 14.90 26.27
CA GLU B 745 -42.78 14.93 27.29
C GLU B 745 -41.61 15.87 26.99
N THR B 746 -41.21 16.62 28.00
CA THR B 746 -40.21 17.66 27.90
C THR B 746 -38.84 17.24 28.45
N ASP B 747 -38.84 16.28 29.37
CA ASP B 747 -37.65 15.88 30.13
C ASP B 747 -37.06 17.04 30.93
N LEU B 748 -37.96 17.76 31.60
CA LEU B 748 -37.61 18.91 32.41
C LEU B 748 -37.67 18.44 33.84
N LEU B 749 -36.61 18.71 34.60
CA LEU B 749 -36.50 18.25 35.99
C LEU B 749 -37.03 19.30 36.95
N THR B 750 -37.82 18.86 37.93
CA THR B 750 -38.34 19.75 38.95
C THR B 750 -37.90 19.31 40.33
N SER B 751 -37.14 20.17 41.01
CA SER B 751 -36.61 19.91 42.34
C SER B 751 -37.15 20.95 43.30
N VAL B 752 -37.59 20.49 44.48
CA VAL B 752 -38.26 21.34 45.47
C VAL B 752 -37.70 21.09 46.85
N ARG B 753 -37.50 22.16 47.62
CA ARG B 753 -37.31 22.04 49.07
C ARG B 753 -38.44 22.78 49.80
N PHE B 754 -38.90 22.24 50.93
CA PHE B 754 -40.16 22.71 51.56
C PHE B 754 -40.09 23.80 52.64
N GLY B 755 -38.98 23.92 53.37
CA GLY B 755 -38.89 24.84 54.51
C GLY B 755 -38.44 24.06 55.72
N LYS B 756 -38.25 24.70 56.86
CA LYS B 756 -37.44 24.09 57.93
C LYS B 756 -37.95 22.76 58.50
N GLY B 757 -39.20 22.71 58.91
CA GLY B 757 -39.69 21.47 59.52
C GLY B 757 -40.54 20.63 58.60
N ILE B 758 -40.64 21.03 57.34
CA ILE B 758 -41.54 20.39 56.40
C ILE B 758 -40.78 19.35 55.60
N MET B 759 -41.19 18.10 55.75
CA MET B 759 -40.46 16.98 55.20
C MET B 759 -41.13 16.35 54.00
N THR B 760 -42.39 16.73 53.72
CA THR B 760 -43.18 16.06 52.69
C THR B 760 -44.05 17.04 51.89
N SER B 761 -44.47 16.63 50.70
CA SER B 761 -45.45 17.37 49.88
C SER B 761 -46.71 17.70 50.66
N ASP B 762 -47.23 16.70 51.36
CA ASP B 762 -48.56 16.75 51.94
C ASP B 762 -48.58 17.21 53.39
N GLN B 763 -47.40 17.31 54.01
CA GLN B 763 -47.32 17.87 55.34
C GLN B 763 -47.63 19.37 55.27
N THR B 764 -48.58 19.80 56.11
CA THR B 764 -49.10 21.16 56.08
C THR B 764 -48.54 22.04 57.18
N THR B 765 -48.02 21.44 58.25
CA THR B 765 -47.43 22.22 59.33
C THR B 765 -46.43 21.43 60.16
N THR B 766 -45.53 22.17 60.82
CA THR B 766 -44.45 21.60 61.62
C THR B 766 -44.99 20.93 62.86
N GLN B 767 -44.25 19.97 63.41
CA GLN B 767 -44.64 19.31 64.66
C GLN B 767 -44.43 20.22 65.87
N ASP B 768 -43.32 20.97 65.88
CA ASP B 768 -43.01 21.94 66.94
C ASP B 768 -43.71 23.31 66.80
N ASN B 769 -44.64 23.43 65.85
CA ASN B 769 -45.38 24.69 65.61
C ASN B 769 -44.53 25.96 65.41
N SER B 770 -43.31 25.77 64.87
CA SER B 770 -42.48 26.89 64.42
C SER B 770 -43.03 27.37 63.09
N GLN B 771 -42.95 28.68 62.85
CA GLN B 771 -43.49 29.27 61.61
C GLN B 771 -42.40 29.55 60.56
N ASP B 772 -41.15 29.22 60.88
CA ASP B 772 -40.02 29.48 59.99
C ASP B 772 -40.25 29.00 58.57
N TYR B 773 -40.88 27.83 58.44
CA TYR B 773 -41.12 27.19 57.14
C TYR B 773 -41.87 28.02 56.11
N LYS B 774 -42.82 28.86 56.56
CA LYS B 774 -43.73 29.54 55.63
C LYS B 774 -43.00 30.39 54.56
N ASN B 775 -41.92 31.07 54.93
CA ASN B 775 -41.18 31.86 53.96
C ASN B 775 -39.91 31.21 53.46
N GLN B 776 -39.82 29.91 53.65
CA GLN B 776 -38.67 29.17 53.20
C GLN B 776 -39.07 28.23 52.06
N GLY B 777 -38.10 27.44 51.61
CA GLY B 777 -38.31 26.49 50.53
C GLY B 777 -37.94 27.13 49.20
N ILE B 778 -37.80 26.30 48.18
CA ILE B 778 -37.33 26.77 46.89
C ILE B 778 -37.78 25.82 45.80
N GLY B 779 -37.92 26.33 44.60
CA GLY B 779 -38.29 25.53 43.43
C GLY B 779 -37.28 25.70 42.31
N VAL B 780 -36.82 24.57 41.75
CA VAL B 780 -35.86 24.60 40.66
C VAL B 780 -36.35 23.77 39.50
N ILE B 781 -36.29 24.36 38.30
CA ILE B 781 -36.66 23.71 37.06
C ILE B 781 -35.48 23.81 36.13
N VAL B 782 -35.01 22.69 35.59
CA VAL B 782 -33.83 22.68 34.74
C VAL B 782 -33.94 21.69 33.58
N GLY B 783 -33.42 22.10 32.43
CA GLY B 783 -33.48 21.31 31.20
C GLY B 783 -32.14 21.32 30.52
N ASN B 784 -31.92 20.31 29.68
CA ASN B 784 -30.67 20.11 28.97
C ASN B 784 -30.86 20.18 27.46
N ASN B 785 -31.95 20.79 27.03
CA ASN B 785 -32.28 20.83 25.62
C ASN B 785 -32.50 22.28 25.19
N PRO B 786 -31.50 22.87 24.49
CA PRO B 786 -31.60 24.28 24.09
C PRO B 786 -32.59 24.54 22.96
N ASP B 787 -33.00 23.47 22.28
CA ASP B 787 -33.97 23.57 21.20
C ASP B 787 -35.33 23.07 21.71
N LEU B 788 -35.57 23.19 23.02
CA LEU B 788 -36.82 22.73 23.58
C LEU B 788 -37.95 23.72 23.32
N LYS B 789 -39.03 23.22 22.74
CA LYS B 789 -40.26 23.99 22.51
C LYS B 789 -41.44 23.18 23.09
N LEU B 790 -42.28 23.81 23.90
CA LEU B 790 -43.44 23.09 24.46
C LEU B 790 -44.62 23.01 23.47
N ASN B 791 -45.43 21.97 23.59
CA ASN B 791 -46.73 21.90 22.90
C ASN B 791 -47.66 22.93 23.54
N ASN B 792 -48.66 23.41 22.80
CA ASN B 792 -49.52 24.46 23.35
C ASN B 792 -50.35 24.02 24.56
N ASP B 793 -50.75 22.75 24.58
CA ASP B 793 -51.56 22.19 25.66
C ASP B 793 -50.77 22.01 26.96
N LYS B 794 -49.45 21.79 26.83
CA LYS B 794 -48.59 21.33 27.94
C LYS B 794 -48.48 22.30 29.10
N THR B 795 -48.57 21.75 30.32
CA THR B 795 -48.36 22.51 31.55
C THR B 795 -47.28 21.82 32.37
N ILE B 796 -46.42 22.62 32.99
CA ILE B 796 -45.31 22.11 33.82
C ILE B 796 -45.45 22.62 35.25
N THR B 797 -45.32 21.70 36.22
CA THR B 797 -45.68 22.01 37.61
C THR B 797 -44.56 21.80 38.63
N LEU B 798 -44.48 22.74 39.56
CA LEU B 798 -43.62 22.64 40.74
C LEU B 798 -44.48 22.40 41.96
N HIS B 799 -44.40 21.21 42.53
CA HIS B 799 -45.19 20.90 43.71
C HIS B 799 -44.49 21.45 44.96
N MET B 800 -44.71 22.74 45.21
CA MET B 800 -44.13 23.45 46.36
C MET B 800 -44.65 22.95 47.69
N GLY B 801 -45.79 22.26 47.67
CA GLY B 801 -46.29 21.52 48.83
C GLY B 801 -47.50 22.12 49.52
N LYS B 802 -48.20 21.28 50.28
CA LYS B 802 -49.43 21.68 50.96
C LYS B 802 -49.19 22.55 52.20
N ALA B 803 -47.92 22.74 52.55
CA ALA B 803 -47.55 23.74 53.55
C ALA B 803 -47.45 25.14 52.93
N HIS B 804 -47.67 25.25 51.62
CA HIS B 804 -47.57 26.54 50.92
C HIS B 804 -48.75 26.77 49.99
N LYS B 805 -49.96 26.56 50.50
CA LYS B 805 -51.18 26.77 49.71
C LYS B 805 -51.34 28.26 49.47
N ASN B 806 -51.76 28.63 48.26
CA ASN B 806 -52.17 30.00 47.90
C ASN B 806 -51.11 31.08 48.13
N GLN B 807 -49.87 30.65 48.27
CA GLN B 807 -48.77 31.56 48.55
C GLN B 807 -48.20 32.20 47.29
N LEU B 808 -47.73 33.43 47.43
CA LEU B 808 -47.07 34.13 46.34
C LEU B 808 -45.59 33.80 46.31
N TYR B 809 -45.12 33.42 45.12
CA TYR B 809 -43.72 33.08 44.87
C TYR B 809 -43.16 34.05 43.83
N ARG B 810 -41.86 34.33 43.88
CA ARG B 810 -41.18 35.18 42.89
C ARG B 810 -39.90 34.54 42.38
N ALA B 811 -39.55 34.86 41.14
CA ALA B 811 -38.37 34.29 40.50
C ALA B 811 -37.04 34.79 41.10
N LEU B 812 -36.09 33.88 41.29
CA LEU B 812 -34.71 34.23 41.65
C LEU B 812 -33.82 34.30 40.41
N VAL B 813 -34.12 33.42 39.46
CA VAL B 813 -33.28 33.18 38.30
C VAL B 813 -34.16 32.64 37.18
N LEU B 814 -34.08 33.26 36.00
CA LEU B 814 -34.81 32.82 34.81
C LEU B 814 -33.96 32.95 33.55
N SER B 815 -33.90 31.86 32.79
CA SER B 815 -33.11 31.82 31.56
C SER B 815 -33.88 32.44 30.39
N ASN B 816 -33.13 32.89 29.40
CA ASN B 816 -33.70 33.47 28.19
C ASN B 816 -32.65 33.36 27.09
N ASP B 817 -32.93 33.92 25.91
CA ASP B 817 -32.12 33.65 24.72
C ASP B 817 -30.77 34.37 24.67
N SER B 818 -30.60 35.40 25.50
CA SER B 818 -29.33 36.13 25.57
C SER B 818 -28.52 35.87 26.85
N GLY B 819 -29.16 35.37 27.92
CA GLY B 819 -28.47 35.04 29.17
C GLY B 819 -29.39 34.42 30.22
N ILE B 820 -29.07 34.66 31.49
CA ILE B 820 -29.94 34.27 32.62
C ILE B 820 -30.10 35.49 33.52
N ASP B 821 -31.33 35.95 33.69
CA ASP B 821 -31.63 37.09 34.56
C ASP B 821 -31.58 36.66 36.02
N VAL B 822 -31.03 37.53 36.85
CA VAL B 822 -30.89 37.29 38.28
C VAL B 822 -31.64 38.37 39.04
N TYR B 823 -32.54 37.96 39.93
CA TYR B 823 -33.35 38.90 40.68
C TYR B 823 -32.94 38.95 42.15
N ASP B 824 -32.52 40.13 42.58
CA ASP B 824 -31.89 40.30 43.90
C ASP B 824 -32.89 40.42 45.04
N SER B 825 -34.12 40.83 44.73
CA SER B 825 -35.13 41.05 45.75
C SER B 825 -36.55 40.87 45.20
N ASP B 826 -37.53 40.81 46.08
CA ASP B 826 -38.91 40.49 45.70
C ASP B 826 -39.53 41.52 44.74
N ASP B 827 -39.20 42.80 44.93
CA ASP B 827 -39.79 43.88 44.13
C ASP B 827 -39.40 43.86 42.65
N LYS B 828 -38.15 43.50 42.36
CA LYS B 828 -37.64 43.55 41.00
C LYS B 828 -37.97 42.31 40.17
N ALA B 829 -38.59 41.31 40.79
CA ALA B 829 -38.90 40.05 40.11
C ALA B 829 -40.38 39.84 39.81
N PRO B 830 -40.66 39.04 38.78
CA PRO B 830 -42.02 38.59 38.50
C PRO B 830 -42.52 37.64 39.58
N THR B 831 -43.77 37.82 40.00
CA THR B 831 -44.40 36.93 40.99
C THR B 831 -45.33 35.95 40.30
N LEU B 832 -45.67 34.91 41.03
CA LEU B 832 -46.67 33.95 40.61
C LEU B 832 -47.17 33.27 41.87
N ARG B 833 -48.46 33.01 41.92
CA ARG B 833 -49.07 32.45 43.13
C ARG B 833 -49.41 30.98 42.96
N THR B 834 -49.21 30.22 44.03
CA THR B 834 -49.51 28.80 44.04
C THR B 834 -51.01 28.61 44.22
N ASN B 835 -51.54 27.48 43.78
CA ASN B 835 -52.96 27.19 43.91
C ASN B 835 -53.33 26.62 45.30
N ASP B 836 -54.53 26.06 45.43
CA ASP B 836 -54.98 25.52 46.72
C ASP B 836 -54.17 24.30 47.16
N ASN B 837 -53.79 23.45 46.22
CA ASN B 837 -52.92 22.32 46.53
C ASN B 837 -51.43 22.68 46.68
N GLY B 838 -51.05 23.90 46.34
CA GLY B 838 -49.69 24.39 46.55
C GLY B 838 -48.78 24.22 45.35
N ASP B 839 -49.37 24.14 44.15
CA ASP B 839 -48.61 23.96 42.92
C ASP B 839 -48.45 25.26 42.15
N LEU B 840 -47.22 25.53 41.69
CA LEU B 840 -46.97 26.58 40.70
C LEU B 840 -47.14 25.99 39.31
N ILE B 841 -48.12 26.47 38.55
CA ILE B 841 -48.37 25.94 37.22
C ILE B 841 -47.71 26.84 36.17
N PHE B 842 -47.02 26.22 35.22
CA PHE B 842 -46.35 26.94 34.13
C PHE B 842 -46.83 26.41 32.78
N HIS B 843 -46.95 27.31 31.80
CA HIS B 843 -47.38 26.95 30.45
C HIS B 843 -46.30 27.33 29.44
N LYS B 844 -46.52 26.96 28.18
CA LYS B 844 -45.66 27.37 27.08
C LYS B 844 -45.52 28.88 27.09
N THR B 845 -46.64 29.57 27.26
CA THR B 845 -46.66 31.02 27.34
C THR B 845 -47.15 31.42 28.73
N ASN B 846 -46.44 32.37 29.36
CA ASN B 846 -46.80 32.85 30.69
C ASN B 846 -46.86 34.36 30.73
N THR B 847 -47.83 34.89 31.46
CA THR B 847 -47.85 36.31 31.77
C THR B 847 -47.77 36.45 33.30
N PHE B 848 -46.59 36.85 33.78
CA PHE B 848 -46.36 37.05 35.22
C PHE B 848 -46.57 38.50 35.56
N VAL B 849 -46.98 38.78 36.78
CA VAL B 849 -47.10 40.16 37.23
C VAL B 849 -46.10 40.44 38.34
N LYS B 850 -45.43 41.60 38.27
CA LYS B 850 -44.60 42.07 39.38
C LYS B 850 -45.49 42.41 40.56
N GLN B 851 -44.94 42.37 41.76
CA GLN B 851 -45.77 42.65 42.95
C GLN B 851 -46.34 44.06 42.93
N ASP B 852 -45.59 44.99 42.36
CA ASP B 852 -46.05 46.38 42.29
C ASP B 852 -46.07 46.97 40.89
N GLY B 853 -44.88 47.14 40.29
CA GLY B 853 -44.69 47.89 39.05
C GLY B 853 -45.42 47.57 37.75
N THR B 854 -45.25 46.34 37.26
CA THR B 854 -45.78 45.98 35.94
C THR B 854 -45.90 44.47 35.63
N ILE B 855 -46.61 44.18 34.54
CA ILE B 855 -46.73 42.82 33.94
C ILE B 855 -45.46 42.38 33.22
N ILE B 856 -45.23 41.07 33.14
CA ILE B 856 -44.08 40.50 32.41
C ILE B 856 -44.44 39.27 31.54
N ASN B 857 -43.86 39.17 30.34
CA ASN B 857 -44.07 38.01 29.43
C ASN B 857 -42.90 37.04 29.40
N TYR B 858 -43.18 35.74 29.43
CA TYR B 858 -42.11 34.73 29.52
C TYR B 858 -42.49 33.38 28.92
N GLU B 859 -41.67 32.87 28.01
CA GLU B 859 -41.90 31.58 27.38
C GLU B 859 -41.03 30.49 28.03
N MET B 860 -41.63 29.34 28.32
CA MET B 860 -40.88 28.14 28.68
C MET B 860 -40.21 27.61 27.42
N LYS B 861 -38.97 28.03 27.26
CA LYS B 861 -38.26 27.96 26.01
C LYS B 861 -36.85 27.56 26.35
N GLY B 862 -36.36 26.48 25.74
CA GLY B 862 -34.94 26.16 25.83
C GLY B 862 -34.17 27.29 25.15
N SER B 863 -33.02 27.64 25.70
CA SER B 863 -32.20 28.73 25.16
C SER B 863 -30.80 28.23 24.90
N LEU B 864 -30.04 28.98 24.08
CA LEU B 864 -28.66 28.65 23.81
C LEU B 864 -27.83 29.94 23.85
N ASN B 865 -26.94 30.03 24.82
CA ASN B 865 -26.01 31.15 24.95
C ASN B 865 -24.84 30.76 25.86
N ALA B 866 -23.95 31.71 26.15
CA ALA B 866 -22.78 31.43 27.00
C ALA B 866 -23.13 30.81 28.36
N LEU B 867 -24.25 31.26 28.95
CA LEU B 867 -24.64 30.84 30.31
C LEU B 867 -25.51 29.57 30.39
N ILE B 868 -26.13 29.17 29.28
CA ILE B 868 -26.97 27.97 29.30
C ILE B 868 -27.14 27.27 27.93
N SER B 869 -27.29 25.95 27.98
CA SER B 869 -27.79 25.14 26.85
C SER B 869 -28.92 24.27 27.36
N GLY B 870 -30.09 24.88 27.49
CA GLY B 870 -31.29 24.25 28.05
C GLY B 870 -32.19 25.26 28.74
N TYR B 871 -32.93 24.82 29.75
CA TYR B 871 -33.73 25.74 30.56
C TYR B 871 -33.27 25.80 32.02
N LEU B 872 -33.48 26.96 32.65
CA LEU B 872 -33.28 27.13 34.11
C LEU B 872 -34.23 28.18 34.70
N GLY B 873 -35.05 27.75 35.66
CA GLY B 873 -35.90 28.65 36.44
C GLY B 873 -35.85 28.30 37.92
N VAL B 874 -35.58 29.30 38.75
CA VAL B 874 -35.62 29.12 40.20
C VAL B 874 -36.58 30.10 40.84
N TRP B 875 -37.42 29.60 41.75
CA TRP B 875 -38.50 30.40 42.37
C TRP B 875 -38.49 30.29 43.88
N VAL B 876 -38.72 31.42 44.53
CA VAL B 876 -38.67 31.50 45.98
C VAL B 876 -39.92 32.22 46.52
N PRO B 877 -40.31 31.91 47.77
CA PRO B 877 -41.45 32.62 48.35
C PRO B 877 -41.14 34.10 48.58
N VAL B 878 -42.07 34.98 48.23
CA VAL B 878 -41.93 36.40 48.52
C VAL B 878 -42.13 36.57 50.00
N GLY B 879 -41.63 37.69 50.53
CA GLY B 879 -41.76 38.01 51.93
C GLY B 879 -40.59 37.53 52.79
N ALA B 880 -39.47 37.22 52.16
CA ALA B 880 -38.32 36.79 52.93
C ALA B 880 -37.65 37.96 53.65
N SER B 881 -37.48 37.81 54.95
CA SER B 881 -36.71 38.77 55.76
C SER B 881 -35.30 38.99 55.22
N ASP B 882 -34.69 40.14 55.53
CA ASP B 882 -33.31 40.45 55.10
C ASP B 882 -32.25 39.61 55.81
N SER B 883 -32.53 39.21 57.05
CA SER B 883 -31.60 38.40 57.84
C SER B 883 -32.05 36.94 57.94
N GLN B 884 -33.01 36.54 57.10
CA GLN B 884 -33.58 35.19 57.21
C GLN B 884 -32.47 34.17 57.03
N ASP B 885 -32.43 33.22 57.97
CA ASP B 885 -31.46 32.13 57.97
C ASP B 885 -32.20 30.80 58.17
N ALA B 886 -32.17 29.95 57.13
CA ALA B 886 -32.83 28.63 57.16
C ALA B 886 -31.90 27.50 57.61
N ARG B 887 -30.68 27.85 58.00
CA ARG B 887 -29.72 26.85 58.42
C ARG B 887 -29.98 26.34 59.82
N THR B 888 -29.50 25.15 60.11
CA THR B 888 -29.69 24.54 61.40
C THR B 888 -28.34 24.48 62.13
N VAL B 889 -28.33 24.93 63.37
CA VAL B 889 -27.13 24.83 64.19
C VAL B 889 -26.93 23.38 64.65
N ALA B 890 -25.67 22.97 64.79
CA ALA B 890 -25.35 21.63 65.28
C ALA B 890 -25.48 21.54 66.80
N THR B 891 -26.00 20.42 67.28
CA THR B 891 -26.32 20.26 68.71
C THR B 891 -25.18 19.65 69.51
N GLU B 892 -25.04 20.15 70.75
CA GLU B 892 -23.92 19.78 71.64
C GLU B 892 -24.14 18.44 72.35
N SER B 893 -25.37 17.92 72.26
CA SER B 893 -25.76 16.70 72.95
C SER B 893 -25.20 15.48 72.26
N SER B 894 -25.01 14.41 73.02
CA SER B 894 -24.59 13.13 72.47
C SER B 894 -25.77 12.44 71.82
N SER B 895 -26.16 12.93 70.64
CA SER B 895 -27.33 12.45 69.91
C SER B 895 -27.24 10.96 69.53
N SER B 896 -26.03 10.53 69.14
CA SER B 896 -25.79 9.15 68.72
C SER B 896 -24.67 8.48 69.51
N ASN B 897 -24.93 7.24 69.93
CA ASN B 897 -23.91 6.35 70.46
C ASN B 897 -23.51 5.29 69.41
N ASP B 898 -23.90 5.48 68.15
CA ASP B 898 -23.51 4.59 67.02
C ASP B 898 -21.99 4.46 66.77
N GLY B 899 -21.18 5.36 67.36
CA GLY B 899 -19.72 5.36 67.18
C GLY B 899 -19.23 6.30 66.07
N SER B 900 -20.11 6.58 65.11
CA SER B 900 -19.82 7.43 63.95
C SER B 900 -19.55 8.89 64.32
N VAL B 901 -18.79 9.57 63.45
CA VAL B 901 -18.48 10.98 63.60
C VAL B 901 -19.50 11.84 62.89
N PHE B 902 -19.48 11.86 61.56
CA PHE B 902 -20.44 12.69 60.82
C PHE B 902 -21.80 12.00 60.66
N HIS B 903 -22.86 12.80 60.62
CA HIS B 903 -24.21 12.31 60.36
C HIS B 903 -24.89 13.23 59.38
N SER B 904 -25.52 12.68 58.34
CA SER B 904 -26.20 13.54 57.37
C SER B 904 -27.50 14.01 57.98
N ASN B 905 -27.59 15.31 58.21
CA ASN B 905 -28.78 15.92 58.74
C ASN B 905 -28.83 17.40 58.35
N ALA B 906 -29.81 18.12 58.86
CA ALA B 906 -30.02 19.52 58.48
C ALA B 906 -28.83 20.39 58.85
N ALA B 907 -28.19 20.06 59.96
CA ALA B 907 -27.04 20.79 60.47
C ALA B 907 -25.85 20.65 59.54
N LEU B 908 -25.50 19.42 59.20
CA LEU B 908 -24.41 19.17 58.27
C LEU B 908 -24.68 19.82 56.92
N ASP B 909 -25.92 19.73 56.43
CA ASP B 909 -26.27 20.29 55.12
C ASP B 909 -26.15 21.80 55.08
N SER B 910 -26.14 22.44 56.25
CA SER B 910 -26.05 23.91 56.35
C SER B 910 -24.65 24.42 55.99
N ASN B 911 -23.69 23.50 55.91
CA ASN B 911 -22.33 23.83 55.51
C ASN B 911 -22.08 23.94 54.01
N VAL B 912 -21.08 24.73 53.66
CA VAL B 912 -20.66 24.87 52.29
C VAL B 912 -19.15 25.05 52.28
N ILE B 913 -18.48 24.21 51.51
CA ILE B 913 -17.05 24.26 51.40
C ILE B 913 -16.71 24.99 50.13
N TYR B 914 -15.65 25.79 50.19
CA TYR B 914 -15.18 26.52 49.02
C TYR B 914 -13.79 26.05 48.75
N GLU B 915 -13.60 25.45 47.58
CA GLU B 915 -12.28 25.07 47.13
C GLU B 915 -11.70 26.28 46.45
N GLY B 916 -10.84 26.97 47.19
CA GLY B 916 -10.51 28.34 46.86
C GLY B 916 -9.15 28.52 46.24
N PHE B 917 -8.92 27.82 45.14
CA PHE B 917 -7.69 27.97 44.39
C PHE B 917 -7.83 27.23 43.09
N SER B 918 -6.92 27.52 42.18
CA SER B 918 -6.84 26.86 40.89
C SER B 918 -5.40 26.48 40.66
N ASN B 919 -5.19 25.32 40.06
CA ASN B 919 -3.82 24.91 39.75
C ASN B 919 -3.14 25.78 38.73
N PHE B 920 -3.88 26.59 37.99
CA PHE B 920 -3.31 27.32 36.87
C PHE B 920 -3.23 28.81 37.14
N GLN B 921 -3.33 29.19 38.41
CA GLN B 921 -3.11 30.58 38.79
C GLN B 921 -1.71 30.99 38.35
N ALA B 922 -1.57 32.23 37.94
CA ALA B 922 -0.26 32.79 37.66
C ALA B 922 0.49 33.02 38.98
N MET B 923 1.81 33.19 38.89
CA MET B 923 2.58 33.52 40.08
C MET B 923 2.24 34.96 40.45
N PRO B 924 2.20 35.29 41.75
CA PRO B 924 1.93 36.68 42.11
C PRO B 924 2.88 37.67 41.44
N THR B 925 2.32 38.69 40.79
CA THR B 925 3.12 39.77 40.24
C THR B 925 3.69 40.66 41.36
N SER B 926 2.99 40.71 42.50
CA SER B 926 3.45 41.47 43.65
C SER B 926 2.98 40.83 44.96
N PRO B 927 3.72 41.03 46.06
CA PRO B 927 3.32 40.48 47.37
C PRO B 927 1.90 40.85 47.80
N GLU B 928 1.41 42.00 47.35
CA GLU B 928 0.07 42.47 47.71
C GLU B 928 -1.03 41.61 47.07
N GLN B 929 -0.74 40.99 45.93
CA GLN B 929 -1.73 40.18 45.21
C GLN B 929 -1.60 38.66 45.46
N SER B 930 -0.85 38.28 46.48
CA SER B 930 -0.70 36.87 46.82
C SER B 930 -2.01 36.35 47.34
N THR B 931 -2.37 35.14 46.92
CA THR B 931 -3.64 34.51 47.27
C THR B 931 -4.05 34.74 48.74
N ASN B 932 -3.17 34.42 49.68
CA ASN B 932 -3.51 34.46 51.09
C ASN B 932 -3.64 35.88 51.68
N VAL B 933 -2.98 36.84 51.06
CA VAL B 933 -3.22 38.25 51.40
C VAL B 933 -4.63 38.63 50.97
N VAL B 934 -4.96 38.30 49.73
CA VAL B 934 -6.29 38.58 49.18
C VAL B 934 -7.38 37.90 49.99
N ILE B 935 -7.17 36.67 50.42
CA ILE B 935 -8.17 35.96 51.21
C ILE B 935 -8.45 36.71 52.51
N ALA B 936 -7.42 37.27 53.13
CA ALA B 936 -7.60 38.01 54.38
C ALA B 936 -8.45 39.27 54.15
N THR B 937 -8.14 40.05 53.12
CA THR B 937 -8.91 41.27 52.86
C THR B 937 -10.37 40.95 52.48
N LYS B 938 -10.61 39.80 51.83
CA LYS B 938 -11.94 39.45 51.33
C LYS B 938 -12.74 38.42 52.16
N ALA B 939 -12.27 38.06 53.35
CA ALA B 939 -12.98 37.05 54.16
C ALA B 939 -14.49 37.33 54.31
N ASN B 940 -14.83 38.57 54.67
CA ASN B 940 -16.23 39.08 54.62
C ASN B 940 -17.10 38.49 53.51
N LEU B 941 -16.63 38.61 52.28
CA LEU B 941 -17.38 38.22 51.07
C LEU B 941 -17.85 36.76 51.12
N PHE B 942 -17.05 35.89 51.70
CA PHE B 942 -17.35 34.47 51.76
C PHE B 942 -18.28 34.11 52.91
N LYS B 943 -18.23 34.87 54.00
CA LYS B 943 -19.18 34.68 55.08
C LYS B 943 -20.58 34.89 54.54
N GLU B 944 -20.76 35.92 53.70
CA GLU B 944 -22.09 36.27 53.16
C GLU B 944 -22.58 35.37 52.02
N LEU B 945 -21.69 34.59 51.43
CA LEU B 945 -22.06 33.52 50.49
C LEU B 945 -22.33 32.18 51.18
N GLY B 946 -22.11 32.12 52.49
CA GLY B 946 -22.53 30.98 53.29
C GLY B 946 -21.49 29.91 53.40
N ILE B 947 -20.25 30.25 53.06
CA ILE B 947 -19.13 29.32 53.20
C ILE B 947 -18.88 29.15 54.69
N THR B 948 -18.86 27.90 55.14
CA THR B 948 -18.54 27.57 56.52
C THR B 948 -17.15 26.97 56.66
N SER B 949 -16.59 26.50 55.55
CA SER B 949 -15.21 25.99 55.51
C SER B 949 -14.51 26.35 54.21
N PHE B 950 -13.28 26.85 54.34
CA PHE B 950 -12.50 27.33 53.22
C PHE B 950 -11.40 26.32 52.96
N GLU B 951 -11.45 25.65 51.81
CA GLU B 951 -10.43 24.70 51.46
C GLU B 951 -9.34 25.49 50.76
N LEU B 952 -8.22 25.66 51.48
CA LEU B 952 -7.05 26.37 50.96
C LEU B 952 -6.17 25.39 50.20
N ALA B 953 -5.50 25.91 49.19
CA ALA B 953 -4.52 25.11 48.45
C ALA B 953 -3.49 24.51 49.41
N PRO B 954 -2.77 23.49 48.95
CA PRO B 954 -1.68 22.98 49.74
C PRO B 954 -0.57 24.03 49.83
N GLN B 955 -0.11 24.29 51.05
CA GLN B 955 0.74 25.43 51.32
C GLN B 955 2.24 25.13 51.28
N TYR B 956 2.61 23.95 50.78
CA TYR B 956 3.97 23.44 50.96
C TYR B 956 4.86 24.01 49.88
N ARG B 957 6.13 24.17 50.18
CA ARG B 957 7.02 24.81 49.20
C ARG B 957 7.24 23.96 47.99
N SER B 958 6.93 24.53 46.83
CA SER B 958 7.00 23.82 45.57
C SER B 958 8.41 23.43 45.23
N SER B 959 8.52 22.23 44.68
CA SER B 959 9.77 21.71 44.16
C SER B 959 10.13 22.37 42.84
N GLY B 960 9.17 23.02 42.20
CA GLY B 960 9.49 23.97 41.15
C GLY B 960 10.06 23.36 39.90
N ASP B 961 11.10 24.02 39.35
CA ASP B 961 11.76 23.57 38.13
C ASP B 961 12.87 22.56 38.39
N THR B 962 13.17 22.29 39.66
CA THR B 962 14.12 21.23 40.04
C THR B 962 13.67 19.91 39.47
N ASN B 963 14.61 19.17 38.89
CA ASN B 963 14.29 17.90 38.26
C ASN B 963 15.54 17.06 38.15
N TYR B 964 15.67 16.05 39.00
CA TYR B 964 16.88 15.25 39.03
C TYR B 964 16.92 14.16 37.96
N GLY B 965 15.77 13.79 37.42
CA GLY B 965 15.75 12.93 36.25
C GLY B 965 14.31 12.60 35.99
N GLY B 966 14.02 12.06 34.82
CA GLY B 966 12.66 11.61 34.54
C GLY B 966 11.76 12.78 34.25
N MET B 967 10.46 12.51 34.06
CA MET B 967 9.58 13.57 33.58
C MET B 967 9.14 14.43 34.73
N SER B 968 9.17 15.73 34.50
CA SER B 968 8.58 16.67 35.44
C SER B 968 7.06 16.61 35.34
N PHE B 969 6.38 16.98 36.42
CA PHE B 969 4.91 17.04 36.42
C PHE B 969 4.43 18.47 36.58
N LEU B 970 3.23 18.77 36.06
CA LEU B 970 2.74 20.16 36.09
C LEU B 970 2.55 20.75 37.50
N ASP B 971 2.22 19.93 38.48
CA ASP B 971 2.17 20.37 39.86
C ASP B 971 3.46 21.03 40.28
N SER B 972 4.56 20.51 39.78
CA SER B 972 5.86 21.00 40.18
C SER B 972 6.21 22.29 39.47
N PHE B 973 6.09 22.33 38.16
CA PHE B 973 6.47 23.55 37.45
C PHE B 973 5.40 24.64 37.43
N LEU B 974 4.17 24.32 37.84
CA LEU B 974 3.17 25.37 38.11
C LEU B 974 3.12 25.79 39.58
N ASN B 975 3.98 25.20 40.42
CA ASN B 975 4.13 25.62 41.79
C ASN B 975 2.83 25.61 42.60
N ASN B 976 1.95 24.69 42.29
CA ASN B 976 0.65 24.71 42.92
C ASN B 976 0.65 24.12 44.35
N GLY B 977 1.76 23.49 44.76
CA GLY B 977 1.91 23.07 46.14
C GLY B 977 1.67 21.59 46.40
N TYR B 978 1.07 20.90 45.43
CA TYR B 978 0.96 19.44 45.50
C TYR B 978 2.31 18.72 45.32
N ALA B 979 3.27 19.41 44.71
CA ALA B 979 4.61 18.86 44.52
C ALA B 979 5.61 19.65 45.32
N PHE B 980 6.21 19.00 46.32
CA PHE B 980 7.03 19.71 47.31
C PHE B 980 8.22 18.90 47.76
N THR B 981 9.26 19.59 48.19
CA THR B 981 10.46 18.95 48.72
C THR B 981 10.41 18.86 50.24
N ASP B 982 9.89 19.92 50.87
CA ASP B 982 9.86 20.05 52.34
C ASP B 982 8.42 20.20 52.83
N ARG B 983 7.97 19.23 53.62
CA ARG B 983 6.55 19.13 54.00
C ARG B 983 6.17 20.13 55.09
N TYR B 984 7.17 20.63 55.81
CA TYR B 984 6.92 21.54 56.91
C TYR B 984 7.17 22.98 56.53
N ASP B 985 7.77 23.25 55.37
CA ASP B 985 8.01 24.62 54.92
C ASP B 985 6.79 25.18 54.21
N LEU B 986 6.03 26.04 54.89
CA LEU B 986 4.80 26.62 54.32
C LEU B 986 4.96 28.09 53.91
N GLY B 987 6.20 28.51 53.71
CA GLY B 987 6.48 29.87 53.25
C GLY B 987 7.44 30.63 54.13
N PHE B 988 8.27 29.92 54.88
CA PHE B 988 9.20 30.55 55.78
C PHE B 988 10.27 31.33 55.03
N ASN B 989 10.85 32.30 55.71
CA ASN B 989 11.89 33.10 55.13
C ASN B 989 13.18 32.32 54.92
N LYS B 990 13.97 32.75 53.94
CA LYS B 990 15.31 32.27 53.74
C LYS B 990 16.06 32.45 55.03
N ALA B 991 17.16 31.71 55.18
CA ALA B 991 17.93 31.76 56.41
C ALA B 991 18.60 33.13 56.62
N ASP B 992 18.92 33.80 55.51
CA ASP B 992 19.45 35.17 55.52
C ASP B 992 18.44 36.22 55.96
N GLY B 993 17.17 35.85 56.12
CA GLY B 993 16.14 36.75 56.62
C GLY B 993 15.19 37.28 55.56
N ASN B 994 15.55 37.09 54.30
CA ASN B 994 14.73 37.56 53.20
C ASN B 994 13.46 36.75 53.04
N PRO B 995 12.41 37.37 52.53
CA PRO B 995 11.18 36.64 52.31
C PRO B 995 11.37 35.58 51.24
N ASN B 996 10.59 34.51 51.34
CA ASN B 996 10.67 33.39 50.41
C ASN B 996 9.27 32.79 50.33
N PRO B 997 8.35 33.51 49.70
CA PRO B 997 6.97 33.05 49.71
C PRO B 997 6.78 31.81 48.86
N THR B 998 5.72 31.07 49.15
CA THR B 998 5.22 30.05 48.24
C THR B 998 4.51 30.79 47.13
N LYS B 999 3.74 30.08 46.31
CA LYS B 999 2.92 30.72 45.30
C LYS B 999 1.83 31.56 45.93
N TYR B 1000 1.50 31.23 47.18
CA TYR B 1000 0.36 31.81 47.87
C TYR B 1000 0.76 32.82 48.95
N GLY B 1001 2.05 33.02 49.18
CA GLY B 1001 2.54 34.04 50.12
C GLY B 1001 3.37 33.46 51.24
N THR B 1002 3.83 34.31 52.15
CA THR B 1002 4.70 33.87 53.25
C THR B 1002 3.91 33.06 54.28
N ASP B 1003 4.61 32.55 55.30
CA ASP B 1003 3.93 31.88 56.41
C ASP B 1003 3.08 32.83 57.24
N GLN B 1004 3.51 34.08 57.41
CA GLN B 1004 2.67 35.07 58.10
C GLN B 1004 1.39 35.32 57.30
N ASP B 1005 1.51 35.47 55.99
CA ASP B 1005 0.34 35.69 55.14
C ASP B 1005 -0.70 34.59 55.35
N LEU B 1006 -0.23 33.36 55.54
CA LEU B 1006 -1.09 32.21 55.76
C LEU B 1006 -1.78 32.28 57.12
N ARG B 1007 -1.01 32.57 58.17
CA ARG B 1007 -1.58 32.68 59.51
C ARG B 1007 -2.61 33.81 59.56
N ASN B 1008 -2.34 34.90 58.86
CA ASN B 1008 -3.29 36.00 58.74
C ASN B 1008 -4.55 35.61 57.98
N ALA B 1009 -4.36 34.84 56.91
CA ALA B 1009 -5.48 34.33 56.14
C ALA B 1009 -6.37 33.39 56.96
N ILE B 1010 -5.76 32.52 57.77
CA ILE B 1010 -6.52 31.56 58.58
C ILE B 1010 -7.29 32.29 59.70
N GLU B 1011 -6.62 33.23 60.35
CA GLU B 1011 -7.21 34.05 61.40
C GLU B 1011 -8.41 34.83 60.86
N ALA B 1012 -8.21 35.49 59.72
CA ALA B 1012 -9.28 36.23 59.04
C ALA B 1012 -10.53 35.39 58.79
N LEU B 1013 -10.34 34.12 58.47
CA LEU B 1013 -11.47 33.25 58.21
C LEU B 1013 -12.19 32.89 59.51
N HIS B 1014 -11.45 32.73 60.60
CA HIS B 1014 -12.06 32.52 61.92
C HIS B 1014 -12.81 33.75 62.44
N LYS B 1015 -12.23 34.94 62.28
CA LYS B 1015 -12.93 36.19 62.58
C LYS B 1015 -14.25 36.29 61.82
N ASN B 1016 -14.33 35.67 60.64
CA ASN B 1016 -15.60 35.60 59.89
C ASN B 1016 -16.34 34.23 59.99
N GLY B 1017 -16.04 33.48 61.05
CA GLY B 1017 -16.77 32.27 61.42
C GLY B 1017 -16.65 31.12 60.43
N MET B 1018 -15.55 31.09 59.68
CA MET B 1018 -15.28 30.02 58.73
C MET B 1018 -14.09 29.19 59.18
N GLN B 1019 -14.10 27.92 58.81
CA GLN B 1019 -12.98 27.01 59.05
C GLN B 1019 -11.93 27.03 57.94
N ALA B 1020 -10.72 26.60 58.25
CA ALA B 1020 -9.67 26.46 57.25
C ALA B 1020 -9.25 25.01 57.10
N ILE B 1021 -9.26 24.51 55.86
CA ILE B 1021 -8.91 23.12 55.57
C ILE B 1021 -7.48 23.00 55.06
N ALA B 1022 -6.74 22.09 55.69
CA ALA B 1022 -5.35 21.80 55.31
C ALA B 1022 -5.36 20.64 54.32
N ASP B 1023 -4.66 20.80 53.20
CA ASP B 1023 -4.54 19.70 52.24
C ASP B 1023 -3.43 18.78 52.74
N TRP B 1024 -3.81 17.58 53.20
CA TRP B 1024 -2.88 16.59 53.73
C TRP B 1024 -2.48 15.66 52.58
N VAL B 1025 -1.19 15.66 52.25
CA VAL B 1025 -0.65 15.03 51.04
C VAL B 1025 0.43 14.02 51.40
N PRO B 1026 0.02 12.87 51.91
CA PRO B 1026 0.96 11.87 52.40
C PRO B 1026 1.54 10.91 51.36
N ASP B 1027 1.02 10.89 50.13
CA ASP B 1027 1.43 9.87 49.17
C ASP B 1027 2.86 10.04 48.65
N GLN B 1028 3.29 11.26 48.36
CA GLN B 1028 4.63 11.42 47.79
C GLN B 1028 5.36 12.69 48.15
N ILE B 1029 6.61 12.74 47.75
CA ILE B 1029 7.44 13.91 47.95
C ILE B 1029 8.34 14.04 46.70
N TYR B 1030 8.72 15.24 46.30
CA TYR B 1030 9.45 15.46 45.03
C TYR B 1030 10.90 15.91 45.23
N ALA B 1031 11.76 15.63 44.25
CA ALA B 1031 13.06 16.28 44.12
C ALA B 1031 13.87 16.32 45.40
N LEU B 1032 14.26 15.14 45.88
CA LEU B 1032 15.14 15.00 47.03
C LEU B 1032 16.58 15.06 46.52
N PRO B 1033 17.44 15.87 47.13
CA PRO B 1033 18.75 16.14 46.55
C PRO B 1033 19.83 15.07 46.72
N GLY B 1034 19.64 14.10 47.60
CA GLY B 1034 20.69 13.13 47.88
C GLY B 1034 20.46 11.78 47.25
N LYS B 1035 21.54 11.17 46.76
CA LYS B 1035 21.45 9.93 45.97
C LYS B 1035 21.71 8.72 46.82
N GLU B 1036 21.00 7.64 46.54
CA GLU B 1036 21.27 6.35 47.16
C GLU B 1036 21.18 5.30 46.08
N VAL B 1037 21.71 4.12 46.38
CA VAL B 1037 21.61 2.99 45.47
C VAL B 1037 20.51 2.08 45.98
N VAL B 1038 19.45 1.92 45.20
CA VAL B 1038 18.38 0.99 45.53
C VAL B 1038 18.45 -0.23 44.62
N THR B 1039 17.76 -1.29 45.03
CA THR B 1039 17.49 -2.47 44.20
C THR B 1039 16.05 -2.33 43.67
N ALA B 1040 15.93 -2.26 42.35
CA ALA B 1040 14.66 -1.84 41.79
C ALA B 1040 14.14 -2.78 40.73
N THR B 1041 12.81 -2.90 40.68
CA THR B 1041 12.12 -3.63 39.64
C THR B 1041 11.13 -2.69 38.93
N ARG B 1042 11.07 -2.78 37.60
CA ARG B 1042 10.09 -2.02 36.82
C ARG B 1042 8.68 -2.55 36.98
N VAL B 1043 7.75 -1.67 37.38
CA VAL B 1043 6.38 -2.05 37.75
C VAL B 1043 5.36 -1.07 37.20
N ASP B 1044 4.11 -1.49 37.18
CA ASP B 1044 2.97 -0.63 36.84
C ASP B 1044 2.41 0.02 38.11
N GLU B 1045 1.32 0.78 37.97
CA GLU B 1045 0.78 1.57 39.09
C GLU B 1045 0.47 0.78 40.35
N ARG B 1046 0.09 -0.48 40.19
CA ARG B 1046 -0.20 -1.37 41.32
C ARG B 1046 1.04 -2.09 41.89
N GLY B 1047 2.23 -1.76 41.40
CA GLY B 1047 3.45 -2.46 41.85
C GLY B 1047 3.60 -3.89 41.37
N ASN B 1048 2.99 -4.21 40.24
CA ASN B 1048 3.17 -5.50 39.60
C ASN B 1048 4.23 -5.43 38.52
N GLN B 1049 5.12 -6.42 38.52
CA GLN B 1049 6.25 -6.44 37.59
C GLN B 1049 5.70 -6.41 36.16
N LEU B 1050 6.26 -5.60 35.28
CA LEU B 1050 5.78 -5.57 33.90
C LEU B 1050 6.01 -6.95 33.30
N LYS B 1051 5.16 -7.39 32.37
CA LYS B 1051 5.22 -8.78 31.91
C LYS B 1051 6.52 -9.14 31.18
N ASP B 1052 6.97 -8.25 30.29
CA ASP B 1052 8.11 -8.54 29.43
C ASP B 1052 9.26 -7.60 29.73
N THR B 1053 9.75 -7.59 30.97
CA THR B 1053 10.81 -6.65 31.34
C THR B 1053 12.07 -7.37 31.82
N ASP B 1054 13.22 -6.85 31.39
CA ASP B 1054 14.51 -7.31 31.89
C ASP B 1054 14.86 -6.57 33.18
N PHE B 1055 14.15 -5.49 33.49
CA PHE B 1055 14.49 -4.66 34.63
C PHE B 1055 13.91 -5.27 35.88
N VAL B 1056 14.65 -6.18 36.49
CA VAL B 1056 14.22 -6.89 37.69
C VAL B 1056 15.39 -7.00 38.69
N ASN B 1057 15.13 -6.64 39.95
CA ASN B 1057 16.19 -6.56 40.98
C ASN B 1057 17.54 -5.98 40.54
N LEU B 1058 17.53 -4.92 39.73
CA LEU B 1058 18.77 -4.27 39.30
C LEU B 1058 19.15 -3.11 40.23
N LEU B 1059 20.45 -2.80 40.29
CA LEU B 1059 20.89 -1.66 41.09
C LEU B 1059 20.69 -0.39 40.29
N TYR B 1060 20.17 0.61 41.00
CA TYR B 1060 19.71 1.87 40.41
C TYR B 1060 20.06 3.01 41.36
N VAL B 1061 20.47 4.14 40.80
CA VAL B 1061 20.72 5.33 41.58
C VAL B 1061 19.45 6.17 41.60
N ALA B 1062 18.88 6.35 42.77
CA ALA B 1062 17.66 7.12 42.92
C ALA B 1062 17.96 8.38 43.72
N ASN B 1063 17.10 9.38 43.61
CA ASN B 1063 17.16 10.55 44.47
C ASN B 1063 16.13 10.42 45.59
N THR B 1064 16.58 9.93 46.74
CA THR B 1064 15.68 9.54 47.82
C THR B 1064 15.97 10.22 49.15
N LYS B 1065 17.11 10.88 49.26
CA LYS B 1065 17.58 11.37 50.54
C LYS B 1065 17.36 12.88 50.65
N SER B 1066 16.74 13.28 51.75
CA SER B 1066 16.41 14.66 52.02
C SER B 1066 17.67 15.39 52.48
N SER B 1067 17.67 16.72 52.44
CA SER B 1067 18.87 17.50 52.77
C SER B 1067 19.39 17.27 54.18
N GLY B 1068 18.49 16.96 55.12
CA GLY B 1068 18.86 16.75 56.52
C GLY B 1068 18.99 18.06 57.32
N VAL B 1069 18.78 19.19 56.65
CA VAL B 1069 18.96 20.48 57.28
C VAL B 1069 17.79 21.44 56.92
N ASP B 1070 16.64 20.87 56.60
CA ASP B 1070 15.46 21.60 56.13
C ASP B 1070 14.42 21.64 57.23
N TYR B 1071 13.19 22.05 56.94
CA TYR B 1071 12.20 22.11 58.00
C TYR B 1071 11.71 20.73 58.43
N GLN B 1072 11.86 19.74 57.57
CA GLN B 1072 11.56 18.36 57.93
C GLN B 1072 12.50 17.88 59.02
N ALA B 1073 13.72 18.42 59.04
CA ALA B 1073 14.69 18.06 60.05
C ALA B 1073 14.40 18.78 61.37
N LYS B 1074 13.96 20.02 61.30
CA LYS B 1074 13.58 20.75 62.50
C LYS B 1074 12.36 20.12 63.19
N TYR B 1075 11.25 20.02 62.48
CA TYR B 1075 9.98 19.61 63.05
C TYR B 1075 9.67 18.11 62.95
N GLY B 1076 10.50 17.34 62.27
CA GLY B 1076 10.22 15.91 62.10
C GLY B 1076 10.12 15.20 63.43
N GLY B 1077 9.05 14.43 63.61
CA GLY B 1077 8.82 13.63 64.84
C GLY B 1077 8.73 14.33 66.19
N GLU B 1078 8.80 15.66 66.19
CA GLU B 1078 8.98 16.41 67.42
C GLU B 1078 7.76 16.41 68.35
N PHE B 1079 6.57 16.30 67.77
CA PHE B 1079 5.33 16.40 68.55
C PHE B 1079 4.78 15.06 69.05
N LEU B 1080 5.43 13.96 68.68
CA LEU B 1080 4.96 12.65 69.01
C LEU B 1080 5.09 12.30 70.49
N ASP B 1081 6.18 12.71 71.12
CA ASP B 1081 6.42 12.35 72.52
C ASP B 1081 5.41 13.03 73.44
N LYS B 1082 5.18 14.31 73.21
CA LYS B 1082 4.11 15.04 73.89
C LYS B 1082 2.74 14.36 73.68
N LEU B 1083 2.46 13.92 72.46
CA LEU B 1083 1.21 13.23 72.15
C LEU B 1083 1.07 11.84 72.77
N ARG B 1084 2.16 11.08 72.88
CA ARG B 1084 2.10 9.73 73.47
C ARG B 1084 1.82 9.82 74.96
N GLU B 1085 2.47 10.78 75.61
CA GLU B 1085 2.20 11.10 77.01
C GLU B 1085 0.74 11.45 77.24
N GLU B 1086 0.18 12.33 76.40
CA GLU B 1086 -1.20 12.79 76.60
C GLU B 1086 -2.31 11.88 76.11
N TYR B 1087 -2.05 11.09 75.07
CA TYR B 1087 -3.11 10.25 74.47
C TYR B 1087 -2.58 8.85 74.16
N PRO B 1088 -2.20 8.09 75.18
CA PRO B 1088 -1.48 6.84 74.97
C PRO B 1088 -2.11 5.88 73.97
N SER B 1089 -3.43 5.85 73.92
CA SER B 1089 -4.18 4.88 73.12
C SER B 1089 -3.89 4.98 71.62
N LEU B 1090 -3.68 6.21 71.13
CA LEU B 1090 -3.32 6.42 69.73
C LEU B 1090 -2.10 5.59 69.35
N PHE B 1091 -1.15 5.46 70.29
CA PHE B 1091 0.10 4.77 70.04
C PHE B 1091 0.08 3.28 70.39
N LYS B 1092 -0.98 2.85 71.06
CA LYS B 1092 -1.20 1.44 71.42
C LYS B 1092 -2.17 0.72 70.50
N GLN B 1093 -3.08 1.46 69.88
CA GLN B 1093 -4.06 0.92 68.96
C GLN B 1093 -3.44 0.29 67.70
N ASN B 1094 -3.80 -0.96 67.43
CA ASN B 1094 -3.33 -1.65 66.21
C ASN B 1094 -4.05 -1.16 64.97
N GLN B 1095 -3.27 -1.04 63.89
CA GLN B 1095 -3.76 -0.68 62.58
C GLN B 1095 -4.06 -1.95 61.81
N VAL B 1096 -4.98 -1.87 60.87
CA VAL B 1096 -5.48 -3.06 60.20
C VAL B 1096 -4.50 -3.67 59.22
N SER B 1097 -3.92 -2.85 58.35
CA SER B 1097 -3.10 -3.35 57.25
C SER B 1097 -1.79 -3.99 57.73
N THR B 1098 -1.30 -3.55 58.89
CA THR B 1098 -0.02 -4.00 59.41
C THR B 1098 -0.12 -4.95 60.58
N GLY B 1099 -1.25 -4.92 61.30
CA GLY B 1099 -1.39 -5.67 62.55
C GLY B 1099 -0.65 -5.03 63.73
N GLN B 1100 -0.05 -3.88 63.48
CA GLN B 1100 0.86 -3.24 64.42
C GLN B 1100 0.31 -1.89 64.76
N PRO B 1101 0.76 -1.32 65.88
CA PRO B 1101 0.45 0.09 66.13
C PRO B 1101 1.50 0.96 65.48
N ILE B 1102 1.18 2.24 65.33
CA ILE B 1102 2.17 3.22 64.88
C ILE B 1102 3.37 3.26 65.85
N ASP B 1103 4.55 3.54 65.29
CA ASP B 1103 5.82 3.43 66.00
C ASP B 1103 6.51 4.78 66.06
N ALA B 1104 6.41 5.44 67.22
CA ALA B 1104 7.07 6.71 67.47
C ALA B 1104 8.46 6.56 68.11
N SER B 1105 8.96 5.33 68.22
CA SER B 1105 10.31 5.08 68.77
C SER B 1105 11.43 5.58 67.85
N THR B 1106 11.10 5.81 66.58
CA THR B 1106 12.05 6.32 65.60
C THR B 1106 11.47 7.59 64.95
N LYS B 1107 12.29 8.65 64.91
CA LYS B 1107 11.85 9.92 64.31
C LYS B 1107 12.38 10.06 62.88
N ILE B 1108 11.62 10.69 61.98
CA ILE B 1108 12.10 10.94 60.62
C ILE B 1108 12.49 12.41 60.43
N LYS B 1109 13.77 12.73 60.64
CA LYS B 1109 14.29 14.07 60.38
C LYS B 1109 14.80 14.18 58.95
N GLN B 1110 15.11 13.03 58.37
CA GLN B 1110 15.62 12.97 57.00
C GLN B 1110 15.03 11.78 56.26
N TRP B 1111 14.36 12.03 55.14
CA TRP B 1111 13.88 10.96 54.30
C TRP B 1111 15.04 10.24 53.62
N SER B 1112 14.81 8.98 53.31
CA SER B 1112 15.76 8.20 52.54
C SER B 1112 14.99 7.00 52.01
N ALA B 1113 15.64 6.26 51.12
CA ALA B 1113 14.98 5.23 50.34
C ALA B 1113 14.26 4.19 51.19
N LYS B 1114 14.77 3.92 52.39
CA LYS B 1114 14.17 2.86 53.21
C LYS B 1114 12.73 3.13 53.58
N TYR B 1115 12.32 4.40 53.52
CA TYR B 1115 10.96 4.78 53.82
C TYR B 1115 10.10 4.97 52.57
N MET B 1116 10.61 4.55 51.41
CA MET B 1116 9.90 4.74 50.16
C MET B 1116 9.52 3.41 49.55
N ASN B 1117 8.42 3.38 48.82
CA ASN B 1117 8.06 2.23 48.00
C ASN B 1117 8.75 2.24 46.64
N GLY B 1118 9.03 3.43 46.11
CA GLY B 1118 9.59 3.53 44.78
C GLY B 1118 9.64 4.94 44.23
N THR B 1119 9.72 5.01 42.92
CA THR B 1119 9.92 6.27 42.22
C THR B 1119 9.50 6.13 40.79
N ASN B 1120 9.19 7.25 40.18
CA ASN B 1120 9.03 7.26 38.77
C ASN B 1120 10.42 7.03 38.16
N ILE B 1121 10.45 6.40 37.00
CA ILE B 1121 11.71 6.14 36.31
C ILE B 1121 12.46 7.45 36.10
N LEU B 1122 13.77 7.42 36.35
CA LEU B 1122 14.61 8.61 36.35
C LEU B 1122 15.50 8.75 35.12
N HIS B 1123 15.28 7.90 34.12
CA HIS B 1123 15.99 7.99 32.83
C HIS B 1123 17.48 7.79 32.93
N ARG B 1124 17.93 6.97 33.86
CA ARG B 1124 19.35 6.83 34.09
C ARG B 1124 19.92 5.60 33.46
N GLY B 1125 19.09 4.58 33.33
CA GLY B 1125 19.47 3.36 32.66
C GLY B 1125 19.46 2.18 33.61
N ALA B 1126 19.27 1.00 33.03
CA ALA B 1126 19.34 -0.24 33.79
C ALA B 1126 20.73 -0.52 34.37
N TYR B 1127 21.78 -0.05 33.67
CA TYR B 1127 23.18 -0.36 34.05
C TYR B 1127 24.04 0.87 34.19
N TYR B 1128 23.48 1.92 34.78
CA TYR B 1128 24.20 3.14 35.08
C TYR B 1128 25.12 2.90 36.25
N VAL B 1129 24.71 1.99 37.14
CA VAL B 1129 25.55 1.48 38.22
C VAL B 1129 26.40 0.41 37.57
N LEU B 1130 27.72 0.60 37.57
CA LEU B 1130 28.64 -0.20 36.75
C LEU B 1130 28.90 -1.58 37.29
N LYS B 1131 29.05 -2.49 36.34
CA LYS B 1131 28.98 -3.90 36.54
C LYS B 1131 29.97 -4.59 35.57
N ASP B 1132 30.52 -5.73 35.93
CA ASP B 1132 31.34 -6.49 35.01
C ASP B 1132 30.49 -7.54 34.35
N TRP B 1133 30.44 -7.58 33.02
CA TRP B 1133 29.55 -8.51 32.32
C TRP B 1133 29.91 -9.98 32.56
N ALA B 1134 31.19 -10.26 32.70
CA ALA B 1134 31.66 -11.63 32.81
C ALA B 1134 31.27 -12.35 34.13
N THR B 1135 31.40 -11.65 35.25
CA THR B 1135 31.02 -12.20 36.56
C THR B 1135 29.65 -11.72 37.03
N ASN B 1136 29.17 -10.64 36.41
CA ASN B 1136 27.95 -9.93 36.82
C ASN B 1136 28.01 -9.27 38.19
N GLN B 1137 29.21 -9.09 38.72
CA GLN B 1137 29.37 -8.42 39.99
C GLN B 1137 29.49 -6.92 39.77
N TYR B 1138 28.91 -6.13 40.68
CA TYR B 1138 28.96 -4.68 40.59
C TYR B 1138 30.25 -4.20 41.25
N PHE B 1139 30.88 -3.19 40.66
CA PHE B 1139 32.12 -2.68 41.23
C PHE B 1139 31.77 -1.93 42.48
N ASN B 1140 32.68 -1.99 43.45
CA ASN B 1140 32.48 -1.34 44.74
C ASN B 1140 33.81 -1.07 45.45
N ILE B 1141 33.84 0.03 46.22
CA ILE B 1141 35.06 0.50 46.87
C ILE B 1141 34.83 0.98 48.31
N ALA B 1142 33.72 0.56 48.92
CA ALA B 1142 33.31 1.10 50.19
C ALA B 1142 34.23 0.64 51.30
N LYS B 1143 34.50 -0.66 51.32
CA LYS B 1143 35.32 -1.27 52.36
C LYS B 1143 36.50 -1.95 51.69
N THR B 1144 37.72 -1.64 52.14
CA THR B 1144 38.95 -2.22 51.51
C THR B 1144 39.06 -3.75 51.55
N ASN B 1145 38.30 -4.39 52.45
CA ASN B 1145 38.22 -5.86 52.53
C ASN B 1145 37.33 -6.54 51.47
N GLU B 1146 36.56 -5.76 50.70
CA GLU B 1146 35.63 -6.31 49.71
C GLU B 1146 35.60 -5.42 48.46
N VAL B 1147 36.76 -5.00 48.01
CA VAL B 1147 36.86 -4.15 46.82
C VAL B 1147 36.69 -4.99 45.57
N PHE B 1148 36.01 -4.44 44.57
CA PHE B 1148 35.96 -5.04 43.27
C PHE B 1148 36.08 -3.93 42.24
N LEU B 1149 37.14 -3.97 41.45
CA LEU B 1149 37.37 -3.01 40.39
C LEU B 1149 37.90 -3.71 39.14
N PRO B 1150 37.83 -3.05 37.97
CA PRO B 1150 38.53 -3.60 36.81
C PRO B 1150 40.00 -3.69 37.11
N LEU B 1151 40.67 -4.69 36.57
CA LEU B 1151 42.08 -4.92 36.90
C LEU B 1151 43.01 -3.83 36.36
N GLN B 1152 42.69 -3.18 35.24
CA GLN B 1152 43.45 -2.00 34.75
C GLN B 1152 43.63 -0.96 35.84
N LEU B 1153 42.57 -0.72 36.62
CA LEU B 1153 42.58 0.38 37.55
C LEU B 1153 43.42 0.07 38.78
N GLN B 1154 43.71 -1.22 39.01
CA GLN B 1154 44.58 -1.66 40.09
C GLN B 1154 46.01 -1.96 39.64
N ASN B 1155 46.36 -1.50 38.43
CA ASN B 1155 47.62 -1.80 37.81
C ASN B 1155 47.94 -3.30 37.79
N LYS B 1156 46.94 -4.10 37.43
CA LYS B 1156 47.16 -5.49 37.12
C LYS B 1156 46.84 -5.66 35.65
N ASP B 1157 47.15 -6.83 35.10
CA ASP B 1157 47.03 -7.06 33.67
C ASP B 1157 45.63 -7.55 33.34
N ALA B 1158 44.94 -6.82 32.49
CA ALA B 1158 43.59 -7.21 32.10
C ALA B 1158 43.62 -7.83 30.70
N GLN B 1159 43.33 -9.12 30.63
CA GLN B 1159 43.29 -9.76 29.34
C GLN B 1159 41.88 -9.87 28.90
N THR B 1160 41.63 -9.71 27.61
CA THR B 1160 40.27 -9.70 27.14
C THR B 1160 40.16 -10.35 25.79
N GLY B 1161 39.14 -11.18 25.63
CA GLY B 1161 38.88 -11.82 24.35
C GLY B 1161 38.47 -13.25 24.53
N PHE B 1162 38.28 -13.93 23.40
CA PHE B 1162 37.91 -15.32 23.39
C PHE B 1162 39.18 -16.14 23.21
N ILE B 1163 39.30 -17.24 23.93
CA ILE B 1163 40.44 -18.11 23.77
C ILE B 1163 39.98 -19.56 23.85
N SER B 1164 40.38 -20.36 22.86
CA SER B 1164 40.10 -21.77 22.85
C SER B 1164 41.15 -22.56 23.63
N ASP B 1165 40.71 -23.66 24.22
CA ASP B 1165 41.64 -24.66 24.77
C ASP B 1165 41.10 -26.06 24.45
N ALA B 1166 41.78 -27.09 24.93
CA ALA B 1166 41.35 -28.44 24.60
C ALA B 1166 39.93 -28.73 25.02
N SER B 1167 39.49 -28.15 26.12
CA SER B 1167 38.14 -28.39 26.64
C SER B 1167 37.06 -27.56 25.93
N GLY B 1168 37.37 -26.33 25.54
CA GLY B 1168 36.37 -25.47 24.89
C GLY B 1168 36.80 -24.02 24.77
N VAL B 1169 35.85 -23.11 24.57
CA VAL B 1169 36.17 -21.70 24.42
C VAL B 1169 35.85 -20.93 25.71
N LYS B 1170 36.72 -19.98 26.07
CA LYS B 1170 36.55 -19.16 27.26
C LYS B 1170 36.56 -17.72 26.83
N TYR B 1171 36.09 -16.82 27.71
CA TYR B 1171 36.07 -15.38 27.35
C TYR B 1171 36.45 -14.53 28.53
N TYR B 1172 37.20 -13.48 28.25
CA TYR B 1172 37.59 -12.53 29.28
C TYR B 1172 37.06 -11.13 28.94
N SER B 1173 36.42 -10.48 29.91
CA SER B 1173 35.83 -9.16 29.69
C SER B 1173 36.91 -8.08 29.65
N ILE B 1174 36.54 -6.87 29.26
CA ILE B 1174 37.49 -5.75 29.23
C ILE B 1174 38.16 -5.51 30.58
N SER B 1175 37.53 -5.92 31.66
CA SER B 1175 38.08 -5.69 32.98
C SER B 1175 38.99 -6.84 33.41
N GLY B 1176 39.15 -7.84 32.55
CA GLY B 1176 40.09 -8.93 32.79
C GLY B 1176 39.57 -10.14 33.54
N TYR B 1177 38.26 -10.30 33.61
CA TYR B 1177 37.66 -11.41 34.36
C TYR B 1177 37.03 -12.45 33.46
N GLN B 1178 37.06 -13.70 33.90
CA GLN B 1178 36.57 -14.79 33.10
C GLN B 1178 35.07 -14.85 33.19
N ALA B 1179 34.42 -15.03 32.05
CA ALA B 1179 32.98 -15.19 31.95
C ALA B 1179 32.57 -16.55 32.47
N LYS B 1180 31.75 -16.56 33.51
CA LYS B 1180 31.11 -17.78 34.01
C LYS B 1180 29.66 -17.49 34.31
N ASP B 1181 28.78 -18.38 33.84
CA ASP B 1181 27.37 -18.35 34.16
C ASP B 1181 26.84 -16.98 33.76
N THR B 1182 26.99 -16.67 32.48
CA THR B 1182 26.61 -15.38 31.95
C THR B 1182 26.57 -15.40 30.42
N PHE B 1183 25.79 -14.51 29.84
CA PHE B 1183 25.67 -14.42 28.41
C PHE B 1183 26.61 -13.34 27.98
N ILE B 1184 27.21 -13.50 26.82
CA ILE B 1184 28.16 -12.53 26.30
C ILE B 1184 27.92 -12.33 24.81
N GLU B 1185 28.03 -11.07 24.38
CA GLU B 1185 27.83 -10.69 23.00
C GLU B 1185 29.15 -10.29 22.43
N ASP B 1186 29.49 -10.79 21.25
CA ASP B 1186 30.77 -10.43 20.63
C ASP B 1186 30.61 -9.14 19.83
N GLY B 1187 31.68 -8.72 19.19
CA GLY B 1187 31.69 -7.45 18.48
C GLY B 1187 30.93 -7.46 17.17
N ASN B 1188 30.62 -8.63 16.64
CA ASN B 1188 29.77 -8.74 15.45
C ASN B 1188 28.28 -8.92 15.76
N GLY B 1189 27.91 -8.86 17.03
CA GLY B 1189 26.52 -8.97 17.38
C GLY B 1189 26.01 -10.36 17.74
N ASN B 1190 26.87 -11.38 17.68
CA ASN B 1190 26.46 -12.72 18.06
C ASN B 1190 26.50 -12.91 19.56
N TRP B 1191 25.60 -13.77 20.06
CA TRP B 1191 25.45 -14.02 21.48
C TRP B 1191 25.87 -15.43 21.87
N TYR B 1192 26.48 -15.56 23.05
CA TYR B 1192 27.01 -16.84 23.58
C TYR B 1192 26.60 -17.02 25.04
N TYR B 1193 26.53 -18.26 25.50
CA TYR B 1193 26.35 -18.50 26.94
C TYR B 1193 27.54 -19.26 27.50
N PHE B 1194 28.11 -18.76 28.58
CA PHE B 1194 29.22 -19.44 29.26
C PHE B 1194 28.73 -20.11 30.53
N ASP B 1195 28.99 -21.41 30.64
CA ASP B 1195 28.42 -22.22 31.74
C ASP B 1195 29.13 -21.96 33.04
N LYS B 1196 28.71 -22.64 34.09
CA LYS B 1196 29.24 -22.35 35.41
C LYS B 1196 30.74 -22.65 35.44
N ASP B 1197 31.18 -23.63 34.65
CA ASP B 1197 32.61 -23.98 34.55
C ASP B 1197 33.45 -23.00 33.74
N GLY B 1198 32.82 -22.10 33.01
CA GLY B 1198 33.53 -21.04 32.30
C GLY B 1198 33.71 -21.27 30.83
N TYR B 1199 32.97 -22.24 30.29
CA TYR B 1199 33.12 -22.65 28.91
C TYR B 1199 31.88 -22.36 28.10
N MET B 1200 32.08 -21.87 26.89
CA MET B 1200 31.01 -21.59 25.94
C MET B 1200 30.19 -22.85 25.71
N VAL B 1201 28.88 -22.75 25.71
CA VAL B 1201 28.02 -23.89 25.42
C VAL B 1201 27.91 -24.03 23.92
N ARG B 1202 28.11 -25.25 23.41
CA ARG B 1202 28.09 -25.49 21.97
C ARG B 1202 27.51 -26.86 21.65
N SER B 1203 26.81 -26.96 20.53
CA SER B 1203 26.21 -28.22 20.17
C SER B 1203 27.24 -29.17 19.57
N GLN B 1204 27.10 -30.45 19.91
CA GLN B 1204 27.94 -31.54 19.40
C GLN B 1204 27.17 -32.26 18.30
N GLN B 1205 27.87 -33.07 17.50
CA GLN B 1205 27.23 -33.91 16.46
C GLN B 1205 26.32 -34.94 17.13
N GLY B 1206 25.13 -35.12 16.56
CA GLY B 1206 24.17 -36.12 17.04
C GLY B 1206 23.51 -35.83 18.36
N GLU B 1207 23.76 -34.65 18.93
CA GLU B 1207 23.20 -34.25 20.22
C GLU B 1207 22.21 -33.10 20.09
N ASN B 1208 21.31 -32.98 21.06
CA ASN B 1208 20.29 -31.94 21.06
C ASN B 1208 20.94 -30.58 21.28
N PRO B 1209 20.80 -29.68 20.30
CA PRO B 1209 21.35 -28.35 20.47
C PRO B 1209 20.60 -27.49 21.48
N ILE B 1210 19.39 -27.89 21.86
CA ILE B 1210 18.60 -27.10 22.78
C ILE B 1210 19.09 -27.32 24.20
N ARG B 1211 19.41 -26.25 24.91
CA ARG B 1211 19.86 -26.37 26.28
C ARG B 1211 19.09 -25.44 27.19
N THR B 1212 18.83 -25.94 28.38
CA THR B 1212 18.13 -25.20 29.42
C THR B 1212 19.15 -24.42 30.23
N VAL B 1213 18.92 -23.12 30.39
CA VAL B 1213 19.86 -22.25 31.07
C VAL B 1213 19.22 -21.66 32.32
N GLU B 1214 19.90 -21.82 33.45
CA GLU B 1214 19.53 -21.18 34.72
C GLU B 1214 20.71 -20.34 35.14
N THR B 1215 20.58 -19.02 35.05
CA THR B 1215 21.68 -18.09 35.31
C THR B 1215 21.41 -17.28 36.57
N SER B 1216 22.50 -16.75 37.13
CA SER B 1216 22.41 -15.71 38.16
C SER B 1216 21.39 -14.62 37.78
N VAL B 1217 21.44 -14.16 36.53
CA VAL B 1217 20.43 -13.24 35.98
C VAL B 1217 19.18 -14.03 35.59
N ASN B 1218 18.20 -14.07 36.50
CA ASN B 1218 17.01 -14.92 36.38
C ASN B 1218 16.16 -14.64 35.18
N THR B 1219 16.12 -13.39 34.75
CA THR B 1219 15.23 -13.00 33.68
C THR B 1219 15.63 -13.69 32.39
N ARG B 1220 16.90 -14.05 32.26
CA ARG B 1220 17.38 -14.76 31.06
C ARG B 1220 17.19 -16.28 31.10
N ASN B 1221 16.69 -16.83 32.21
CA ASN B 1221 16.44 -18.27 32.28
C ASN B 1221 15.50 -18.68 31.18
N GLY B 1222 15.72 -19.88 30.64
CA GLY B 1222 14.93 -20.33 29.52
C GLY B 1222 15.66 -21.38 28.70
N ASN B 1223 15.06 -21.75 27.57
CA ASN B 1223 15.64 -22.73 26.68
C ASN B 1223 16.22 -22.09 25.45
N TYR B 1224 17.48 -22.36 25.23
CA TYR B 1224 18.19 -21.73 24.13
C TYR B 1224 18.70 -22.76 23.15
N TYR B 1225 19.06 -22.30 21.96
CA TYR B 1225 19.53 -23.17 20.88
C TYR B 1225 20.91 -22.69 20.46
N PHE B 1226 21.95 -23.37 20.94
CA PHE B 1226 23.31 -22.99 20.64
C PHE B 1226 23.88 -23.87 19.55
N MET B 1227 24.47 -23.25 18.56
CA MET B 1227 24.98 -23.95 17.39
C MET B 1227 26.38 -24.52 17.67
N PRO B 1228 26.99 -25.22 16.70
CA PRO B 1228 28.29 -25.82 16.99
C PRO B 1228 29.37 -24.82 17.36
N ASN B 1229 29.30 -23.62 16.79
CA ASN B 1229 30.25 -22.55 17.11
C ASN B 1229 29.79 -21.64 18.25
N GLY B 1230 28.73 -22.06 18.93
CA GLY B 1230 28.29 -21.43 20.18
C GLY B 1230 27.33 -20.27 20.05
N VAL B 1231 27.03 -19.90 18.80
CA VAL B 1231 26.14 -18.81 18.47
C VAL B 1231 24.73 -19.20 18.86
N GLU B 1232 24.06 -18.29 19.55
CA GLU B 1232 22.71 -18.51 20.02
C GLU B 1232 21.81 -18.12 18.84
N LEU B 1233 20.86 -18.99 18.50
CA LEU B 1233 19.88 -18.74 17.45
C LEU B 1233 18.82 -17.82 18.00
N ARG B 1234 18.48 -16.80 17.19
CA ARG B 1234 17.59 -15.70 17.60
C ARG B 1234 16.62 -15.36 16.48
N LYS B 1235 15.33 -15.29 16.82
CA LYS B 1235 14.31 -14.86 15.90
C LYS B 1235 14.24 -15.82 14.73
N GLY B 1236 14.14 -17.10 15.05
CA GLY B 1236 14.13 -18.13 14.01
C GLY B 1236 13.86 -19.53 14.50
N PHE B 1237 13.68 -20.43 13.56
CA PHE B 1237 13.34 -21.81 13.89
C PHE B 1237 14.57 -22.70 14.02
N GLY B 1238 14.53 -23.63 14.95
CA GLY B 1238 15.64 -24.57 15.14
C GLY B 1238 15.20 -26.02 15.30
N THR B 1239 15.78 -26.92 14.53
CA THR B 1239 15.45 -28.33 14.59
C THR B 1239 16.29 -29.01 15.66
N ASP B 1240 15.68 -29.87 16.46
CA ASP B 1240 16.40 -30.72 17.41
C ASP B 1240 16.90 -31.98 16.68
N ASN B 1241 17.61 -32.84 17.39
CA ASN B 1241 18.18 -34.08 16.82
C ASN B 1241 17.13 -35.08 16.27
N SER B 1242 15.91 -35.02 16.80
CA SER B 1242 14.81 -35.93 16.42
C SER B 1242 13.88 -35.41 15.33
N GLY B 1243 14.19 -34.25 14.74
CA GLY B 1243 13.38 -33.69 13.66
C GLY B 1243 12.33 -32.66 14.06
N ASN B 1244 12.06 -32.48 15.35
CA ASN B 1244 11.07 -31.50 15.81
C ASN B 1244 11.52 -30.07 15.68
N VAL B 1245 10.63 -29.17 15.27
CA VAL B 1245 11.03 -27.78 15.10
C VAL B 1245 10.55 -26.94 16.27
N TYR B 1246 11.38 -26.02 16.74
CA TYR B 1246 11.01 -25.04 17.76
C TYR B 1246 11.26 -23.63 17.23
N TYR B 1247 10.72 -22.60 17.89
CA TYR B 1247 11.04 -21.21 17.53
C TYR B 1247 11.71 -20.51 18.72
N PHE B 1248 12.61 -19.60 18.41
CA PHE B 1248 13.40 -18.89 19.40
C PHE B 1248 13.33 -17.39 19.13
N ASP B 1249 13.03 -16.62 20.17
CA ASP B 1249 12.60 -15.23 20.00
C ASP B 1249 13.75 -14.24 19.85
N ASP B 1250 13.42 -12.95 19.84
CA ASP B 1250 14.38 -11.84 19.71
C ASP B 1250 15.61 -12.04 20.55
N GLN B 1251 15.42 -12.52 21.77
CA GLN B 1251 16.52 -12.69 22.73
C GLN B 1251 17.01 -14.14 22.89
N GLY B 1252 16.58 -15.03 22.01
CA GLY B 1252 17.06 -16.41 22.00
C GLY B 1252 16.23 -17.44 22.74
N LYS B 1253 15.25 -17.00 23.53
CA LYS B 1253 14.42 -17.91 24.31
C LYS B 1253 13.41 -18.70 23.47
N MET B 1254 13.16 -19.93 23.88
CA MET B 1254 12.21 -20.79 23.20
C MET B 1254 10.84 -20.26 23.51
N VAL B 1255 9.96 -20.34 22.53
CA VAL B 1255 8.58 -19.88 22.67
C VAL B 1255 7.67 -21.10 22.75
N ARG B 1256 6.71 -21.04 23.67
CA ARG B 1256 5.78 -22.15 23.94
C ARG B 1256 4.32 -21.70 23.99
N ASP B 1257 3.44 -22.56 23.51
CA ASP B 1257 2.00 -22.42 23.71
C ASP B 1257 1.47 -21.09 23.17
N LYS B 1258 1.68 -20.85 21.88
CA LYS B 1258 1.08 -19.69 21.24
C LYS B 1258 1.22 -19.69 19.71
N TYR B 1259 0.41 -18.88 19.06
CA TYR B 1259 0.56 -18.66 17.64
C TYR B 1259 1.60 -17.58 17.43
N ILE B 1260 2.30 -17.69 16.32
CA ILE B 1260 3.39 -16.80 15.99
C ILE B 1260 3.21 -16.37 14.52
N ASN B 1261 3.38 -15.07 14.26
CA ASN B 1261 3.25 -14.53 12.91
C ASN B 1261 4.58 -14.08 12.33
N ASP B 1262 4.57 -13.93 11.02
CA ASP B 1262 5.75 -13.77 10.20
C ASP B 1262 5.57 -12.47 9.39
N ASP B 1263 6.67 -11.80 9.01
CA ASP B 1263 6.62 -10.61 8.13
C ASP B 1263 5.89 -10.85 6.77
N ALA B 1264 5.96 -12.08 6.25
CA ALA B 1264 5.26 -12.46 5.02
C ALA B 1264 3.82 -12.98 5.25
N ASN B 1265 3.33 -12.89 6.49
CA ASN B 1265 1.96 -13.30 6.84
C ASN B 1265 1.76 -14.82 6.97
N ASN B 1266 2.85 -15.53 7.22
CA ASN B 1266 2.79 -16.94 7.57
C ASN B 1266 2.49 -17.11 9.05
N PHE B 1267 1.62 -18.06 9.37
CA PHE B 1267 1.27 -18.33 10.75
C PHE B 1267 1.78 -19.72 11.15
N TYR B 1268 2.32 -19.81 12.37
CA TYR B 1268 2.77 -21.08 12.97
C TYR B 1268 2.24 -21.19 14.40
N HIS B 1269 2.01 -22.42 14.85
CA HIS B 1269 1.58 -22.68 16.23
C HIS B 1269 2.63 -23.47 16.96
N LEU B 1270 2.89 -23.07 18.19
CA LEU B 1270 3.83 -23.77 19.05
C LEU B 1270 3.08 -24.38 20.21
N ASN B 1271 3.24 -25.69 20.34
CA ASN B 1271 2.60 -26.47 21.41
C ASN B 1271 3.15 -26.09 22.76
N VAL B 1272 2.62 -26.73 23.81
CA VAL B 1272 3.01 -26.41 25.19
C VAL B 1272 4.43 -26.91 25.43
N ASP B 1273 4.74 -28.11 24.95
CA ASP B 1273 6.10 -28.64 25.02
C ASP B 1273 7.11 -27.91 24.12
N GLY B 1274 6.67 -26.90 23.36
CA GLY B 1274 7.55 -26.11 22.50
C GLY B 1274 7.49 -26.45 21.02
N THR B 1275 7.09 -27.68 20.68
CA THR B 1275 7.12 -28.14 19.29
C THR B 1275 6.16 -27.33 18.42
N MET B 1276 6.43 -27.31 17.12
CA MET B 1276 5.63 -26.56 16.16
C MET B 1276 4.69 -27.50 15.43
N SER B 1277 3.40 -27.36 15.68
CA SER B 1277 2.36 -28.08 14.93
C SER B 1277 2.26 -27.50 13.50
N ARG B 1278 2.31 -26.17 13.41
CA ARG B 1278 2.09 -25.43 12.14
C ARG B 1278 0.82 -25.90 11.43
C1 GLC C . 0.85 -31.86 -26.52
C2 GLC C . 1.74 -32.93 -25.89
C3 GLC C . 2.03 -32.57 -24.44
C4 GLC C . 2.68 -31.18 -24.41
C5 GLC C . 1.82 -30.16 -25.15
C6 GLC C . 2.54 -28.81 -25.25
O1 GLC C . -0.36 -31.76 -25.82
O2 GLC C . 1.11 -34.19 -25.99
O3 GLC C . 2.85 -33.55 -23.84
O4 GLC C . 2.87 -30.75 -23.07
O5 GLC C . 1.51 -30.60 -26.47
O6 GLC C . 3.88 -29.03 -25.67
C1 GLC C . 4.60 -27.80 -25.75
C2 GLC C . 5.92 -28.06 -26.46
C3 GLC C . 6.75 -29.08 -25.67
C4 GLC C . 6.82 -28.72 -24.18
C5 GLC C . 5.49 -28.21 -23.62
C6 GLC C . 5.65 -27.61 -22.23
O2 GLC C . 5.67 -28.54 -27.77
O3 GLC C . 8.06 -29.13 -26.21
O4 GLC C . 7.20 -29.86 -23.44
O5 GLC C . 4.91 -27.24 -24.49
O6 GLC C . 6.34 -26.39 -22.35
C1 GLC C . 8.59 -30.47 -26.25
C2 GLC C . 10.10 -30.41 -26.08
C3 GLC C . 10.71 -29.76 -27.31
C4 GLC C . 10.29 -30.51 -28.57
C5 GLC C . 8.76 -30.57 -28.64
C6 GLC C . 8.26 -31.36 -29.85
O2 GLC C . 10.38 -29.68 -24.92
O3 GLC C . 12.12 -29.74 -27.19
O4 GLC C . 10.79 -29.87 -29.71
O5 GLC C . 8.26 -31.16 -27.45
O6 GLC C . 8.27 -32.74 -29.56
C1 GLC C . 7.80 -33.55 -30.66
C2 GLC C . 7.71 -35.02 -30.22
C3 GLC C . 9.08 -35.66 -30.03
C4 GLC C . 10.01 -35.30 -31.18
C5 GLC C . 9.98 -33.82 -31.52
C6 GLC C . 10.83 -33.52 -32.75
O2 GLC C . 6.93 -35.18 -29.04
O3 GLC C . 8.89 -37.06 -29.95
O4 GLC C . 11.35 -35.63 -30.88
O5 GLC C . 8.65 -33.45 -31.78
O6 GLC C . 10.95 -32.13 -32.94
C1 GLC C . 9.79 -37.71 -29.04
C2 GLC C . 9.33 -39.17 -28.92
C3 GLC C . 8.01 -39.25 -28.17
C4 GLC C . 8.18 -38.60 -26.81
C5 GLC C . 8.64 -37.15 -26.99
C6 GLC C . 8.83 -36.50 -25.62
O2 GLC C . 9.18 -39.73 -30.20
O3 GLC C . 7.65 -40.60 -28.03
O4 GLC C . 6.95 -38.61 -26.09
O5 GLC C . 9.85 -37.10 -27.75
O6 GLC C . 9.44 -37.43 -24.78
C1 GLC C . 9.64 -36.90 -23.45
C2 GLC C . 10.93 -37.51 -22.94
C3 GLC C . 10.82 -39.03 -22.82
C4 GLC C . 9.60 -39.35 -21.95
C5 GLC C . 8.36 -38.63 -22.48
C6 GLC C . 7.13 -38.87 -21.62
O2 GLC C . 12.00 -37.13 -23.77
O3 GLC C . 12.01 -39.58 -22.28
O4 GLC C . 9.37 -40.74 -21.92
O5 GLC C . 8.59 -37.23 -22.56
O6 GLC C . 5.99 -38.57 -22.37
C1 GLC D . 6.29 3.93 0.98
C2 GLC D . 6.74 3.79 2.44
C3 GLC D . 5.59 3.98 3.40
C4 GLC D . 4.94 5.30 3.10
C5 GLC D . 4.27 5.18 1.75
C6 GLC D . 3.62 6.51 1.40
O1 GLC D . 5.89 2.65 0.51
O2 GLC D . 7.31 2.52 2.70
O3 GLC D . 6.08 3.98 4.72
O4 GLC D . 3.95 5.54 4.08
O5 GLC D . 5.23 4.85 0.73
O6 GLC D . 4.60 7.52 1.51
C1 GLC D . 4.29 8.66 0.66
C2 GLC D . 5.54 9.39 0.13
C3 GLC D . 6.19 10.26 1.20
C4 GLC D . 5.15 11.26 1.69
C5 GLC D . 3.91 10.55 2.19
C6 GLC D . 2.83 11.59 2.48
O2 GLC D . 6.47 8.51 -0.47
O3 GLC D . 7.28 11.02 0.71
O4 GLC D . 5.68 12.03 2.74
O5 GLC D . 3.40 9.56 1.31
O6 GLC D . 3.15 12.86 1.95
C1 GLC D . 8.56 10.53 1.17
C2 GLC D . 9.39 11.65 1.81
C3 GLC D . 9.82 12.68 0.77
C4 GLC D . 10.64 11.93 -0.27
C5 GLC D . 9.74 10.87 -0.90
C6 GLC D . 10.49 10.12 -2.00
O2 GLC D . 8.73 12.30 2.90
O3 GLC D . 10.54 13.74 1.36
O4 GLC D . 11.12 12.80 -1.29
O5 GLC D . 9.28 9.95 0.08
O6 GLC D . 9.76 8.96 -2.29
C1 GLC E . -21.67 2.67 31.17
C2 GLC E . -22.43 3.86 31.69
C3 GLC E . -23.76 3.89 30.95
C4 GLC E . -23.58 3.67 29.44
C5 GLC E . -22.57 2.56 29.08
C6 GLC E . -22.31 2.66 27.57
O1 GLC E . -21.86 1.43 31.75
O2 GLC E . -22.68 3.73 33.07
O3 GLC E . -24.35 5.16 31.13
O4 GLC E . -24.84 3.46 28.79
O5 GLC E . -21.35 2.72 29.81
O6 GLC E . -21.30 1.77 27.13
C1 GLC E . -25.76 5.07 31.47
C2 GLC E . -26.45 6.32 30.95
C3 GLC E . -26.05 7.57 31.74
C4 GLC E . -26.17 7.31 33.23
C5 GLC E . -25.41 6.04 33.60
C6 GLC E . -25.47 5.72 35.08
O2 GLC E . -26.13 6.49 29.58
O3 GLC E . -26.85 8.67 31.39
O4 GLC E . -25.62 8.39 33.93
O5 GLC E . -25.94 4.95 32.86
O6 GLC E . -26.73 5.14 35.36
C1 GLC E . -26.89 4.89 36.77
C2 GLC E . -28.22 4.16 37.01
C3 GLC E . -29.44 5.04 36.84
C4 GLC E . -29.24 6.39 37.55
C5 GLC E . -27.90 6.99 37.14
C6 GLC E . -27.65 8.38 37.71
O2 GLC E . -28.35 3.05 36.12
O3 GLC E . -30.55 4.34 37.37
O4 GLC E . -30.27 7.27 37.19
O5 GLC E . -26.86 6.11 37.50
O6 GLC E . -26.93 8.35 38.90
C1 GLC E . -31.74 4.47 36.58
C2 GLC E . -32.88 3.73 37.28
C3 GLC E . -32.75 2.22 37.11
C4 GLC E . -32.68 1.93 35.61
C5 GLC E . -31.43 2.62 35.06
C6 GLC E . -31.20 2.29 33.58
O2 GLC E . -32.90 4.03 38.65
O3 GLC E . -33.86 1.56 37.66
O4 GLC E . -32.67 0.53 35.38
O5 GLC E . -31.56 4.02 35.23
O6 GLC E . -32.46 2.10 32.95
CA CA F . -7.87 -12.18 -45.16
CA CA G . 1.67 5.70 47.19
#